data_1ZZH
#
_entry.id   1ZZH
#
_cell.length_a   64.630
_cell.length_b   132.470
_cell.length_c   163.940
_cell.angle_alpha   90.00
_cell.angle_beta   90.00
_cell.angle_gamma   90.00
#
_symmetry.space_group_name_H-M   'P 21 21 21'
#
loop_
_entity.id
_entity.type
_entity.pdbx_description
1 polymer 'cytochrome c peroxidase'
2 non-polymer 'CALCIUM ION'
3 non-polymer 'ZINC ION'
4 non-polymer 'HEME C'
5 water water
#
_entity_poly.entity_id   1
_entity_poly.type   'polypeptide(L)'
_entity_poly.pdbx_seq_one_letter_code
;EDAALREEAKGLFEVIPMQAPQLADNNTVTRDKIDLGAMLFFDPRMSKSGVFSCQSCHNVGLGGVDGLETSIGHGWQKGP
RNAPTALNAVFNVAQFWDGRAPDLAAQAKGPVQAGVEMNNTPENLVATVQSMPGYVEAFAKAFPGQKDPISFDNFALAVE
AFEATLITPNSKFDQWLMGADGAMSADEKAGLKLFIDTGCAACHNGINIGGNGYYPFGVVEKPGAEVLPAGDKGRFAVTA
TADDEYVFRAGPLRNIALTAPYFHSGKVWDLREAVSVMANSQLGATLDDTQVDQITAFLGTLTGEQPEVVHPILPVRSAQ
TPRPEHMN
;
_entity_poly.pdbx_strand_id   A,B,C,D
#
loop_
_chem_comp.id
_chem_comp.type
_chem_comp.name
_chem_comp.formula
CA non-polymer 'CALCIUM ION' 'Ca 2'
HEC non-polymer 'HEME C' 'C34 H34 Fe N4 O4'
ZN non-polymer 'ZINC ION' 'Zn 2'
#
# COMPACT_ATOMS: atom_id res chain seq x y z
N ALA A 4 29.26 1.92 48.09
CA ALA A 4 28.32 2.98 48.60
C ALA A 4 27.33 3.32 47.51
N LEU A 5 27.85 3.68 46.34
CA LEU A 5 26.99 4.00 45.21
C LEU A 5 26.32 2.69 44.82
N ARG A 6 27.05 1.59 44.98
CA ARG A 6 26.53 0.28 44.67
C ARG A 6 25.38 -0.05 45.61
N GLU A 7 25.54 0.32 46.87
CA GLU A 7 24.51 0.08 47.87
C GLU A 7 23.25 0.79 47.40
N GLU A 8 23.41 2.05 46.97
CA GLU A 8 22.29 2.85 46.48
C GLU A 8 21.68 2.25 45.22
N ALA A 9 22.52 1.88 44.26
CA ALA A 9 22.08 1.29 43.01
C ALA A 9 21.36 -0.02 43.27
N LYS A 10 21.89 -0.79 44.21
CA LYS A 10 21.29 -2.08 44.56
C LYS A 10 19.89 -1.93 45.08
N GLY A 11 19.56 -0.73 45.53
CA GLY A 11 18.23 -0.44 46.08
C GLY A 11 17.25 -0.05 44.98
N LEU A 12 17.78 0.21 43.78
CA LEU A 12 16.94 0.61 42.67
C LEU A 12 16.88 -0.36 41.52
N PHE A 13 17.88 -1.22 41.38
CA PHE A 13 17.89 -2.16 40.28
C PHE A 13 18.29 -3.57 40.66
N GLU A 14 18.10 -4.46 39.70
CA GLU A 14 18.45 -5.86 39.87
C GLU A 14 19.22 -6.24 38.63
N VAL A 15 20.04 -7.26 38.76
CA VAL A 15 20.84 -7.76 37.65
C VAL A 15 20.00 -8.80 36.90
N ILE A 16 20.34 -9.07 35.64
CA ILE A 16 19.62 -10.07 34.87
C ILE A 16 20.21 -11.42 35.25
N PRO A 17 19.37 -12.38 35.68
CA PRO A 17 19.84 -13.71 36.08
C PRO A 17 20.40 -14.53 34.92
N MET A 18 21.17 -15.56 35.26
CA MET A 18 21.75 -16.44 34.27
C MET A 18 20.65 -17.03 33.40
N GLN A 19 19.55 -17.38 34.05
CA GLN A 19 18.40 -17.93 33.35
C GLN A 19 17.14 -17.49 34.06
N ALA A 20 16.16 -17.03 33.29
CA ALA A 20 14.89 -16.59 33.83
C ALA A 20 14.25 -17.73 34.62
N PRO A 21 13.55 -17.39 35.73
CA PRO A 21 12.87 -18.36 36.59
C PRO A 21 11.75 -19.13 35.88
N VAL A 29 9.71 -31.92 29.15
CA VAL A 29 9.01 -30.76 28.62
C VAL A 29 9.98 -29.59 28.44
N THR A 30 10.19 -28.83 29.53
CA THR A 30 11.10 -27.68 29.50
C THR A 30 12.30 -28.08 28.65
N ARG A 31 12.28 -27.61 27.41
CA ARG A 31 13.29 -27.88 26.39
C ARG A 31 12.44 -27.97 25.15
N ASP A 32 11.58 -28.99 25.13
CA ASP A 32 10.68 -29.16 24.03
C ASP A 32 9.65 -28.03 24.12
N LYS A 33 9.48 -27.47 25.31
CA LYS A 33 8.56 -26.36 25.52
C LYS A 33 9.23 -25.14 24.90
N ILE A 34 10.55 -25.03 25.10
CA ILE A 34 11.33 -23.93 24.55
C ILE A 34 11.49 -24.12 23.04
N ASP A 35 11.76 -25.35 22.61
CA ASP A 35 11.91 -25.62 21.19
C ASP A 35 10.64 -25.28 20.40
N LEU A 36 9.49 -25.63 20.96
CA LEU A 36 8.23 -25.33 20.29
C LEU A 36 8.09 -23.82 20.18
N GLY A 37 8.41 -23.13 21.28
CA GLY A 37 8.32 -21.68 21.30
C GLY A 37 9.21 -21.05 20.24
N ALA A 38 10.43 -21.56 20.12
CA ALA A 38 11.38 -21.05 19.16
C ALA A 38 10.77 -21.09 17.77
N MET A 39 10.18 -22.24 17.42
CA MET A 39 9.56 -22.40 16.12
C MET A 39 8.47 -21.37 15.93
N LEU A 40 7.52 -21.34 16.84
CA LEU A 40 6.42 -20.38 16.74
C LEU A 40 6.96 -18.97 16.62
N PHE A 41 7.95 -18.65 17.45
CA PHE A 41 8.55 -17.33 17.45
C PHE A 41 9.16 -16.99 16.08
N PHE A 42 9.77 -17.97 15.44
CA PHE A 42 10.39 -17.74 14.15
C PHE A 42 9.50 -18.08 12.96
N ASP A 43 8.27 -18.51 13.20
CA ASP A 43 7.39 -18.88 12.07
C ASP A 43 6.55 -17.70 11.56
N PRO A 44 6.81 -17.27 10.31
CA PRO A 44 6.12 -16.15 9.66
C PRO A 44 4.71 -16.53 9.25
N ARG A 45 4.44 -17.83 9.27
CA ARG A 45 3.13 -18.30 8.89
C ARG A 45 2.14 -18.08 10.02
N MET A 46 2.64 -17.60 11.16
CA MET A 46 1.78 -17.31 12.30
C MET A 46 1.12 -15.95 12.10
N SER A 47 1.60 -15.21 11.11
CA SER A 47 1.04 -13.90 10.79
C SER A 47 0.06 -14.12 9.63
N LYS A 48 -1.02 -13.34 9.61
CA LYS A 48 -2.05 -13.45 8.58
C LYS A 48 -1.48 -13.43 7.15
N SER A 49 -0.53 -12.52 6.92
CA SER A 49 0.10 -12.35 5.63
C SER A 49 1.16 -13.41 5.36
N GLY A 50 1.64 -14.03 6.42
CA GLY A 50 2.65 -15.07 6.28
C GLY A 50 4.03 -14.53 6.03
N VAL A 51 4.22 -13.24 6.31
CA VAL A 51 5.52 -12.62 6.10
C VAL A 51 6.21 -12.26 7.42
N PHE A 52 5.42 -12.02 8.46
CA PHE A 52 5.99 -11.66 9.75
C PHE A 52 5.94 -12.75 10.80
N SER A 53 7.07 -12.95 11.47
CA SER A 53 7.20 -13.91 12.56
C SER A 53 7.60 -12.99 13.68
N CYS A 54 7.54 -13.43 14.93
CA CYS A 54 7.92 -12.54 16.03
C CYS A 54 9.30 -12.00 15.75
N GLN A 55 10.18 -12.93 15.38
CA GLN A 55 11.58 -12.66 15.07
C GLN A 55 11.74 -11.47 14.11
N SER A 56 10.84 -11.38 13.14
CA SER A 56 10.90 -10.30 12.17
C SER A 56 11.02 -8.93 12.84
N CYS A 57 10.14 -8.66 13.80
CA CYS A 57 10.13 -7.39 14.47
C CYS A 57 10.87 -7.39 15.78
N HIS A 58 11.11 -8.57 16.33
CA HIS A 58 11.85 -8.69 17.57
C HIS A 58 13.08 -9.52 17.21
N ASN A 59 13.81 -9.03 16.22
CA ASN A 59 14.98 -9.70 15.70
C ASN A 59 16.04 -10.01 16.76
N VAL A 60 16.29 -11.30 16.97
CA VAL A 60 17.26 -11.73 17.96
C VAL A 60 18.67 -11.32 17.55
N GLY A 61 18.82 -10.83 16.33
CA GLY A 61 20.13 -10.41 15.89
C GLY A 61 20.27 -8.90 16.00
N LEU A 62 19.15 -8.22 16.26
CA LEU A 62 19.12 -6.75 16.40
C LEU A 62 18.61 -6.34 17.78
N GLY A 63 19.21 -6.83 18.85
CA GLY A 63 18.74 -6.46 20.16
C GLY A 63 17.26 -6.70 20.36
N GLY A 64 16.72 -7.70 19.66
CA GLY A 64 15.31 -8.05 19.79
C GLY A 64 14.30 -7.02 19.33
N VAL A 65 14.73 -6.14 18.42
CA VAL A 65 13.87 -5.10 17.88
C VAL A 65 13.89 -5.26 16.35
N ASP A 66 13.25 -4.35 15.61
CA ASP A 66 13.23 -4.42 14.15
C ASP A 66 14.02 -3.29 13.49
N GLY A 67 14.53 -2.36 14.30
CA GLY A 67 15.31 -1.25 13.76
C GLY A 67 14.55 -0.22 12.95
N LEU A 68 13.24 -0.22 13.07
CA LEU A 68 12.39 0.72 12.33
C LEU A 68 11.78 1.74 13.28
N GLU A 69 11.36 2.88 12.73
CA GLU A 69 10.75 3.92 13.56
C GLU A 69 9.52 3.32 14.25
N THR A 70 8.67 2.66 13.47
CA THR A 70 7.47 2.05 14.03
C THR A 70 7.07 0.87 13.18
N SER A 71 6.14 0.08 13.71
CA SER A 71 5.60 -1.08 13.01
C SER A 71 4.30 -1.42 13.71
N ILE A 72 3.57 -2.40 13.20
CA ILE A 72 2.30 -2.76 13.81
C ILE A 72 2.09 -4.27 13.85
N GLY A 73 2.06 -4.85 15.05
CA GLY A 73 1.90 -6.29 15.12
C GLY A 73 1.01 -6.86 16.21
N HIS A 74 0.28 -6.02 16.93
CA HIS A 74 -0.60 -6.52 17.99
C HIS A 74 -1.90 -5.76 18.00
N GLY A 75 -3.00 -6.47 18.21
CA GLY A 75 -4.31 -5.85 18.24
C GLY A 75 -4.46 -4.75 19.28
N TRP A 76 -3.85 -4.94 20.45
CA TRP A 76 -3.93 -3.95 21.54
C TRP A 76 -3.30 -2.60 21.19
N GLN A 77 -2.40 -2.61 20.22
CA GLN A 77 -1.69 -1.42 19.79
C GLN A 77 -2.63 -0.25 19.53
N LYS A 78 -2.21 0.92 20.01
CA LYS A 78 -2.99 2.14 19.84
C LYS A 78 -2.56 2.89 18.60
N GLY A 79 -1.73 2.26 17.78
CA GLY A 79 -1.27 2.91 16.57
C GLY A 79 0.15 2.49 16.27
N PRO A 80 0.73 2.92 15.15
CA PRO A 80 2.10 2.54 14.84
C PRO A 80 3.01 2.91 15.99
N ARG A 81 3.72 1.93 16.53
CA ARG A 81 4.62 2.15 17.66
C ARG A 81 5.98 1.51 17.42
N ASN A 82 7.01 2.06 18.08
CA ASN A 82 8.36 1.54 17.95
C ASN A 82 8.45 0.22 18.72
N ALA A 83 8.75 -0.84 18.00
CA ALA A 83 8.86 -2.17 18.60
C ALA A 83 9.95 -2.28 19.66
N PRO A 84 9.58 -2.65 20.89
CA PRO A 84 10.50 -2.82 22.01
C PRO A 84 11.19 -4.17 21.90
N THR A 85 12.37 -4.27 22.51
CA THR A 85 13.14 -5.50 22.47
C THR A 85 12.42 -6.63 23.20
N ALA A 86 12.56 -7.85 22.69
CA ALA A 86 11.95 -9.02 23.31
C ALA A 86 12.90 -9.44 24.42
N LEU A 87 14.15 -9.01 24.28
CA LEU A 87 15.18 -9.34 25.26
C LEU A 87 14.81 -8.88 26.66
N ASN A 88 14.67 -9.84 27.56
CA ASN A 88 14.33 -9.57 28.96
C ASN A 88 12.89 -9.11 29.15
N ALA A 89 12.15 -9.04 28.04
CA ALA A 89 10.76 -8.59 28.11
C ALA A 89 9.92 -9.38 29.12
N VAL A 90 10.35 -10.60 29.41
CA VAL A 90 9.62 -11.44 30.34
C VAL A 90 9.57 -10.85 31.73
N PHE A 91 10.57 -10.03 32.07
CA PHE A 91 10.63 -9.42 33.40
C PHE A 91 9.82 -8.12 33.51
N ASN A 92 9.27 -7.65 32.41
CA ASN A 92 8.51 -6.42 32.47
C ASN A 92 7.14 -6.65 33.07
N VAL A 93 6.72 -5.77 33.95
CA VAL A 93 5.41 -5.87 34.58
C VAL A 93 4.43 -5.04 33.75
N ALA A 94 4.95 -3.95 33.17
CA ALA A 94 4.16 -3.08 32.30
C ALA A 94 4.60 -3.45 30.89
N GLN A 95 3.73 -4.11 30.12
CA GLN A 95 4.12 -4.53 28.78
C GLN A 95 3.55 -3.79 27.58
N PHE A 96 2.92 -2.64 27.80
CA PHE A 96 2.36 -1.92 26.67
C PHE A 96 2.98 -0.55 26.55
N TRP A 97 2.83 0.06 25.37
CA TRP A 97 3.40 1.36 25.11
C TRP A 97 2.60 2.52 25.68
N ASP A 98 1.29 2.46 25.54
CA ASP A 98 0.45 3.54 26.00
C ASP A 98 -1.02 3.15 26.05
N GLY A 99 -1.84 4.02 26.64
CA GLY A 99 -3.26 3.75 26.75
C GLY A 99 -3.84 4.46 27.96
N ARG A 100 -5.12 4.23 28.22
CA ARG A 100 -5.76 4.84 29.38
C ARG A 100 -5.39 3.99 30.57
N ALA A 101 -4.90 4.63 31.63
CA ALA A 101 -4.50 3.93 32.85
C ALA A 101 -5.43 2.76 33.22
N PRO A 102 -6.76 3.00 33.33
CA PRO A 102 -7.69 1.92 33.68
C PRO A 102 -7.55 0.73 32.74
N ASP A 103 -7.67 1.00 31.45
CA ASP A 103 -7.56 -0.02 30.41
C ASP A 103 -6.31 -0.86 30.57
N LEU A 104 -5.16 -0.20 30.66
CA LEU A 104 -3.87 -0.87 30.81
C LEU A 104 -3.79 -1.76 32.05
N ALA A 105 -4.36 -1.30 33.15
CA ALA A 105 -4.33 -2.08 34.39
C ALA A 105 -5.05 -3.40 34.23
N ALA A 106 -6.24 -3.36 33.64
CA ALA A 106 -7.02 -4.56 33.41
C ALA A 106 -6.49 -5.32 32.20
N GLN A 107 -5.88 -4.60 31.27
CA GLN A 107 -5.34 -5.19 30.05
C GLN A 107 -4.26 -6.21 30.36
N ALA A 108 -3.48 -5.93 31.40
CA ALA A 108 -2.41 -6.82 31.80
C ALA A 108 -2.81 -7.64 33.02
N MET A 118 -2.69 -9.34 15.46
CA MET A 118 -3.19 -8.25 14.63
C MET A 118 -4.48 -8.65 13.90
N ASN A 119 -4.43 -9.77 13.15
CA ASN A 119 -5.58 -10.26 12.41
C ASN A 119 -5.82 -11.76 12.69
N ASN A 120 -4.78 -12.59 12.49
CA ASN A 120 -4.87 -14.04 12.72
C ASN A 120 -5.47 -14.37 14.10
N THR A 121 -6.77 -14.65 14.12
CA THR A 121 -7.50 -14.97 15.33
C THR A 121 -6.92 -16.24 15.98
N PRO A 122 -7.17 -16.43 17.29
CA PRO A 122 -6.65 -17.62 17.97
C PRO A 122 -7.10 -18.87 17.21
N GLU A 123 -8.23 -18.74 16.52
CA GLU A 123 -8.80 -19.82 15.73
C GLU A 123 -7.82 -20.19 14.61
N ASN A 124 -7.39 -19.17 13.86
CA ASN A 124 -6.45 -19.33 12.75
C ASN A 124 -5.13 -19.91 13.24
N LEU A 125 -4.57 -19.32 14.29
CA LEU A 125 -3.31 -19.81 14.85
C LEU A 125 -3.38 -21.31 15.17
N VAL A 126 -4.38 -21.68 15.96
CA VAL A 126 -4.56 -23.07 16.35
C VAL A 126 -4.70 -23.93 15.10
N ALA A 127 -5.45 -23.41 14.13
CA ALA A 127 -5.65 -24.13 12.89
C ALA A 127 -4.33 -24.32 12.17
N THR A 128 -3.57 -23.23 12.07
CA THR A 128 -2.27 -23.23 11.41
C THR A 128 -1.36 -24.26 12.05
N VAL A 129 -1.20 -24.14 13.36
CA VAL A 129 -0.36 -25.07 14.10
C VAL A 129 -0.91 -26.47 13.94
N GLN A 130 -2.22 -26.57 14.10
CA GLN A 130 -2.92 -27.84 13.98
C GLN A 130 -2.60 -28.51 12.64
N SER A 131 -2.62 -27.72 11.57
CA SER A 131 -2.37 -28.22 10.21
C SER A 131 -1.00 -28.80 9.89
N MET A 132 -0.06 -28.73 10.83
CA MET A 132 1.29 -29.24 10.58
C MET A 132 1.75 -30.37 11.51
N PRO A 133 1.99 -31.56 10.93
CA PRO A 133 2.42 -32.74 11.67
C PRO A 133 3.56 -32.41 12.63
N GLY A 134 4.50 -31.59 12.14
CA GLY A 134 5.64 -31.20 12.94
C GLY A 134 5.20 -30.48 14.21
N TYR A 135 4.26 -29.57 14.06
CA TYR A 135 3.73 -28.82 15.18
C TYR A 135 2.92 -29.71 16.10
N VAL A 136 2.28 -30.70 15.50
CA VAL A 136 1.48 -31.63 16.25
C VAL A 136 2.36 -32.44 17.20
N GLU A 137 3.46 -32.98 16.68
CA GLU A 137 4.35 -33.76 17.53
C GLU A 137 5.13 -32.84 18.46
N ALA A 138 5.39 -31.62 18.01
CA ALA A 138 6.13 -30.64 18.80
C ALA A 138 5.33 -30.24 20.04
N PHE A 139 4.01 -30.11 19.88
CA PHE A 139 3.15 -29.74 20.99
C PHE A 139 3.02 -30.95 21.92
N ALA A 140 3.07 -32.14 21.32
CA ALA A 140 2.99 -33.38 22.07
C ALA A 140 4.13 -33.45 23.08
N LYS A 141 5.35 -33.22 22.59
CA LYS A 141 6.52 -33.26 23.45
C LYS A 141 6.46 -32.17 24.51
N ALA A 142 6.04 -30.97 24.10
CA ALA A 142 5.96 -29.83 25.01
C ALA A 142 4.90 -29.98 26.10
N PHE A 143 3.82 -30.68 25.80
CA PHE A 143 2.73 -30.89 26.76
C PHE A 143 2.29 -32.36 26.79
N PRO A 144 3.12 -33.23 27.41
CA PRO A 144 2.99 -34.68 27.59
C PRO A 144 1.64 -35.39 27.71
N GLY A 145 0.81 -35.02 28.69
CA GLY A 145 -0.46 -35.72 28.84
C GLY A 145 -1.77 -35.01 28.56
N GLN A 146 -1.83 -34.23 27.48
CA GLN A 146 -3.06 -33.52 27.14
C GLN A 146 -3.70 -34.14 25.89
N LYS A 147 -5.03 -34.23 25.88
CA LYS A 147 -5.76 -34.81 24.74
C LYS A 147 -5.78 -33.84 23.56
N ASP A 148 -5.70 -32.55 23.87
CA ASP A 148 -5.67 -31.50 22.84
C ASP A 148 -4.57 -30.51 23.19
N PRO A 149 -3.30 -30.99 23.28
CA PRO A 149 -2.22 -30.06 23.62
C PRO A 149 -2.15 -28.84 22.71
N ILE A 150 -2.75 -28.94 21.52
CA ILE A 150 -2.73 -27.80 20.60
C ILE A 150 -3.90 -26.87 20.90
N SER A 151 -3.64 -25.91 21.79
CA SER A 151 -4.63 -24.93 22.20
C SER A 151 -3.93 -23.58 22.22
N PHE A 152 -4.67 -22.51 21.93
CA PHE A 152 -4.07 -21.19 21.93
C PHE A 152 -3.27 -20.92 23.20
N ASP A 153 -3.81 -21.33 24.34
CA ASP A 153 -3.12 -21.14 25.61
C ASP A 153 -1.75 -21.77 25.61
N ASN A 154 -1.67 -23.02 25.18
CA ASN A 154 -0.38 -23.69 25.14
C ASN A 154 0.52 -22.99 24.12
N PHE A 155 -0.08 -22.56 23.02
CA PHE A 155 0.65 -21.85 21.97
C PHE A 155 1.38 -20.70 22.61
N ALA A 156 0.66 -19.93 23.42
CA ALA A 156 1.24 -18.78 24.11
C ALA A 156 2.31 -19.22 25.10
N LEU A 157 1.98 -20.22 25.92
CA LEU A 157 2.92 -20.73 26.92
C LEU A 157 4.24 -21.15 26.32
N ALA A 158 4.19 -21.79 25.16
CA ALA A 158 5.39 -22.23 24.47
C ALA A 158 6.22 -21.02 24.04
N VAL A 159 5.56 -20.06 23.42
CA VAL A 159 6.24 -18.85 22.97
C VAL A 159 6.82 -18.18 24.18
N GLU A 160 6.07 -18.22 25.27
CA GLU A 160 6.49 -17.61 26.53
C GLU A 160 7.78 -18.28 27.01
N ALA A 161 7.79 -19.61 26.96
CA ALA A 161 8.95 -20.39 27.40
C ALA A 161 10.18 -19.92 26.64
N PHE A 162 10.06 -19.86 25.33
CA PHE A 162 11.17 -19.42 24.52
C PHE A 162 11.60 -18.00 24.88
N GLU A 163 10.64 -17.09 24.99
CA GLU A 163 10.95 -15.71 25.31
C GLU A 163 11.77 -15.62 26.59
N ALA A 164 11.51 -16.53 27.53
CA ALA A 164 12.25 -16.55 28.79
C ALA A 164 13.71 -16.86 28.53
N THR A 165 13.96 -17.36 27.33
CA THR A 165 15.30 -17.71 26.88
C THR A 165 16.02 -16.47 26.38
N LEU A 166 15.25 -15.48 25.92
CA LEU A 166 15.82 -14.24 25.38
C LEU A 166 16.12 -13.21 26.46
N ILE A 167 17.11 -13.53 27.28
CA ILE A 167 17.55 -12.64 28.35
C ILE A 167 19.03 -12.37 28.12
N THR A 168 19.49 -11.18 28.54
CA THR A 168 20.88 -10.78 28.32
C THR A 168 21.66 -10.49 29.61
N PRO A 169 22.05 -11.53 30.34
CA PRO A 169 22.79 -11.29 31.58
C PRO A 169 24.23 -10.85 31.36
N ASN A 170 24.86 -10.49 32.47
CA ASN A 170 26.26 -10.08 32.48
C ASN A 170 26.62 -8.75 31.80
N SER A 171 25.69 -7.80 31.79
CA SER A 171 25.99 -6.50 31.21
C SER A 171 27.09 -5.88 32.09
N LYS A 172 27.83 -4.91 31.56
CA LYS A 172 28.90 -4.28 32.32
C LYS A 172 28.30 -3.77 33.64
N PHE A 173 27.08 -3.23 33.58
CA PHE A 173 26.40 -2.72 34.77
C PHE A 173 26.17 -3.82 35.79
N ASP A 174 25.58 -4.92 35.34
CA ASP A 174 25.30 -6.05 36.23
C ASP A 174 26.59 -6.52 36.90
N GLN A 175 27.67 -6.60 36.11
CA GLN A 175 28.94 -7.04 36.65
C GLN A 175 29.36 -6.16 37.80
N TRP A 176 29.33 -4.85 37.55
CA TRP A 176 29.68 -3.86 38.56
C TRP A 176 28.75 -3.96 39.77
N LEU A 177 27.45 -4.11 39.52
CA LEU A 177 26.47 -4.23 40.62
C LEU A 177 26.82 -5.43 41.50
N MET A 178 27.37 -6.48 40.91
CA MET A 178 27.71 -7.65 41.67
C MET A 178 29.02 -7.49 42.43
N GLY A 179 29.77 -6.43 42.11
CA GLY A 179 31.02 -6.21 42.80
C GLY A 179 32.24 -5.82 41.99
N ALA A 180 32.15 -5.89 40.66
CA ALA A 180 33.31 -5.54 39.84
C ALA A 180 33.55 -4.03 39.81
N ASP A 181 34.21 -3.51 40.84
CA ASP A 181 34.49 -2.07 40.93
C ASP A 181 35.04 -1.55 39.58
N GLY A 182 35.70 -2.41 38.84
CA GLY A 182 36.26 -2.00 37.57
C GLY A 182 35.47 -2.36 36.32
N ALA A 183 34.26 -2.90 36.49
CA ALA A 183 33.43 -3.26 35.35
C ALA A 183 32.92 -2.02 34.60
N MET A 184 32.79 -0.90 35.30
CA MET A 184 32.34 0.35 34.68
C MET A 184 33.42 1.41 34.80
N SER A 185 33.34 2.43 33.94
CA SER A 185 34.32 3.50 33.95
C SER A 185 33.86 4.60 34.90
N ALA A 186 34.73 5.56 35.14
CA ALA A 186 34.39 6.65 36.03
C ALA A 186 33.17 7.35 35.45
N ASP A 187 33.26 7.76 34.19
CA ASP A 187 32.17 8.44 33.52
C ASP A 187 30.88 7.65 33.63
N GLU A 188 30.95 6.36 33.32
CA GLU A 188 29.78 5.51 33.38
C GLU A 188 29.15 5.46 34.76
N LYS A 189 29.97 5.55 35.79
CA LYS A 189 29.46 5.53 37.15
C LYS A 189 28.85 6.89 37.46
N ALA A 190 29.48 7.94 36.95
CA ALA A 190 28.98 9.30 37.15
C ALA A 190 27.59 9.36 36.52
N GLY A 191 27.45 8.71 35.38
CA GLY A 191 26.17 8.67 34.69
C GLY A 191 25.16 7.92 35.54
N LEU A 192 25.63 6.91 36.25
CA LEU A 192 24.75 6.13 37.10
C LEU A 192 24.24 7.01 38.23
N LYS A 193 25.15 7.77 38.85
CA LYS A 193 24.76 8.64 39.94
C LYS A 193 23.80 9.71 39.43
N LEU A 194 24.18 10.40 38.36
CA LEU A 194 23.35 11.44 37.77
C LEU A 194 22.00 10.83 37.39
N PHE A 195 22.02 9.64 36.80
CA PHE A 195 20.78 8.95 36.42
C PHE A 195 19.89 8.85 37.66
N ILE A 196 20.43 8.25 38.71
CA ILE A 196 19.67 8.10 39.95
C ILE A 196 19.27 9.47 40.51
N ASP A 197 20.28 10.28 40.80
CA ASP A 197 20.06 11.61 41.37
C ASP A 197 19.10 12.48 40.56
N THR A 198 19.21 12.48 39.24
CA THR A 198 18.34 13.33 38.43
C THR A 198 16.87 12.94 38.43
N GLY A 199 16.57 11.73 38.88
CA GLY A 199 15.18 11.31 38.94
C GLY A 199 14.79 10.23 37.95
N CYS A 200 15.70 9.88 37.05
CA CYS A 200 15.42 8.86 36.04
C CYS A 200 14.96 7.55 36.66
N ALA A 201 15.75 7.06 37.60
CA ALA A 201 15.50 5.79 38.28
C ALA A 201 14.12 5.70 38.89
N ALA A 202 13.48 6.85 39.09
CA ALA A 202 12.14 6.88 39.67
C ALA A 202 11.14 6.18 38.76
N CYS A 203 11.39 6.19 37.45
CA CYS A 203 10.49 5.57 36.48
C CYS A 203 11.16 4.41 35.75
N HIS A 204 12.46 4.56 35.56
CA HIS A 204 13.26 3.55 34.87
C HIS A 204 14.06 2.77 35.91
N ASN A 205 13.37 1.90 36.64
CA ASN A 205 14.01 1.09 37.65
C ASN A 205 13.63 -0.38 37.51
N GLY A 206 13.99 -1.17 38.49
CA GLY A 206 13.68 -2.58 38.43
C GLY A 206 14.82 -3.35 37.80
N ILE A 207 14.58 -4.62 37.56
CA ILE A 207 15.58 -5.48 36.96
C ILE A 207 15.90 -5.02 35.53
N ASN A 208 14.91 -4.39 34.88
CA ASN A 208 15.11 -3.92 33.51
C ASN A 208 15.33 -2.43 33.37
N ILE A 209 15.54 -1.73 34.47
CA ILE A 209 15.76 -0.29 34.40
C ILE A 209 14.63 0.31 33.56
N GLY A 210 13.40 -0.04 33.93
CA GLY A 210 12.24 0.44 33.22
C GLY A 210 11.29 -0.72 32.97
N GLY A 211 10.17 -0.44 32.30
CA GLY A 211 9.20 -1.49 32.00
C GLY A 211 8.32 -1.87 33.16
N ASN A 212 8.08 -0.91 34.06
CA ASN A 212 7.27 -1.18 35.22
C ASN A 212 6.01 -0.33 35.30
N GLY A 213 6.14 0.94 34.91
CA GLY A 213 4.98 1.82 34.98
C GLY A 213 4.78 2.77 33.81
N TYR A 214 3.58 3.37 33.76
CA TYR A 214 3.23 4.31 32.72
C TYR A 214 3.11 5.70 33.32
N TYR A 215 3.30 6.72 32.48
CA TYR A 215 3.23 8.11 32.93
C TYR A 215 2.56 8.97 31.87
N PRO A 216 1.87 10.05 32.31
CA PRO A 216 1.16 10.97 31.40
C PRO A 216 2.08 11.88 30.59
N PHE A 217 3.11 11.29 29.99
CA PHE A 217 4.06 12.04 29.17
C PHE A 217 4.44 11.26 27.92
N GLY A 218 4.85 11.99 26.88
CA GLY A 218 5.25 11.36 25.64
C GLY A 218 6.14 12.32 24.89
N VAL A 219 7.09 11.79 24.12
CA VAL A 219 7.99 12.66 23.37
C VAL A 219 7.33 12.95 22.04
N VAL A 220 7.38 14.21 21.61
CA VAL A 220 6.78 14.59 20.34
C VAL A 220 7.75 15.41 19.54
N GLU A 221 7.57 15.37 18.23
CA GLU A 221 8.43 16.10 17.30
C GLU A 221 7.76 17.43 17.00
N LYS A 222 8.53 18.50 17.01
CA LYS A 222 7.98 19.81 16.72
C LYS A 222 7.94 20.00 15.20
N PRO A 223 6.90 20.67 14.67
CA PRO A 223 6.80 20.89 13.22
C PRO A 223 8.05 21.46 12.58
N GLY A 234 16.02 21.45 20.51
CA GLY A 234 15.77 20.13 19.96
C GLY A 234 14.49 20.02 19.12
N ARG A 235 14.49 19.06 18.21
CA ARG A 235 13.37 18.82 17.33
C ARG A 235 12.25 18.13 18.10
N PHE A 236 12.60 17.55 19.25
CA PHE A 236 11.61 16.85 20.05
C PHE A 236 11.49 17.40 21.46
N ALA A 237 10.30 17.26 22.00
CA ALA A 237 10.01 17.71 23.34
C ALA A 237 9.21 16.61 24.02
N VAL A 238 8.95 16.81 25.30
CA VAL A 238 8.16 15.89 26.09
C VAL A 238 6.94 16.74 26.45
N THR A 239 5.74 16.22 26.25
CA THR A 239 4.54 16.99 26.62
C THR A 239 3.58 16.06 27.33
N ALA A 240 2.78 16.63 28.20
CA ALA A 240 1.82 15.82 28.93
C ALA A 240 0.90 15.19 27.91
N THR A 241 0.29 14.08 28.27
CA THR A 241 -0.65 13.43 27.38
C THR A 241 -1.88 14.36 27.31
N ALA A 242 -2.75 14.16 26.32
CA ALA A 242 -3.95 15.00 26.19
C ALA A 242 -4.80 14.97 27.47
N ASP A 243 -4.70 13.87 28.20
CA ASP A 243 -5.42 13.68 29.45
C ASP A 243 -4.47 12.93 30.39
N ASP A 244 -4.48 13.33 31.65
CA ASP A 244 -3.61 12.72 32.66
C ASP A 244 -3.88 11.24 32.78
N GLU A 245 -5.08 10.85 32.38
CA GLU A 245 -5.49 9.45 32.44
C GLU A 245 -4.81 8.62 31.35
N TYR A 246 -4.40 9.25 30.26
CA TYR A 246 -3.74 8.53 29.19
C TYR A 246 -2.25 8.51 29.53
N VAL A 247 -1.63 7.34 29.44
CA VAL A 247 -0.23 7.25 29.79
C VAL A 247 0.65 6.47 28.85
N PHE A 248 1.93 6.78 28.93
CA PHE A 248 2.97 6.11 28.15
C PHE A 248 3.89 5.39 29.09
N ARG A 249 4.37 4.24 28.65
CA ARG A 249 5.25 3.44 29.45
C ARG A 249 6.69 3.92 29.49
N ALA A 250 7.26 3.96 30.69
CA ALA A 250 8.66 4.34 30.88
C ALA A 250 9.38 3.03 30.57
N GLY A 251 9.72 2.85 29.30
CA GLY A 251 10.36 1.63 28.83
C GLY A 251 11.67 1.19 29.47
N PRO A 252 11.95 -0.12 29.43
CA PRO A 252 13.18 -0.69 30.00
C PRO A 252 14.35 -0.22 29.16
N LEU A 253 15.39 0.26 29.82
CA LEU A 253 16.54 0.79 29.11
C LEU A 253 17.65 -0.22 28.83
N ARG A 254 17.48 -1.46 29.27
CA ARG A 254 18.50 -2.46 29.04
C ARG A 254 18.67 -2.68 27.55
N ASN A 255 19.93 -2.81 27.12
CA ASN A 255 20.27 -3.05 25.73
C ASN A 255 19.83 -1.92 24.81
N ILE A 256 19.43 -0.80 25.40
CA ILE A 256 18.98 0.33 24.61
C ILE A 256 20.00 0.73 23.54
N ALA A 257 21.29 0.53 23.83
CA ALA A 257 22.32 0.88 22.87
C ALA A 257 22.10 0.13 21.54
N LEU A 258 21.34 -0.95 21.59
CA LEU A 258 21.07 -1.76 20.40
C LEU A 258 19.65 -1.60 19.87
N THR A 259 18.81 -0.86 20.58
CA THR A 259 17.42 -0.75 20.15
C THR A 259 16.93 0.57 19.56
N ALA A 260 17.80 1.23 18.79
CA ALA A 260 17.41 2.49 18.13
C ALA A 260 16.39 2.12 17.05
N PRO A 261 15.53 3.07 16.66
CA PRO A 261 15.38 4.44 17.16
C PRO A 261 14.68 4.40 18.50
N TYR A 262 14.51 5.58 19.12
CA TYR A 262 13.90 5.65 20.44
C TYR A 262 12.56 6.35 20.59
N PHE A 263 11.89 6.10 21.72
CA PHE A 263 10.58 6.65 22.06
C PHE A 263 9.49 5.93 21.26
N HIS A 264 8.25 6.00 21.72
CA HIS A 264 7.15 5.31 21.04
C HIS A 264 7.04 5.58 19.54
N SER A 265 7.46 6.77 19.10
CA SER A 265 7.38 7.13 17.68
C SER A 265 8.59 6.64 16.92
N GLY A 266 9.67 6.36 17.65
CA GLY A 266 10.90 5.90 17.02
C GLY A 266 11.48 6.96 16.11
N LYS A 267 11.31 8.24 16.49
CA LYS A 267 11.81 9.32 15.67
C LYS A 267 13.19 9.83 16.07
N VAL A 268 13.63 9.53 17.28
CA VAL A 268 14.97 9.95 17.68
C VAL A 268 15.90 8.75 17.48
N TRP A 269 16.91 8.92 16.66
CA TRP A 269 17.82 7.81 16.38
C TRP A 269 19.05 7.78 17.24
N ASP A 270 19.50 8.96 17.68
CA ASP A 270 20.69 9.05 18.53
C ASP A 270 20.33 8.82 20.01
N LEU A 271 21.03 7.91 20.67
CA LEU A 271 20.78 7.65 22.08
C LEU A 271 21.05 8.88 22.92
N ARG A 272 22.17 9.53 22.65
CA ARG A 272 22.56 10.73 23.35
C ARG A 272 21.45 11.77 23.32
N GLU A 273 20.80 11.92 22.18
CA GLU A 273 19.72 12.90 22.06
C GLU A 273 18.50 12.46 22.88
N ALA A 274 18.19 11.16 22.87
CA ALA A 274 17.05 10.64 23.64
C ALA A 274 17.24 10.98 25.12
N VAL A 275 18.46 10.75 25.60
CA VAL A 275 18.81 11.04 26.99
C VAL A 275 18.60 12.53 27.17
N SER A 276 19.08 13.29 26.19
CA SER A 276 18.98 14.73 26.23
C SER A 276 17.55 15.27 26.25
N VAL A 277 16.70 14.82 25.31
CA VAL A 277 15.30 15.31 25.28
C VAL A 277 14.57 14.96 26.56
N MET A 278 15.02 13.92 27.24
CA MET A 278 14.39 13.51 28.46
C MET A 278 14.98 14.23 29.68
N ALA A 279 16.29 14.47 29.67
CA ALA A 279 16.94 15.16 30.77
C ALA A 279 16.42 16.59 30.85
N ASN A 280 16.44 17.25 29.70
CA ASN A 280 16.00 18.65 29.62
C ASN A 280 14.50 18.73 29.38
N SER A 281 13.71 18.36 30.39
CA SER A 281 12.28 18.41 30.23
C SER A 281 11.60 18.47 31.58
N GLN A 282 10.28 18.62 31.54
CA GLN A 282 9.46 18.68 32.73
C GLN A 282 9.62 17.40 33.53
N LEU A 283 10.36 16.43 32.99
CA LEU A 283 10.55 15.17 33.70
C LEU A 283 11.88 15.08 34.45
N GLY A 284 12.93 15.66 33.88
CA GLY A 284 14.24 15.60 34.52
C GLY A 284 14.66 16.88 35.21
N ALA A 285 15.82 17.39 34.82
CA ALA A 285 16.36 18.61 35.39
C ALA A 285 17.52 19.12 34.55
N THR A 286 17.80 20.42 34.68
CA THR A 286 18.89 21.05 33.96
C THR A 286 20.13 20.17 33.97
N LEU A 287 20.50 19.68 32.80
CA LEU A 287 21.69 18.85 32.73
C LEU A 287 22.64 19.36 31.70
N ASP A 288 23.92 19.32 32.03
CA ASP A 288 24.91 19.79 31.09
C ASP A 288 25.39 18.72 30.13
N ASP A 289 25.98 19.19 29.04
CA ASP A 289 26.48 18.34 28.01
C ASP A 289 27.32 17.19 28.58
N THR A 290 28.19 17.46 29.55
CA THR A 290 29.03 16.42 30.14
C THR A 290 28.15 15.43 30.89
N GLN A 291 27.24 16.00 31.67
CA GLN A 291 26.31 15.20 32.46
C GLN A 291 25.48 14.30 31.57
N VAL A 292 24.93 14.89 30.51
CA VAL A 292 24.13 14.13 29.55
C VAL A 292 25.00 13.00 29.00
N ASP A 293 26.20 13.35 28.53
CA ASP A 293 27.13 12.38 27.98
C ASP A 293 27.36 11.20 28.92
N GLN A 294 27.44 11.48 30.21
CA GLN A 294 27.69 10.44 31.18
C GLN A 294 26.49 9.52 31.42
N ILE A 295 25.29 10.10 31.38
CA ILE A 295 24.11 9.28 31.60
C ILE A 295 24.01 8.34 30.40
N THR A 296 24.21 8.87 29.21
CA THR A 296 24.13 8.04 28.04
C THR A 296 25.27 7.03 28.08
N ALA A 297 26.41 7.43 28.63
CA ALA A 297 27.56 6.53 28.75
C ALA A 297 27.15 5.39 29.68
N PHE A 298 26.38 5.72 30.71
CA PHE A 298 25.91 4.73 31.66
C PHE A 298 24.92 3.81 30.98
N LEU A 299 24.07 4.37 30.13
CA LEU A 299 23.09 3.57 29.44
C LEU A 299 23.73 2.49 28.58
N GLY A 300 24.86 2.82 27.95
CA GLY A 300 25.53 1.82 27.11
C GLY A 300 26.02 0.63 27.94
N THR A 301 26.08 0.88 29.24
CA THR A 301 26.52 -0.08 30.22
C THR A 301 25.48 -1.16 30.49
N LEU A 302 24.29 -0.99 29.91
CA LEU A 302 23.19 -1.93 30.11
C LEU A 302 23.05 -2.98 29.01
N THR A 303 24.00 -3.01 28.09
CA THR A 303 23.99 -3.99 27.02
C THR A 303 24.55 -5.29 27.57
N GLY A 304 23.75 -6.35 27.57
CA GLY A 304 24.19 -7.62 28.09
C GLY A 304 24.56 -8.64 27.02
N GLU A 305 25.07 -9.80 27.43
CA GLU A 305 25.44 -10.83 26.47
C GLU A 305 24.19 -11.30 25.71
N GLN A 306 24.20 -11.13 24.38
CA GLN A 306 23.07 -11.51 23.54
C GLN A 306 22.88 -13.02 23.45
N PRO A 307 21.62 -13.49 23.44
CA PRO A 307 21.38 -14.93 23.35
C PRO A 307 21.81 -15.47 21.99
N GLU A 308 22.51 -16.60 22.01
CA GLU A 308 22.94 -17.24 20.79
C GLU A 308 21.74 -18.11 20.44
N VAL A 309 21.07 -17.80 19.34
CA VAL A 309 19.90 -18.56 18.96
C VAL A 309 20.01 -19.21 17.59
N VAL A 310 19.82 -20.52 17.55
CA VAL A 310 19.88 -21.25 16.30
C VAL A 310 18.51 -21.07 15.64
N HIS A 311 18.51 -20.72 14.36
CA HIS A 311 17.25 -20.53 13.68
C HIS A 311 16.58 -21.90 13.59
N PRO A 312 15.39 -22.06 14.18
CA PRO A 312 14.71 -23.35 14.12
C PRO A 312 14.26 -23.76 12.72
N ILE A 313 14.18 -25.06 12.49
CA ILE A 313 13.74 -25.59 11.21
C ILE A 313 12.24 -25.70 11.40
N LEU A 314 11.49 -24.84 10.71
CA LEU A 314 10.03 -24.79 10.80
C LEU A 314 9.33 -25.98 10.15
N PRO A 315 8.26 -26.50 10.79
CA PRO A 315 7.54 -27.65 10.23
C PRO A 315 6.91 -27.36 8.88
N VAL A 316 6.84 -28.38 8.04
CA VAL A 316 6.28 -28.25 6.70
C VAL A 316 4.76 -28.05 6.73
N ARG A 317 4.26 -27.21 5.82
CA ARG A 317 2.84 -26.91 5.71
C ARG A 317 2.09 -28.06 5.04
N SER A 318 0.77 -28.11 5.27
CA SER A 318 -0.06 -29.16 4.69
C SER A 318 -1.18 -28.50 3.92
N ALA A 319 -1.93 -29.31 3.18
CA ALA A 319 -3.05 -28.80 2.39
C ALA A 319 -4.07 -28.08 3.28
N GLN A 320 -4.09 -28.44 4.57
CA GLN A 320 -5.03 -27.82 5.50
C GLN A 320 -4.48 -26.54 6.09
N THR A 321 -3.20 -26.26 5.85
CA THR A 321 -2.59 -25.04 6.37
C THR A 321 -3.15 -23.83 5.65
N PRO A 322 -3.75 -22.90 6.41
CA PRO A 322 -4.32 -21.69 5.82
C PRO A 322 -3.30 -20.99 4.95
N ARG A 323 -3.70 -20.55 3.76
CA ARG A 323 -2.78 -19.87 2.87
C ARG A 323 -2.58 -18.41 3.27
N PRO A 324 -1.41 -17.84 2.96
CA PRO A 324 -1.08 -16.45 3.28
C PRO A 324 -2.07 -15.49 2.66
N GLU A 325 -2.26 -14.35 3.34
CA GLU A 325 -3.03 -13.22 2.88
C GLU A 325 -3.01 -12.88 1.39
N HIS A 326 -2.02 -12.36 0.76
CA HIS A 326 -2.23 -12.24 -0.65
C HIS A 326 -2.76 -10.85 -1.05
N ALA B 4 -18.88 51.36 10.77
CA ALA B 4 -17.70 51.56 11.68
C ALA B 4 -16.86 50.30 11.75
N LEU B 5 -17.50 49.19 12.10
CA LEU B 5 -16.83 47.90 12.15
C LEU B 5 -16.48 47.57 10.70
N ARG B 6 -17.37 47.93 9.79
CA ARG B 6 -17.15 47.70 8.38
C ARG B 6 -15.93 48.47 7.91
N GLU B 7 -15.80 49.70 8.39
CA GLU B 7 -14.67 50.54 8.02
C GLU B 7 -13.39 49.82 8.44
N GLU B 8 -13.39 49.29 9.65
CA GLU B 8 -12.25 48.57 10.18
C GLU B 8 -11.99 47.31 9.36
N ALA B 9 -13.05 46.52 9.11
CA ALA B 9 -12.94 45.28 8.35
C ALA B 9 -12.42 45.54 6.95
N LYS B 10 -12.93 46.61 6.34
CA LYS B 10 -12.53 47.01 5.00
C LYS B 10 -11.05 47.28 4.91
N GLY B 11 -10.45 47.53 6.06
CA GLY B 11 -9.03 47.83 6.13
C GLY B 11 -8.20 46.56 6.24
N LEU B 12 -8.86 45.44 6.51
CA LEU B 12 -8.15 44.17 6.67
C LEU B 12 -8.48 43.12 5.61
N PHE B 13 -9.63 43.24 4.96
CA PHE B 13 -9.98 42.26 3.96
C PHE B 13 -10.57 42.84 2.70
N GLU B 14 -10.72 41.95 1.71
CA GLU B 14 -11.30 42.31 0.43
C GLU B 14 -12.32 41.23 0.12
N VAL B 15 -13.29 41.59 -0.70
CA VAL B 15 -14.35 40.67 -1.09
C VAL B 15 -13.86 39.92 -2.33
N ILE B 16 -14.46 38.77 -2.62
CA ILE B 16 -14.07 38.01 -3.80
C ILE B 16 -14.83 38.62 -4.98
N PRO B 17 -14.10 39.00 -6.04
CA PRO B 17 -14.75 39.60 -7.22
C PRO B 17 -15.67 38.62 -7.95
N MET B 18 -16.54 39.15 -8.82
CA MET B 18 -17.49 38.29 -9.53
C MET B 18 -16.77 37.42 -10.54
N GLN B 19 -15.56 37.84 -10.89
CA GLN B 19 -14.71 37.12 -11.83
C GLN B 19 -13.27 37.61 -11.62
N ALA B 20 -12.37 36.64 -11.43
CA ALA B 20 -10.94 36.90 -11.23
C ALA B 20 -10.32 37.62 -12.40
N PRO B 21 -9.15 38.25 -12.18
CA PRO B 21 -8.41 39.01 -13.21
C PRO B 21 -8.09 38.07 -14.44
N GLN B 22 -8.09 38.66 -15.59
CA GLN B 22 -7.74 37.93 -16.81
C GLN B 22 -7.20 38.89 -17.86
N ASN B 27 -12.00 37.01 -24.55
CA ASN B 27 -11.88 37.20 -26.01
C ASN B 27 -11.96 35.87 -26.77
N THR B 28 -12.87 34.99 -26.33
CA THR B 28 -13.08 33.67 -26.93
C THR B 28 -11.93 32.72 -26.65
N VAL B 29 -10.71 33.25 -26.81
CA VAL B 29 -9.50 32.49 -26.57
C VAL B 29 -9.40 32.16 -25.07
N THR B 30 -9.74 33.11 -24.21
CA THR B 30 -9.70 32.84 -22.78
C THR B 30 -10.88 31.93 -22.42
N ARG B 31 -11.92 31.92 -23.26
CA ARG B 31 -13.07 31.04 -23.02
C ARG B 31 -12.64 29.62 -23.40
N ASP B 32 -11.79 29.52 -24.42
CA ASP B 32 -11.27 28.22 -24.84
C ASP B 32 -10.15 27.84 -23.91
N LYS B 33 -9.33 28.82 -23.52
CA LYS B 33 -8.20 28.61 -22.61
C LYS B 33 -8.74 27.99 -21.34
N ILE B 34 -9.87 28.51 -20.89
CA ILE B 34 -10.53 27.99 -19.70
C ILE B 34 -10.97 26.56 -19.98
N ASP B 35 -11.51 26.32 -21.16
CA ASP B 35 -11.94 24.96 -21.50
C ASP B 35 -10.80 23.96 -21.48
N LEU B 36 -9.64 24.36 -22.00
CA LEU B 36 -8.49 23.48 -22.00
C LEU B 36 -8.09 23.20 -20.56
N GLY B 37 -8.07 24.27 -19.76
CA GLY B 37 -7.71 24.15 -18.36
C GLY B 37 -8.63 23.19 -17.62
N ALA B 38 -9.93 23.30 -17.89
CA ALA B 38 -10.92 22.43 -17.28
C ALA B 38 -10.58 20.96 -17.53
N MET B 39 -10.31 20.63 -18.79
CA MET B 39 -9.96 19.26 -19.16
C MET B 39 -8.74 18.80 -18.40
N LEU B 40 -7.66 19.55 -18.49
CA LEU B 40 -6.43 19.19 -17.78
C LEU B 40 -6.69 19.02 -16.28
N PHE B 41 -7.44 19.97 -15.70
CA PHE B 41 -7.75 19.92 -14.28
C PHE B 41 -8.51 18.64 -13.92
N PHE B 42 -9.39 18.19 -14.80
CA PHE B 42 -10.20 16.99 -14.56
C PHE B 42 -9.62 15.71 -15.16
N ASP B 43 -8.46 15.80 -15.82
CA ASP B 43 -7.88 14.61 -16.44
C ASP B 43 -6.94 13.86 -15.50
N PRO B 44 -7.31 12.63 -15.11
CA PRO B 44 -6.55 11.76 -14.21
C PRO B 44 -5.34 11.17 -14.90
N ARG B 45 -5.31 11.30 -16.22
CA ARG B 45 -4.20 10.78 -16.97
C ARG B 45 -2.99 11.69 -16.89
N MET B 46 -3.19 12.84 -16.25
CA MET B 46 -2.10 13.79 -16.07
C MET B 46 -1.24 13.31 -14.89
N SER B 47 -1.77 12.38 -14.11
CA SER B 47 -1.02 11.82 -12.99
C SER B 47 -0.30 10.57 -13.48
N LYS B 48 0.88 10.30 -12.93
CA LYS B 48 1.68 9.15 -13.32
C LYS B 48 0.87 7.84 -13.28
N SER B 49 0.12 7.66 -12.20
CA SER B 49 -0.70 6.47 -12.00
C SER B 49 -1.97 6.48 -12.83
N GLY B 50 -2.38 7.65 -13.27
CA GLY B 50 -3.58 7.77 -14.08
C GLY B 50 -4.85 7.70 -13.26
N VAL B 51 -4.72 7.90 -11.95
CA VAL B 51 -5.90 7.83 -11.08
C VAL B 51 -6.28 9.20 -10.52
N PHE B 52 -5.30 10.06 -10.35
CA PHE B 52 -5.56 11.39 -9.81
C PHE B 52 -5.55 12.52 -10.82
N SER B 53 -6.55 13.37 -10.74
CA SER B 53 -6.66 14.56 -11.59
C SER B 53 -6.67 15.63 -10.51
N CYS B 54 -6.44 16.89 -10.85
CA CYS B 54 -6.46 17.94 -9.83
C CYS B 54 -7.76 17.82 -9.06
N GLN B 55 -8.86 17.70 -9.82
CA GLN B 55 -10.22 17.60 -9.30
C GLN B 55 -10.32 16.58 -8.16
N SER B 56 -9.63 15.46 -8.32
CA SER B 56 -9.64 14.41 -7.33
C SER B 56 -9.37 14.92 -5.92
N CYS B 57 -8.33 15.72 -5.78
CA CYS B 57 -7.95 16.24 -4.48
C CYS B 57 -8.44 17.64 -4.21
N HIS B 58 -8.81 18.34 -5.28
CA HIS B 58 -9.33 19.69 -5.15
C HIS B 58 -10.71 19.59 -5.76
N ASN B 59 -11.51 18.70 -5.19
CA ASN B 59 -12.85 18.42 -5.64
C ASN B 59 -13.76 19.65 -5.67
N VAL B 60 -14.19 20.04 -6.86
CA VAL B 60 -15.06 21.21 -7.02
C VAL B 60 -16.40 21.00 -6.37
N GLY B 61 -16.68 19.77 -5.96
CA GLY B 61 -17.93 19.46 -5.31
C GLY B 61 -17.76 19.43 -3.80
N LEU B 62 -16.50 19.43 -3.35
CA LEU B 62 -16.14 19.42 -1.93
C LEU B 62 -15.34 20.66 -1.53
N GLY B 63 -15.83 21.85 -1.82
CA GLY B 63 -15.09 23.03 -1.44
C GLY B 63 -13.66 23.03 -1.97
N GLY B 64 -13.43 22.37 -3.12
CA GLY B 64 -12.12 22.34 -3.71
C GLY B 64 -11.03 21.62 -2.95
N VAL B 65 -11.44 20.71 -2.07
CA VAL B 65 -10.51 19.94 -1.26
C VAL B 65 -10.79 18.46 -1.51
N ASP B 66 -10.18 17.57 -0.75
CA ASP B 66 -10.42 16.13 -0.93
C ASP B 66 -11.08 15.49 0.28
N GLY B 67 -11.28 16.26 1.33
CA GLY B 67 -11.92 15.74 2.54
C GLY B 67 -11.13 14.72 3.33
N LEU B 68 -9.84 14.60 3.06
CA LEU B 68 -8.98 13.64 3.75
C LEU B 68 -8.03 14.37 4.70
N GLU B 69 -7.52 13.66 5.70
CA GLU B 69 -6.60 14.30 6.64
C GLU B 69 -5.41 14.85 5.86
N THR B 70 -4.82 14.01 5.00
CA THR B 70 -3.69 14.43 4.20
C THR B 70 -3.65 13.64 2.91
N SER B 71 -2.83 14.12 1.97
CA SER B 71 -2.64 13.45 0.68
C SER B 71 -1.31 13.96 0.14
N ILE B 72 -0.88 13.44 -1.00
CA ILE B 72 0.38 13.88 -1.57
C ILE B 72 0.32 14.02 -3.08
N GLY B 73 0.45 15.25 -3.57
CA GLY B 73 0.37 15.46 -5.00
C GLY B 73 1.29 16.47 -5.69
N HIS B 74 2.28 16.97 -4.97
CA HIS B 74 3.21 17.93 -5.56
C HIS B 74 4.62 17.68 -5.07
N GLY B 75 5.58 17.80 -5.98
CA GLY B 75 6.97 17.55 -5.62
C GLY B 75 7.52 18.43 -4.51
N TRP B 76 7.06 19.68 -4.47
CA TRP B 76 7.52 20.64 -3.47
C TRP B 76 7.11 20.25 -2.04
N GLN B 77 6.07 19.43 -1.93
CA GLN B 77 5.55 18.99 -0.65
C GLN B 77 6.64 18.49 0.27
N LYS B 78 6.52 18.88 1.53
CA LYS B 78 7.48 18.51 2.57
C LYS B 78 6.99 17.26 3.30
N GLY B 79 5.90 16.67 2.82
CA GLY B 79 5.38 15.48 3.47
C GLY B 79 3.88 15.45 3.33
N PRO B 80 3.21 14.38 3.80
CA PRO B 80 1.76 14.33 3.66
C PRO B 80 1.14 15.58 4.29
N ARG B 81 0.37 16.32 3.51
CA ARG B 81 -0.27 17.56 3.98
C ARG B 81 -1.76 17.59 3.64
N ASN B 82 -2.52 18.36 4.40
CA ASN B 82 -3.95 18.50 4.15
C ASN B 82 -4.15 19.41 2.94
N ALA B 83 -4.78 18.86 1.90
CA ALA B 83 -5.04 19.59 0.67
C ALA B 83 -5.94 20.82 0.85
N PRO B 84 -5.42 22.00 0.50
CA PRO B 84 -6.13 23.28 0.59
C PRO B 84 -7.07 23.43 -0.59
N THR B 85 -8.12 24.19 -0.41
CA THR B 85 -9.08 24.38 -1.48
C THR B 85 -8.45 25.10 -2.65
N ALA B 86 -8.89 24.75 -3.85
CA ALA B 86 -8.42 25.38 -5.07
C ALA B 86 -9.24 26.66 -5.22
N LEU B 87 -10.40 26.66 -4.58
CA LEU B 87 -11.31 27.80 -4.61
C LEU B 87 -10.61 29.08 -4.14
N ASN B 88 -10.55 30.07 -5.02
CA ASN B 88 -9.95 31.37 -4.74
C ASN B 88 -8.44 31.25 -4.55
N ALA B 89 -7.89 30.06 -4.76
CA ALA B 89 -6.46 29.86 -4.60
C ALA B 89 -5.63 30.81 -5.46
N VAL B 90 -6.21 31.25 -6.57
CA VAL B 90 -5.48 32.14 -7.46
C VAL B 90 -5.10 33.45 -6.80
N PHE B 91 -5.82 33.85 -5.75
CA PHE B 91 -5.54 35.11 -5.06
C PHE B 91 -4.51 34.98 -3.96
N ASN B 92 -4.07 33.76 -3.67
CA ASN B 92 -3.08 33.57 -2.62
C ASN B 92 -1.72 33.98 -3.09
N VAL B 93 -0.99 34.68 -2.23
CA VAL B 93 0.36 35.10 -2.54
C VAL B 93 1.31 34.04 -1.98
N ALA B 94 0.93 33.45 -0.86
CA ALA B 94 1.73 32.37 -0.25
C ALA B 94 0.99 31.08 -0.61
N GLN B 95 1.58 30.26 -1.47
CA GLN B 95 0.91 29.04 -1.92
C GLN B 95 1.40 27.71 -1.40
N PHE B 96 2.25 27.72 -0.39
CA PHE B 96 2.74 26.45 0.15
C PHE B 96 2.38 26.32 1.62
N TRP B 97 2.38 25.09 2.10
CA TRP B 97 2.02 24.78 3.48
C TRP B 97 3.10 25.10 4.48
N ASP B 98 4.33 24.74 4.14
CA ASP B 98 5.46 24.93 5.04
C ASP B 98 6.80 24.81 4.36
N GLY B 99 7.85 25.17 5.10
CA GLY B 99 9.20 25.09 4.57
C GLY B 99 10.11 26.11 5.23
N ARG B 100 11.35 26.21 4.78
CA ARG B 100 12.29 27.17 5.33
C ARG B 100 12.01 28.50 4.65
N ALA B 101 11.85 29.55 5.45
CA ALA B 101 11.55 30.88 4.93
C ALA B 101 12.26 31.22 3.63
N PRO B 102 13.59 31.10 3.60
CA PRO B 102 14.35 31.40 2.38
C PRO B 102 13.88 30.63 1.17
N ASP B 103 13.82 29.31 1.32
CA ASP B 103 13.35 28.45 0.24
C ASP B 103 12.06 29.03 -0.34
N LEU B 104 11.39 29.88 0.44
CA LEU B 104 10.16 30.54 0.01
C LEU B 104 10.48 31.95 -0.51
N ALA B 105 11.49 32.58 0.10
CA ALA B 105 11.91 33.91 -0.29
C ALA B 105 12.63 33.88 -1.62
N ALA B 106 13.68 33.07 -1.71
CA ALA B 106 14.44 32.93 -2.94
C ALA B 106 13.51 32.24 -3.94
N GLN B 107 12.48 31.57 -3.40
CA GLN B 107 11.49 30.87 -4.21
C GLN B 107 10.77 31.90 -5.04
N ALA B 108 10.67 33.11 -4.50
CA ALA B 108 10.02 34.23 -5.15
C ALA B 108 11.07 35.13 -5.78
N MET B 118 4.26 15.39 -8.93
CA MET B 118 4.80 14.40 -8.02
C MET B 118 5.85 13.52 -8.71
N ASN B 119 5.46 12.91 -9.83
CA ASN B 119 6.34 12.04 -10.62
C ASN B 119 6.34 12.42 -12.10
N ASN B 120 5.15 12.50 -12.71
CA ASN B 120 4.99 12.87 -14.14
C ASN B 120 5.72 14.17 -14.51
N THR B 121 6.94 14.00 -15.02
CA THR B 121 7.80 15.12 -15.42
C THR B 121 7.12 15.97 -16.47
N PRO B 122 7.54 17.23 -16.64
CA PRO B 122 6.94 18.11 -17.65
C PRO B 122 7.03 17.41 -19.00
N GLU B 123 8.02 16.53 -19.15
CA GLU B 123 8.24 15.77 -20.38
C GLU B 123 7.04 14.87 -20.65
N ASN B 124 6.70 14.04 -19.67
CA ASN B 124 5.57 13.13 -19.82
C ASN B 124 4.27 13.93 -20.05
N LEU B 125 4.01 14.95 -19.21
CA LEU B 125 2.80 15.76 -19.36
C LEU B 125 2.62 16.24 -20.80
N VAL B 126 3.65 16.91 -21.31
CA VAL B 126 3.62 17.41 -22.67
C VAL B 126 3.39 16.25 -23.60
N ALA B 127 4.04 15.13 -23.31
CA ALA B 127 3.90 13.93 -24.13
C ALA B 127 2.43 13.47 -24.11
N THR B 128 1.88 13.33 -22.90
CA THR B 128 0.51 12.91 -22.69
C THR B 128 -0.46 13.78 -23.46
N VAL B 129 -0.36 15.08 -23.25
CA VAL B 129 -1.23 16.01 -23.93
C VAL B 129 -0.98 15.90 -25.42
N GLN B 130 0.30 15.89 -25.77
CA GLN B 130 0.72 15.79 -27.16
C GLN B 130 0.05 14.61 -27.85
N SER B 131 0.05 13.46 -27.19
CA SER B 131 -0.51 12.22 -27.72
C SER B 131 -2.01 12.17 -28.00
N MET B 132 -2.74 13.23 -27.67
CA MET B 132 -4.19 13.22 -27.89
C MET B 132 -4.69 14.31 -28.83
N PRO B 133 -5.26 13.91 -29.97
CA PRO B 133 -5.79 14.83 -30.99
C PRO B 133 -6.66 15.91 -30.38
N GLY B 134 -7.51 15.52 -29.43
CA GLY B 134 -8.39 16.45 -28.78
C GLY B 134 -7.62 17.55 -28.09
N TYR B 135 -6.56 17.16 -27.36
CA TYR B 135 -5.72 18.12 -26.65
C TYR B 135 -4.95 18.98 -27.64
N VAL B 136 -4.62 18.38 -28.78
CA VAL B 136 -3.89 19.08 -29.81
C VAL B 136 -4.72 20.23 -30.36
N GLU B 137 -5.98 19.97 -30.67
CA GLU B 137 -6.83 21.01 -31.21
C GLU B 137 -7.26 21.94 -30.09
N ALA B 138 -7.35 21.43 -28.88
CA ALA B 138 -7.73 22.23 -27.72
C ALA B 138 -6.65 23.27 -27.42
N PHE B 139 -5.40 22.87 -27.55
CA PHE B 139 -4.29 23.80 -27.30
C PHE B 139 -4.24 24.82 -28.44
N ALA B 140 -4.61 24.37 -29.62
CA ALA B 140 -4.62 25.22 -30.79
C ALA B 140 -5.57 26.37 -30.57
N LYS B 141 -6.78 26.06 -30.12
CA LYS B 141 -7.78 27.10 -29.86
C LYS B 141 -7.35 28.03 -28.73
N ALA B 142 -6.78 27.46 -27.67
CA ALA B 142 -6.34 28.24 -26.51
C ALA B 142 -5.16 29.16 -26.81
N PHE B 143 -4.30 28.77 -27.75
CA PHE B 143 -3.14 29.58 -28.11
C PHE B 143 -3.03 29.64 -29.64
N PRO B 144 -4.00 30.32 -30.29
CA PRO B 144 -4.16 30.53 -31.74
C PRO B 144 -2.98 31.13 -32.53
N GLY B 145 -2.33 32.14 -31.95
CA GLY B 145 -1.23 32.78 -32.62
C GLY B 145 0.05 31.95 -32.57
N GLN B 146 0.25 31.30 -31.43
CA GLN B 146 1.42 30.45 -31.21
C GLN B 146 1.51 29.30 -32.21
N LYS B 147 2.71 29.13 -32.78
CA LYS B 147 2.97 28.07 -33.75
C LYS B 147 2.90 26.71 -33.06
N ASP B 148 3.84 26.44 -32.15
CA ASP B 148 3.85 25.19 -31.40
C ASP B 148 3.33 25.57 -30.02
N PRO B 149 2.03 25.32 -29.76
CA PRO B 149 1.25 25.59 -28.54
C PRO B 149 1.30 24.58 -27.40
N ILE B 150 1.67 23.33 -27.69
CA ILE B 150 1.72 22.34 -26.63
C ILE B 150 3.08 22.37 -25.93
N SER B 151 3.15 23.16 -24.87
CA SER B 151 4.36 23.30 -24.08
C SER B 151 3.94 23.28 -22.62
N PHE B 152 4.81 22.79 -21.74
CA PHE B 152 4.48 22.74 -20.34
C PHE B 152 3.97 24.09 -19.85
N ASP B 153 4.61 25.16 -20.29
CA ASP B 153 4.19 26.49 -19.86
C ASP B 153 2.74 26.78 -20.22
N ASN B 154 2.35 26.48 -21.44
CA ASN B 154 0.98 26.71 -21.84
C ASN B 154 0.07 25.79 -21.04
N PHE B 155 0.52 24.57 -20.81
CA PHE B 155 -0.23 23.58 -20.05
C PHE B 155 -0.61 24.22 -18.72
N ALA B 156 0.37 24.81 -18.03
CA ALA B 156 0.15 25.46 -16.75
C ALA B 156 -0.77 26.66 -16.91
N LEU B 157 -0.51 27.49 -17.91
CA LEU B 157 -1.34 28.69 -18.15
C LEU B 157 -2.81 28.35 -18.33
N ALA B 158 -3.06 27.25 -19.04
CA ALA B 158 -4.42 26.81 -19.28
C ALA B 158 -5.07 26.40 -17.97
N VAL B 159 -4.36 25.60 -17.18
CA VAL B 159 -4.83 25.15 -15.88
C VAL B 159 -5.07 26.36 -15.02
N GLU B 160 -4.18 27.33 -15.16
CA GLU B 160 -4.26 28.55 -14.40
C GLU B 160 -5.54 29.29 -14.74
N ALA B 161 -5.81 29.40 -16.04
CA ALA B 161 -7.01 30.08 -16.52
C ALA B 161 -8.24 29.47 -15.87
N PHE B 162 -8.35 28.15 -15.92
CA PHE B 162 -9.48 27.48 -15.34
C PHE B 162 -9.57 27.75 -13.83
N GLU B 163 -8.44 27.63 -13.13
CA GLU B 163 -8.42 27.86 -11.69
C GLU B 163 -8.99 29.22 -11.35
N ALA B 164 -8.73 30.19 -12.23
CA ALA B 164 -9.23 31.56 -12.01
C ALA B 164 -10.75 31.56 -12.03
N THR B 165 -11.29 30.47 -12.54
CA THR B 165 -12.73 30.25 -12.65
C THR B 165 -13.29 29.73 -11.33
N LEU B 166 -12.44 29.09 -10.54
CA LEU B 166 -12.85 28.54 -9.26
C LEU B 166 -12.77 29.54 -8.12
N ILE B 167 -13.63 30.55 -8.18
CA ILE B 167 -13.69 31.57 -7.14
C ILE B 167 -15.10 31.52 -6.58
N THR B 168 -15.24 31.91 -5.32
CA THR B 168 -16.56 31.87 -4.68
C THR B 168 -17.04 33.23 -4.14
N PRO B 169 -17.52 34.10 -5.04
CA PRO B 169 -17.98 35.40 -4.58
C PRO B 169 -19.33 35.37 -3.87
N ASN B 170 -19.69 36.52 -3.32
CA ASN B 170 -20.96 36.72 -2.64
C ASN B 170 -21.18 35.98 -1.32
N SER B 171 -20.11 35.72 -0.57
CA SER B 171 -20.26 35.05 0.73
C SER B 171 -21.04 36.03 1.61
N LYS B 172 -21.65 35.54 2.70
CA LYS B 172 -22.43 36.41 3.58
C LYS B 172 -21.52 37.54 4.06
N PHE B 173 -20.25 37.22 4.32
CA PHE B 173 -19.31 38.23 4.76
C PHE B 173 -19.15 39.32 3.70
N ASP B 174 -18.81 38.91 2.48
CA ASP B 174 -18.62 39.86 1.38
C ASP B 174 -19.84 40.77 1.22
N GLN B 175 -21.02 40.17 1.29
CA GLN B 175 -22.25 40.95 1.15
C GLN B 175 -22.29 42.04 2.19
N TRP B 176 -22.01 41.66 3.43
CA TRP B 176 -22.02 42.60 4.55
C TRP B 176 -20.93 43.65 4.34
N LEU B 177 -19.75 43.22 3.91
CA LEU B 177 -18.65 44.15 3.67
C LEU B 177 -19.04 45.19 2.63
N MET B 178 -19.89 44.81 1.70
CA MET B 178 -20.31 45.74 0.67
C MET B 178 -21.50 46.59 1.06
N GLY B 179 -21.95 46.45 2.30
CA GLY B 179 -23.07 47.26 2.75
C GLY B 179 -24.32 46.59 3.33
N ALA B 180 -24.45 45.28 3.19
CA ALA B 180 -25.62 44.60 3.72
C ALA B 180 -25.56 44.46 5.25
N ASP B 181 -25.93 45.52 5.96
CA ASP B 181 -25.91 45.49 7.42
C ASP B 181 -26.56 44.18 7.92
N GLY B 182 -27.53 43.66 7.17
CA GLY B 182 -28.21 42.45 7.60
C GLY B 182 -27.73 41.14 7.01
N ALA B 183 -26.65 41.19 6.26
CA ALA B 183 -26.10 39.97 5.66
C ALA B 183 -25.50 39.02 6.72
N MET B 184 -25.06 39.58 7.85
CA MET B 184 -24.50 38.78 8.92
C MET B 184 -25.33 38.96 10.19
N SER B 185 -25.24 38.00 11.10
CA SER B 185 -25.99 38.06 12.35
C SER B 185 -25.16 38.80 13.38
N ALA B 186 -25.78 39.12 14.51
CA ALA B 186 -25.07 39.80 15.58
C ALA B 186 -23.86 38.96 15.99
N ASP B 187 -24.10 37.69 16.30
CA ASP B 187 -23.02 36.80 16.71
C ASP B 187 -21.90 36.80 15.69
N GLU B 188 -22.26 36.66 14.42
CA GLU B 188 -21.29 36.62 13.35
C GLU B 188 -20.45 37.88 13.26
N LYS B 189 -21.04 39.00 13.63
CA LYS B 189 -20.31 40.26 13.60
C LYS B 189 -19.43 40.33 14.83
N ALA B 190 -19.93 39.76 15.92
CA ALA B 190 -19.17 39.73 17.16
C ALA B 190 -17.92 38.91 16.89
N GLY B 191 -18.10 37.82 16.15
CA GLY B 191 -17.00 36.95 15.80
C GLY B 191 -16.00 37.68 14.93
N LEU B 192 -16.50 38.58 14.09
CA LEU B 192 -15.63 39.36 13.23
C LEU B 192 -14.79 40.31 14.07
N LYS B 193 -15.43 41.02 15.01
CA LYS B 193 -14.72 41.95 15.86
C LYS B 193 -13.70 41.15 16.65
N LEU B 194 -14.17 40.08 17.26
CA LEU B 194 -13.31 39.21 18.06
C LEU B 194 -12.13 38.74 17.24
N PHE B 195 -12.43 38.25 16.04
CA PHE B 195 -11.42 37.77 15.11
C PHE B 195 -10.37 38.88 14.91
N ILE B 196 -10.82 40.07 14.55
CA ILE B 196 -9.90 41.18 14.34
C ILE B 196 -9.16 41.54 15.62
N ASP B 197 -9.94 41.88 16.65
CA ASP B 197 -9.37 42.28 17.93
C ASP B 197 -8.42 41.26 18.56
N THR B 198 -8.74 39.97 18.48
CA THR B 198 -7.88 38.95 19.09
C THR B 198 -6.53 38.78 18.39
N GLY B 199 -6.39 39.31 17.18
CA GLY B 199 -5.13 39.19 16.49
C GLY B 199 -5.11 38.25 15.30
N CYS B 200 -6.21 37.54 15.07
CA CYS B 200 -6.32 36.61 13.95
C CYS B 200 -6.01 37.27 12.62
N ALA B 201 -6.70 38.39 12.36
CA ALA B 201 -6.58 39.14 11.11
C ALA B 201 -5.15 39.55 10.80
N ALA B 202 -4.26 39.48 11.79
CA ALA B 202 -2.87 39.85 11.59
C ALA B 202 -2.19 38.86 10.65
N CYS B 203 -2.66 37.62 10.62
CA CYS B 203 -2.09 36.59 9.76
C CYS B 203 -3.09 36.09 8.74
N HIS B 204 -4.36 36.13 9.13
CA HIS B 204 -5.42 35.69 8.27
C HIS B 204 -6.16 36.89 7.74
N ASN B 205 -5.52 37.58 6.79
CA ASN B 205 -6.13 38.77 6.18
C ASN B 205 -6.05 38.71 4.67
N GLY B 206 -6.39 39.81 4.02
CA GLY B 206 -6.34 39.85 2.58
C GLY B 206 -7.68 39.48 2.02
N ILE B 207 -7.74 39.34 0.71
CA ILE B 207 -8.98 39.00 0.03
C ILE B 207 -9.45 37.62 0.45
N ASN B 208 -8.50 36.75 0.80
CA ASN B 208 -8.83 35.40 1.22
C ASN B 208 -8.80 35.14 2.71
N ILE B 209 -8.66 36.19 3.52
CA ILE B 209 -8.62 35.99 4.96
C ILE B 209 -7.55 34.92 5.28
N GLY B 210 -6.36 35.12 4.72
CA GLY B 210 -5.27 34.19 4.92
C GLY B 210 -4.62 33.92 3.57
N GLY B 211 -3.59 33.06 3.57
CA GLY B 211 -2.89 32.70 2.35
C GLY B 211 -1.91 33.74 1.85
N ASN B 212 -1.35 34.50 2.79
CA ASN B 212 -0.42 35.56 2.44
C ASN B 212 0.96 35.35 3.05
N GLY B 213 1.00 34.83 4.27
CA GLY B 213 2.29 34.63 4.91
C GLY B 213 2.47 33.37 5.71
N TYR B 214 3.73 33.09 6.05
CA TYR B 214 4.07 31.91 6.80
C TYR B 214 4.54 32.34 8.19
N TYR B 215 4.41 31.44 9.17
CA TYR B 215 4.81 31.73 10.54
C TYR B 215 5.45 30.51 11.18
N PRO B 216 6.37 30.73 12.15
CA PRO B 216 7.07 29.63 12.83
C PRO B 216 6.21 28.86 13.84
N PHE B 217 4.99 28.51 13.45
CA PHE B 217 4.08 27.77 14.32
C PHE B 217 3.36 26.67 13.56
N GLY B 218 2.94 25.65 14.30
CA GLY B 218 2.23 24.55 13.69
C GLY B 218 1.40 23.88 14.75
N VAL B 219 0.26 23.33 14.37
CA VAL B 219 -0.57 22.66 15.34
C VAL B 219 -0.09 21.24 15.45
N VAL B 220 0.02 20.76 16.69
CA VAL B 220 0.44 19.39 16.96
C VAL B 220 -0.61 18.77 17.87
N GLU B 221 -0.72 17.45 17.81
CA GLU B 221 -1.69 16.71 18.60
C GLU B 221 -1.01 16.32 19.90
N LYS B 222 -1.79 16.23 20.97
CA LYS B 222 -1.25 15.80 22.26
C LYS B 222 -1.40 14.29 22.30
N PRO B 223 -0.36 13.58 22.77
CA PRO B 223 -0.39 12.11 22.86
C PRO B 223 -1.66 11.59 23.53
N GLY B 224 -2.37 10.70 22.83
CA GLY B 224 -3.60 10.14 23.37
C GLY B 224 -4.78 11.09 23.18
N ALA B 225 -4.58 12.13 22.37
CA ALA B 225 -5.61 13.13 22.11
C ALA B 225 -6.95 12.52 21.72
N GLU B 226 -6.88 11.38 21.02
CA GLU B 226 -8.07 10.69 20.55
C GLU B 226 -8.95 10.09 21.65
N VAL B 227 -9.13 10.83 22.73
CA VAL B 227 -9.98 10.33 23.78
C VAL B 227 -11.30 11.11 23.86
N LEU B 228 -11.30 12.39 23.47
CA LEU B 228 -12.53 13.19 23.46
C LEU B 228 -12.45 14.51 22.66
N PRO B 229 -13.25 14.63 21.57
CA PRO B 229 -13.32 15.78 20.66
C PRO B 229 -14.37 16.88 20.92
N ASP B 232 -13.11 19.47 23.09
CA ASP B 232 -12.41 19.13 24.34
C ASP B 232 -11.01 19.70 24.56
N LYS B 233 -10.79 19.96 25.83
CA LYS B 233 -9.61 20.51 26.51
C LYS B 233 -8.12 20.61 26.14
N GLY B 234 -7.64 20.08 25.03
CA GLY B 234 -6.21 20.22 24.83
C GLY B 234 -5.71 18.92 24.27
N ARG B 235 -6.34 18.58 23.16
CA ARG B 235 -6.00 17.40 22.41
C ARG B 235 -4.88 17.90 21.52
N PHE B 236 -5.01 19.16 21.11
CA PHE B 236 -4.01 19.76 20.25
C PHE B 236 -3.46 20.99 20.90
N ALA B 237 -2.51 21.62 20.23
CA ALA B 237 -1.92 22.82 20.77
C ALA B 237 -1.00 23.44 19.74
N VAL B 238 -1.05 24.75 19.65
CA VAL B 238 -0.19 25.44 18.73
C VAL B 238 1.16 25.48 19.40
N THR B 239 2.21 25.08 18.69
CA THR B 239 3.53 25.12 19.29
C THR B 239 4.52 25.63 18.25
N ALA B 240 5.62 26.19 18.72
CA ALA B 240 6.64 26.73 17.83
C ALA B 240 7.30 25.61 17.04
N THR B 241 7.52 25.84 15.75
CA THR B 241 8.17 24.86 14.88
C THR B 241 9.58 24.58 15.42
N ALA B 242 10.22 23.52 14.94
CA ALA B 242 11.57 23.16 15.40
C ALA B 242 12.53 24.33 15.24
N ASP B 243 13.07 24.52 14.04
CA ASP B 243 13.96 25.64 13.78
C ASP B 243 13.12 26.91 13.75
N ASP B 244 13.73 28.03 14.07
CA ASP B 244 13.03 29.31 14.06
C ASP B 244 12.80 29.79 12.60
N GLU B 245 13.61 29.25 11.68
CA GLU B 245 13.56 29.60 10.26
C GLU B 245 12.63 28.70 9.46
N TYR B 246 11.90 27.84 10.17
CA TYR B 246 10.95 26.95 9.53
C TYR B 246 9.56 27.54 9.77
N VAL B 247 8.77 27.61 8.71
CA VAL B 247 7.45 28.20 8.86
C VAL B 247 6.30 27.48 8.20
N PHE B 248 5.12 27.74 8.74
CA PHE B 248 3.88 27.19 8.23
C PHE B 248 3.01 28.34 7.77
N ARG B 249 2.26 28.09 6.72
CA ARG B 249 1.41 29.11 6.17
C ARG B 249 0.12 29.30 6.97
N ALA B 250 -0.25 30.57 7.16
CA ALA B 250 -1.48 30.94 7.82
C ALA B 250 -2.49 30.88 6.66
N GLY B 251 -3.10 29.72 6.49
CA GLY B 251 -4.03 29.48 5.39
C GLY B 251 -5.24 30.34 5.25
N PRO B 252 -5.76 30.50 4.02
CA PRO B 252 -6.96 31.30 3.76
C PRO B 252 -8.13 30.61 4.41
N LEU B 253 -8.97 31.39 5.10
CA LEU B 253 -10.11 30.81 5.81
C LEU B 253 -11.42 30.83 5.03
N ARG B 254 -11.39 31.34 3.81
CA ARG B 254 -12.61 31.38 3.02
C ARG B 254 -13.09 29.96 2.74
N ASN B 255 -14.41 29.75 2.83
CA ASN B 255 -15.02 28.45 2.58
C ASN B 255 -14.56 27.38 3.54
N ILE B 256 -13.86 27.77 4.59
CA ILE B 256 -13.34 26.80 5.56
C ILE B 256 -14.42 25.86 6.10
N ALA B 257 -15.65 26.35 6.18
CA ALA B 257 -16.73 25.53 6.67
C ALA B 257 -16.84 24.28 5.83
N LEU B 258 -16.34 24.35 4.59
CA LEU B 258 -16.42 23.22 3.66
C LEU B 258 -15.14 22.44 3.50
N THR B 259 -14.05 22.94 4.09
CA THR B 259 -12.78 22.28 3.89
C THR B 259 -12.15 21.45 5.03
N ALA B 260 -12.99 20.80 5.81
CA ALA B 260 -12.51 19.97 6.89
C ALA B 260 -11.80 18.76 6.27
N PRO B 261 -10.85 18.15 6.97
CA PRO B 261 -10.35 18.49 8.32
C PRO B 261 -9.44 19.73 8.24
N TYR B 262 -8.96 20.17 9.39
CA TYR B 262 -8.13 21.38 9.43
C TYR B 262 -6.67 21.27 9.89
N PHE B 263 -5.89 22.30 9.57
CA PHE B 263 -4.45 22.37 9.88
C PHE B 263 -3.65 21.48 8.90
N HIS B 264 -2.35 21.72 8.77
CA HIS B 264 -1.53 20.96 7.83
C HIS B 264 -1.62 19.44 7.97
N SER B 265 -1.92 18.95 9.18
CA SER B 265 -2.01 17.52 9.42
C SER B 265 -3.40 16.99 9.16
N GLY B 266 -4.38 17.90 9.13
CA GLY B 266 -5.75 17.51 8.88
C GLY B 266 -6.26 16.61 9.98
N LYS B 267 -5.78 16.83 11.20
CA LYS B 267 -6.21 16.00 12.33
C LYS B 267 -7.38 16.54 13.15
N VAL B 268 -7.67 17.83 13.02
CA VAL B 268 -8.83 18.41 13.71
C VAL B 268 -9.98 18.48 12.69
N TRP B 269 -11.07 17.78 12.99
CA TRP B 269 -12.18 17.77 12.07
C TRP B 269 -13.24 18.82 12.33
N ASP B 270 -13.39 19.21 13.59
CA ASP B 270 -14.38 20.22 13.96
C ASP B 270 -13.81 21.62 13.79
N LEU B 271 -14.54 22.48 13.07
CA LEU B 271 -14.11 23.85 12.87
C LEU B 271 -14.01 24.59 14.21
N ARG B 272 -15.02 24.40 15.05
CA ARG B 272 -15.06 25.05 16.35
C ARG B 272 -13.81 24.77 17.14
N GLU B 273 -13.32 23.53 17.07
CA GLU B 273 -12.10 23.16 17.80
C GLU B 273 -10.87 23.81 17.19
N ALA B 274 -10.83 23.89 15.85
CA ALA B 274 -9.70 24.51 15.16
C ALA B 274 -9.58 25.96 15.63
N VAL B 275 -10.72 26.64 15.68
CA VAL B 275 -10.76 28.03 16.15
C VAL B 275 -10.27 28.04 17.59
N SER B 276 -10.74 27.08 18.35
CA SER B 276 -10.36 26.96 19.72
C SER B 276 -8.86 26.71 19.93
N VAL B 277 -8.30 25.69 19.28
CA VAL B 277 -6.86 25.39 19.48
C VAL B 277 -6.01 26.56 19.08
N MET B 278 -6.54 27.39 18.20
CA MET B 278 -5.77 28.56 17.76
C MET B 278 -6.01 29.77 18.68
N ALA B 279 -7.25 29.94 19.15
CA ALA B 279 -7.58 31.04 20.04
C ALA B 279 -6.79 30.91 21.34
N ASN B 280 -6.86 29.73 21.93
CA ASN B 280 -6.18 29.42 23.18
C ASN B 280 -4.75 28.99 22.94
N SER B 281 -3.95 29.95 22.48
CA SER B 281 -2.56 29.72 22.16
C SER B 281 -1.86 31.05 22.27
N GLN B 282 -0.55 30.99 22.12
CA GLN B 282 0.30 32.17 22.17
C GLN B 282 -0.01 33.09 20.99
N LEU B 283 -1.06 32.78 20.25
CA LEU B 283 -1.47 33.57 19.08
C LEU B 283 -2.87 34.16 19.29
N GLY B 284 -3.58 33.63 20.28
CA GLY B 284 -4.90 34.13 20.54
C GLY B 284 -5.00 34.72 21.93
N ALA B 285 -6.21 34.79 22.45
CA ALA B 285 -6.47 35.34 23.77
C ALA B 285 -7.45 34.45 24.54
N THR B 286 -7.65 34.77 25.81
CA THR B 286 -8.56 34.00 26.64
C THR B 286 -9.96 34.22 26.08
N LEU B 287 -10.44 33.24 25.32
CA LEU B 287 -11.76 33.36 24.73
C LEU B 287 -12.73 32.35 25.27
N ASP B 288 -13.59 32.83 26.17
CA ASP B 288 -14.55 31.93 26.73
C ASP B 288 -15.33 31.43 25.56
N ASP B 289 -15.87 30.26 25.81
CA ASP B 289 -16.68 29.47 24.92
C ASP B 289 -17.59 30.26 23.97
N THR B 290 -18.22 31.33 24.44
CA THR B 290 -19.12 32.13 23.59
C THR B 290 -18.30 32.84 22.52
N GLN B 291 -17.21 33.44 22.96
CA GLN B 291 -16.32 34.16 22.06
C GLN B 291 -15.84 33.22 20.97
N VAL B 292 -15.37 32.04 21.37
CA VAL B 292 -14.90 31.06 20.40
C VAL B 292 -16.05 30.77 19.43
N ASP B 293 -17.24 30.50 19.98
CA ASP B 293 -18.42 30.20 19.18
C ASP B 293 -18.71 31.26 18.14
N GLN B 294 -18.49 32.51 18.51
CA GLN B 294 -18.74 33.63 17.60
C GLN B 294 -17.71 33.74 16.50
N ILE B 295 -16.45 33.51 16.82
CA ILE B 295 -15.43 33.58 15.80
C ILE B 295 -15.71 32.48 14.78
N THR B 296 -16.00 31.28 15.27
CA THR B 296 -16.29 30.18 14.35
C THR B 296 -17.58 30.47 13.60
N ALA B 297 -18.48 31.20 14.24
CA ALA B 297 -19.73 31.57 13.60
C ALA B 297 -19.39 32.54 12.47
N PHE B 298 -18.41 33.39 12.71
CA PHE B 298 -17.96 34.36 11.71
C PHE B 298 -17.30 33.62 10.56
N LEU B 299 -16.49 32.61 10.87
CA LEU B 299 -15.82 31.87 9.80
C LEU B 299 -16.81 31.22 8.84
N GLY B 300 -17.94 30.75 9.35
CA GLY B 300 -18.92 30.12 8.49
C GLY B 300 -19.48 31.14 7.51
N THR B 301 -19.25 32.40 7.84
CA THR B 301 -19.70 33.53 7.05
C THR B 301 -18.85 33.75 5.79
N LEU B 302 -17.78 32.96 5.67
CA LEU B 302 -16.86 33.08 4.55
C LEU B 302 -17.10 32.08 3.41
N THR B 303 -18.19 31.33 3.51
CA THR B 303 -18.55 30.37 2.48
C THR B 303 -19.26 31.14 1.37
N GLY B 304 -18.68 31.09 0.17
CA GLY B 304 -19.27 31.81 -0.96
C GLY B 304 -19.99 30.91 -1.93
N GLU B 305 -20.62 31.51 -2.95
CA GLU B 305 -21.35 30.75 -3.96
C GLU B 305 -20.37 29.86 -4.73
N GLN B 306 -20.55 28.55 -4.61
CA GLN B 306 -19.68 27.58 -5.26
C GLN B 306 -19.79 27.61 -6.79
N PRO B 307 -18.66 27.45 -7.50
CA PRO B 307 -18.73 27.48 -8.96
C PRO B 307 -19.48 26.27 -9.50
N GLU B 308 -20.37 26.52 -10.46
CA GLU B 308 -21.12 25.44 -11.09
C GLU B 308 -20.16 25.00 -12.20
N VAL B 309 -19.64 23.78 -12.10
CA VAL B 309 -18.70 23.30 -13.11
C VAL B 309 -19.17 22.04 -13.80
N VAL B 310 -19.25 22.10 -15.12
CA VAL B 310 -19.64 20.95 -15.92
C VAL B 310 -18.40 20.07 -16.06
N HIS B 311 -18.54 18.77 -15.78
CA HIS B 311 -17.40 17.90 -15.92
C HIS B 311 -17.05 17.82 -17.38
N PRO B 312 -15.84 18.25 -17.75
CA PRO B 312 -15.45 18.20 -19.15
C PRO B 312 -15.33 16.79 -19.74
N ILE B 313 -15.56 16.69 -21.04
CA ILE B 313 -15.43 15.43 -21.75
C ILE B 313 -13.97 15.40 -22.17
N LEU B 314 -13.19 14.54 -21.51
CA LEU B 314 -11.76 14.40 -21.77
C LEU B 314 -11.44 13.78 -23.12
N PRO B 315 -10.39 14.31 -23.81
CA PRO B 315 -10.03 13.75 -25.11
C PRO B 315 -9.61 12.28 -25.02
N VAL B 316 -9.88 11.54 -26.10
CA VAL B 316 -9.54 10.11 -26.17
C VAL B 316 -8.05 9.87 -26.31
N ARG B 317 -7.57 8.78 -25.72
CA ARG B 317 -6.15 8.45 -25.78
C ARG B 317 -5.75 7.81 -27.10
N SER B 318 -4.45 7.79 -27.35
CA SER B 318 -3.93 7.19 -28.58
C SER B 318 -2.85 6.20 -28.18
N ALA B 319 -2.38 5.45 -29.16
CA ALA B 319 -1.33 4.47 -28.93
C ALA B 319 -0.08 5.13 -28.37
N GLN B 320 0.09 6.42 -28.63
CA GLN B 320 1.27 7.14 -28.14
C GLN B 320 1.10 7.66 -26.73
N THR B 321 -0.13 7.60 -26.21
CA THR B 321 -0.39 8.08 -24.86
C THR B 321 0.26 7.16 -23.84
N PRO B 322 1.14 7.73 -22.99
CA PRO B 322 1.82 6.95 -21.97
C PRO B 322 0.79 6.19 -21.15
N ARG B 323 1.08 4.92 -20.87
CA ARG B 323 0.15 4.11 -20.09
C ARG B 323 0.32 4.38 -18.60
N PRO B 324 -0.74 4.17 -17.82
CA PRO B 324 -0.73 4.39 -16.37
C PRO B 324 0.33 3.53 -15.70
N GLU B 325 0.87 4.00 -14.59
CA GLU B 325 1.91 3.28 -13.86
C GLU B 325 1.67 1.76 -13.63
N HIS B 326 0.49 1.38 -13.15
CA HIS B 326 0.18 -0.05 -12.88
C HIS B 326 0.99 -0.59 -11.68
N ALA C 4 -31.85 -3.38 -46.12
CA ALA C 4 -31.67 -4.86 -46.07
C ALA C 4 -30.73 -5.26 -44.94
N LEU C 5 -29.53 -4.69 -44.95
CA LEU C 5 -28.56 -4.95 -43.90
C LEU C 5 -29.17 -4.35 -42.64
N ARG C 6 -29.87 -3.24 -42.81
CA ARG C 6 -30.51 -2.58 -41.69
C ARG C 6 -31.58 -3.48 -41.10
N GLU C 7 -32.32 -4.14 -41.96
CA GLU C 7 -33.38 -5.05 -41.52
C GLU C 7 -32.74 -6.11 -40.64
N GLU C 8 -31.62 -6.66 -41.11
CA GLU C 8 -30.88 -7.69 -40.40
C GLU C 8 -30.35 -7.15 -39.07
N ALA C 9 -29.72 -5.97 -39.13
CA ALA C 9 -29.16 -5.34 -37.95
C ALA C 9 -30.26 -5.04 -36.94
N LYS C 10 -31.41 -4.61 -37.44
CA LYS C 10 -32.55 -4.28 -36.59
C LYS C 10 -33.01 -5.48 -35.79
N GLY C 11 -32.68 -6.66 -36.30
CA GLY C 11 -33.08 -7.91 -35.65
C GLY C 11 -32.10 -8.31 -34.55
N LEU C 12 -30.95 -7.67 -34.51
CA LEU C 12 -29.93 -7.99 -33.52
C LEU C 12 -29.66 -6.91 -32.50
N PHE C 13 -29.94 -5.66 -32.85
CA PHE C 13 -29.68 -4.58 -31.92
C PHE C 13 -30.80 -3.57 -31.79
N GLU C 14 -30.63 -2.69 -30.80
CA GLU C 14 -31.57 -1.62 -30.55
C GLU C 14 -30.74 -0.38 -30.38
N VAL C 15 -31.36 0.77 -30.62
CA VAL C 15 -30.69 2.03 -30.50
C VAL C 15 -30.85 2.50 -29.05
N ILE C 16 -30.02 3.44 -28.61
CA ILE C 16 -30.12 3.97 -27.26
C ILE C 16 -31.18 5.08 -27.30
N PRO C 17 -32.19 5.00 -26.42
CA PRO C 17 -33.26 6.01 -26.41
C PRO C 17 -32.76 7.40 -25.96
N MET C 18 -33.55 8.44 -26.22
CA MET C 18 -33.16 9.79 -25.84
C MET C 18 -33.08 9.89 -24.33
N GLN C 19 -33.88 9.06 -23.66
CA GLN C 19 -33.86 9.03 -22.20
C GLN C 19 -34.31 7.66 -21.76
N ALA C 20 -33.59 7.07 -20.81
CA ALA C 20 -33.94 5.75 -20.31
C ALA C 20 -35.34 5.83 -19.75
N PRO C 21 -36.18 4.82 -20.04
CA PRO C 21 -37.57 4.74 -19.58
C PRO C 21 -37.79 4.66 -18.05
N GLN C 22 -36.83 5.20 -17.30
CA GLN C 22 -36.87 5.21 -15.85
C GLN C 22 -38.23 5.62 -15.31
N ASN C 27 -40.98 14.33 -12.81
CA ASN C 27 -42.00 14.38 -11.79
C ASN C 27 -41.55 15.26 -10.62
N THR C 28 -40.42 15.93 -10.81
CA THR C 28 -39.86 16.79 -9.77
C THR C 28 -39.29 15.89 -8.68
N VAL C 29 -40.01 14.81 -8.37
CA VAL C 29 -39.56 13.85 -7.38
C VAL C 29 -38.50 13.01 -8.05
N THR C 30 -38.62 12.86 -9.38
CA THR C 30 -37.65 12.08 -10.15
C THR C 30 -36.50 12.98 -10.62
N ARG C 31 -36.72 14.28 -10.68
CA ARG C 31 -35.64 15.16 -11.07
C ARG C 31 -34.77 15.28 -9.81
N ASP C 32 -35.42 15.12 -8.65
CA ASP C 32 -34.77 15.17 -7.35
C ASP C 32 -34.11 13.85 -7.02
N LYS C 33 -34.71 12.77 -7.49
CA LYS C 33 -34.13 11.45 -7.26
C LYS C 33 -32.81 11.47 -8.02
N ILE C 34 -32.84 12.08 -9.20
CA ILE C 34 -31.65 12.19 -10.05
C ILE C 34 -30.61 13.06 -9.36
N ASP C 35 -31.01 14.22 -8.84
CA ASP C 35 -30.05 15.08 -8.16
C ASP C 35 -29.39 14.38 -6.97
N LEU C 36 -30.16 13.63 -6.20
CA LEU C 36 -29.61 12.94 -5.05
C LEU C 36 -28.62 11.91 -5.54
N GLY C 37 -28.99 11.20 -6.59
CA GLY C 37 -28.13 10.18 -7.16
C GLY C 37 -26.80 10.77 -7.62
N ALA C 38 -26.87 11.93 -8.27
CA ALA C 38 -25.68 12.60 -8.76
C ALA C 38 -24.69 12.82 -7.63
N MET C 39 -25.18 13.41 -6.54
CA MET C 39 -24.33 13.66 -5.39
C MET C 39 -23.69 12.38 -4.90
N LEU C 40 -24.51 11.36 -4.61
CA LEU C 40 -23.99 10.08 -4.14
C LEU C 40 -22.97 9.53 -5.14
N PHE C 41 -23.31 9.57 -6.43
CA PHE C 41 -22.42 9.09 -7.45
C PHE C 41 -21.08 9.81 -7.42
N PHE C 42 -21.11 11.10 -7.14
CA PHE C 42 -19.87 11.88 -7.11
C PHE C 42 -19.26 12.06 -5.73
N ASP C 43 -19.87 11.46 -4.72
CA ASP C 43 -19.35 11.63 -3.37
C ASP C 43 -18.34 10.55 -3.00
N PRO C 44 -17.07 10.95 -2.81
CA PRO C 44 -15.96 10.07 -2.45
C PRO C 44 -16.05 9.61 -1.00
N ARG C 45 -16.90 10.28 -0.23
CA ARG C 45 -17.08 9.93 1.16
C ARG C 45 -17.94 8.70 1.31
N MET C 46 -18.48 8.23 0.19
CA MET C 46 -19.28 7.03 0.19
C MET C 46 -18.33 5.81 0.22
N SER C 47 -17.05 6.04 -0.04
CA SER C 47 -16.07 4.96 0.00
C SER C 47 -15.44 4.97 1.39
N LYS C 48 -15.07 3.78 1.87
CA LYS C 48 -14.49 3.65 3.19
C LYS C 48 -13.30 4.59 3.42
N SER C 49 -12.42 4.65 2.41
CA SER C 49 -11.22 5.49 2.45
C SER C 49 -11.51 6.97 2.21
N GLY C 50 -12.67 7.26 1.63
CA GLY C 50 -13.03 8.64 1.36
C GLY C 50 -12.33 9.24 0.15
N VAL C 51 -11.74 8.39 -0.69
CA VAL C 51 -11.05 8.90 -1.87
C VAL C 51 -11.78 8.52 -3.16
N PHE C 52 -12.55 7.44 -3.13
CA PHE C 52 -13.26 7.02 -4.33
C PHE C 52 -14.75 7.25 -4.31
N SER C 53 -15.24 7.85 -5.39
CA SER C 53 -16.66 8.08 -5.57
C SER C 53 -16.92 7.24 -6.83
N CYS C 54 -18.18 6.95 -7.16
CA CYS C 54 -18.45 6.15 -8.36
C CYS C 54 -17.72 6.79 -9.53
N GLN C 55 -17.88 8.11 -9.63
CA GLN C 55 -17.30 8.93 -10.68
C GLN C 55 -15.80 8.64 -10.87
N SER C 56 -15.10 8.45 -9.77
CA SER C 56 -13.67 8.18 -9.81
C SER C 56 -13.32 7.07 -10.79
N CYS C 57 -14.04 5.95 -10.69
CA CYS C 57 -13.79 4.80 -11.56
C CYS C 57 -14.69 4.72 -12.76
N HIS C 58 -15.83 5.42 -12.70
CA HIS C 58 -16.78 5.46 -13.80
C HIS C 58 -16.88 6.93 -14.17
N ASN C 59 -15.72 7.48 -14.51
CA ASN C 59 -15.56 8.87 -14.87
C ASN C 59 -16.44 9.29 -16.03
N VAL C 60 -17.36 10.20 -15.76
CA VAL C 60 -18.26 10.68 -16.79
C VAL C 60 -17.53 11.44 -17.89
N GLY C 61 -16.26 11.75 -17.65
CA GLY C 61 -15.47 12.47 -18.64
C GLY C 61 -14.61 11.50 -19.44
N LEU C 62 -14.54 10.25 -18.98
CA LEU C 62 -13.76 9.19 -19.64
C LEU C 62 -14.64 8.03 -20.06
N GLY C 63 -15.68 8.28 -20.83
CA GLY C 63 -16.53 7.18 -21.23
C GLY C 63 -16.99 6.32 -20.06
N GLY C 64 -17.21 6.95 -18.92
CA GLY C 64 -17.70 6.25 -17.74
C GLY C 64 -16.80 5.16 -17.21
N VAL C 65 -15.53 5.23 -17.52
CA VAL C 65 -14.56 4.23 -17.05
C VAL C 65 -13.48 4.96 -16.27
N ASP C 66 -12.40 4.26 -15.88
CA ASP C 66 -11.32 4.91 -15.14
C ASP C 66 -10.00 4.96 -15.91
N GLY C 67 -9.98 4.33 -17.07
CA GLY C 67 -8.79 4.32 -17.89
C GLY C 67 -7.61 3.50 -17.37
N LEU C 68 -7.88 2.64 -16.39
CA LEU C 68 -6.82 1.81 -15.84
C LEU C 68 -6.99 0.36 -16.28
N GLU C 69 -5.93 -0.43 -16.17
CA GLU C 69 -6.02 -1.84 -16.57
C GLU C 69 -7.07 -2.51 -15.69
N THR C 70 -6.96 -2.31 -14.38
CA THR C 70 -7.91 -2.87 -13.44
C THR C 70 -8.04 -1.99 -12.21
N SER C 71 -9.05 -2.27 -11.40
CA SER C 71 -9.30 -1.56 -10.16
C SER C 71 -10.21 -2.46 -9.35
N ILE C 72 -10.52 -2.07 -8.12
CA ILE C 72 -11.38 -2.87 -7.26
C ILE C 72 -12.34 -2.02 -6.45
N GLY C 73 -13.65 -2.16 -6.73
CA GLY C 73 -14.62 -1.36 -6.00
C GLY C 73 -15.95 -1.96 -5.57
N HIS C 74 -16.10 -3.28 -5.72
CA HIS C 74 -17.34 -3.95 -5.35
C HIS C 74 -17.04 -5.29 -4.68
N GLY C 75 -17.80 -5.60 -3.63
CA GLY C 75 -17.60 -6.85 -2.92
C GLY C 75 -17.76 -8.11 -3.77
N TRP C 76 -18.70 -8.08 -4.71
CA TRP C 76 -18.95 -9.23 -5.58
C TRP C 76 -17.76 -9.56 -6.47
N GLN C 77 -16.89 -8.59 -6.70
CA GLN C 77 -15.73 -8.76 -7.56
C GLN C 77 -14.91 -10.01 -7.22
N LYS C 78 -14.51 -10.71 -8.27
CA LYS C 78 -13.73 -11.94 -8.15
C LYS C 78 -12.24 -11.64 -8.22
N GLY C 79 -11.89 -10.36 -8.20
CA GLY C 79 -10.49 -9.99 -8.26
C GLY C 79 -10.34 -8.70 -9.04
N PRO C 80 -9.12 -8.17 -9.17
CA PRO C 80 -8.94 -6.93 -9.92
C PRO C 80 -9.51 -7.08 -11.32
N ARG C 81 -10.46 -6.22 -11.68
CA ARG C 81 -11.09 -6.27 -13.02
C ARG C 81 -11.10 -4.88 -13.68
N ASN C 82 -11.17 -4.87 -15.01
CA ASN C 82 -11.21 -3.62 -15.75
C ASN C 82 -12.61 -3.01 -15.60
N ALA C 83 -12.66 -1.82 -15.03
CA ALA C 83 -13.93 -1.12 -14.81
C ALA C 83 -14.70 -0.82 -16.10
N PRO C 84 -15.93 -1.33 -16.22
CA PRO C 84 -16.79 -1.12 -17.37
C PRO C 84 -17.46 0.24 -17.28
N THR C 85 -17.82 0.80 -18.42
CA THR C 85 -18.45 2.10 -18.43
C THR C 85 -19.81 2.06 -17.74
N ALA C 86 -20.13 3.16 -17.06
CA ALA C 86 -21.42 3.29 -16.38
C ALA C 86 -22.43 3.71 -17.44
N LEU C 87 -21.91 4.26 -18.54
CA LEU C 87 -22.74 4.71 -19.65
C LEU C 87 -23.58 3.57 -20.24
N ASN C 88 -24.90 3.75 -20.17
CA ASN C 88 -25.86 2.78 -20.71
C ASN C 88 -25.91 1.50 -19.88
N ALA C 89 -25.12 1.47 -18.82
CA ALA C 89 -25.06 0.31 -17.96
C ALA C 89 -26.45 -0.12 -17.46
N VAL C 90 -27.36 0.83 -17.37
CA VAL C 90 -28.70 0.51 -16.89
C VAL C 90 -29.43 -0.48 -17.78
N PHE C 91 -29.04 -0.55 -19.05
CA PHE C 91 -29.69 -1.46 -19.98
C PHE C 91 -29.12 -2.86 -19.97
N ASN C 92 -28.03 -3.05 -19.25
CA ASN C 92 -27.41 -4.37 -19.20
C ASN C 92 -28.20 -5.33 -18.34
N VAL C 93 -28.37 -6.55 -18.84
CA VAL C 93 -29.08 -7.57 -18.09
C VAL C 93 -28.01 -8.36 -17.30
N ALA C 94 -26.84 -8.54 -17.90
CA ALA C 94 -25.72 -9.22 -17.25
C ALA C 94 -24.81 -8.11 -16.75
N GLN C 95 -24.72 -7.93 -15.44
CA GLN C 95 -23.90 -6.84 -14.92
C GLN C 95 -22.59 -7.18 -14.22
N PHE C 96 -22.13 -8.42 -14.35
CA PHE C 96 -20.88 -8.78 -13.70
C PHE C 96 -19.87 -9.25 -14.73
N TRP C 97 -18.60 -9.23 -14.34
CA TRP C 97 -17.54 -9.62 -15.23
C TRP C 97 -17.38 -11.13 -15.40
N ASP C 98 -17.44 -11.83 -14.28
CA ASP C 98 -17.24 -13.26 -14.31
C ASP C 98 -17.75 -13.94 -13.04
N GLY C 99 -17.79 -15.26 -13.06
CA GLY C 99 -18.24 -16.00 -11.91
C GLY C 99 -18.83 -17.32 -12.35
N ARG C 100 -19.27 -18.14 -11.39
CA ARG C 100 -19.86 -19.42 -11.71
C ARG C 100 -21.28 -19.12 -12.17
N ALA C 101 -21.63 -19.68 -13.32
CA ALA C 101 -22.96 -19.48 -13.88
C ALA C 101 -24.06 -19.43 -12.82
N PRO C 102 -24.21 -20.48 -12.00
CA PRO C 102 -25.24 -20.51 -10.95
C PRO C 102 -25.22 -19.27 -10.11
N ASP C 103 -24.06 -18.97 -9.56
CA ASP C 103 -23.86 -17.80 -8.69
C ASP C 103 -24.34 -16.52 -9.37
N LEU C 104 -23.87 -16.29 -10.60
CA LEU C 104 -24.23 -15.08 -11.35
C LEU C 104 -25.73 -14.97 -11.60
N ALA C 105 -26.39 -16.10 -11.85
CA ALA C 105 -27.82 -16.11 -12.10
C ALA C 105 -28.59 -15.60 -10.90
N ALA C 106 -28.27 -16.12 -9.73
CA ALA C 106 -28.92 -15.73 -8.49
C ALA C 106 -28.35 -14.41 -7.94
N GLN C 107 -27.14 -14.08 -8.34
CA GLN C 107 -26.48 -12.86 -7.87
C GLN C 107 -27.18 -11.62 -8.40
N ALA C 108 -27.75 -11.72 -9.60
CA ALA C 108 -28.45 -10.60 -10.20
C ALA C 108 -29.95 -10.80 -10.04
N MET C 118 -17.37 -2.37 -1.34
CA MET C 118 -16.12 -3.04 -1.05
C MET C 118 -15.94 -3.28 0.45
N ASN C 119 -16.06 -2.21 1.24
CA ASN C 119 -15.94 -2.29 2.69
C ASN C 119 -17.11 -1.57 3.39
N ASN C 120 -17.32 -0.30 3.06
CA ASN C 120 -18.40 0.51 3.65
C ASN C 120 -19.75 -0.22 3.61
N THR C 121 -20.08 -0.88 4.71
CA THR C 121 -21.34 -1.62 4.84
C THR C 121 -22.54 -0.70 4.64
N PRO C 122 -23.71 -1.27 4.32
CA PRO C 122 -24.91 -0.45 4.13
C PRO C 122 -25.15 0.39 5.37
N GLU C 123 -24.67 -0.12 6.51
CA GLU C 123 -24.78 0.56 7.79
C GLU C 123 -24.03 1.90 7.72
N ASN C 124 -22.75 1.84 7.34
CA ASN C 124 -21.92 3.04 7.23
C ASN C 124 -22.49 4.02 6.21
N LEU C 125 -22.86 3.52 5.04
CA LEU C 125 -23.43 4.37 4.01
C LEU C 125 -24.59 5.17 4.57
N VAL C 126 -25.58 4.46 5.10
CA VAL C 126 -26.75 5.11 5.66
C VAL C 126 -26.31 6.11 6.71
N ALA C 127 -25.35 5.71 7.53
CA ALA C 127 -24.82 6.57 8.58
C ALA C 127 -24.23 7.83 7.97
N THR C 128 -23.37 7.63 6.98
CA THR C 128 -22.72 8.71 6.28
C THR C 128 -23.74 9.69 5.74
N VAL C 129 -24.67 9.17 4.95
CA VAL C 129 -25.70 9.99 4.37
C VAL C 129 -26.49 10.62 5.48
N GLN C 130 -26.89 9.79 6.43
CA GLN C 130 -27.64 10.25 7.58
C GLN C 130 -26.98 11.46 8.25
N SER C 131 -25.65 11.39 8.43
CA SER C 131 -24.89 12.44 9.10
C SER C 131 -24.81 13.81 8.44
N MET C 132 -25.38 13.96 7.24
CA MET C 132 -25.32 15.25 6.55
C MET C 132 -26.67 15.88 6.26
N PRO C 133 -26.94 17.06 6.85
CA PRO C 133 -28.18 17.80 6.67
C PRO C 133 -28.57 17.92 5.19
N GLY C 134 -27.58 18.17 4.33
CA GLY C 134 -27.85 18.30 2.92
C GLY C 134 -28.44 17.02 2.36
N TYR C 135 -27.88 15.86 2.77
CA TYR C 135 -28.36 14.55 2.32
C TYR C 135 -29.71 14.23 2.91
N VAL C 136 -29.95 14.75 4.09
CA VAL C 136 -31.23 14.55 4.77
C VAL C 136 -32.35 15.23 4.01
N GLU C 137 -32.13 16.49 3.63
CA GLU C 137 -33.16 17.21 2.89
C GLU C 137 -33.23 16.71 1.45
N ALA C 138 -32.09 16.27 0.92
CA ALA C 138 -32.00 15.76 -0.44
C ALA C 138 -32.80 14.46 -0.57
N PHE C 139 -32.77 13.63 0.46
CA PHE C 139 -33.52 12.37 0.46
C PHE C 139 -34.98 12.68 0.66
N ALA C 140 -35.25 13.74 1.40
CA ALA C 140 -36.61 14.18 1.66
C ALA C 140 -37.29 14.54 0.33
N LYS C 141 -36.62 15.35 -0.47
CA LYS C 141 -37.14 15.77 -1.76
C LYS C 141 -37.30 14.58 -2.70
N ALA C 142 -36.31 13.69 -2.69
CA ALA C 142 -36.32 12.51 -3.55
C ALA C 142 -37.37 11.47 -3.17
N PHE C 143 -37.73 11.40 -1.90
CA PHE C 143 -38.73 10.42 -1.44
C PHE C 143 -39.80 10.96 -0.51
N PRO C 144 -40.92 11.43 -1.08
CA PRO C 144 -42.04 11.99 -0.32
C PRO C 144 -42.75 11.02 0.63
N GLY C 145 -43.47 10.05 0.09
CA GLY C 145 -44.12 9.08 0.93
C GLY C 145 -43.04 8.21 1.54
N GLN C 146 -42.51 8.62 2.69
CA GLN C 146 -41.45 7.88 3.37
C GLN C 146 -41.38 8.26 4.83
N LYS C 147 -41.36 7.26 5.71
CA LYS C 147 -41.28 7.53 7.15
C LYS C 147 -39.83 7.56 7.61
N ASP C 148 -38.92 7.22 6.71
CA ASP C 148 -37.49 7.21 6.98
C ASP C 148 -36.88 7.09 5.59
N PRO C 149 -36.94 8.17 4.80
CA PRO C 149 -36.40 8.14 3.44
C PRO C 149 -34.93 7.75 3.31
N ILE C 150 -34.15 7.92 4.37
CA ILE C 150 -32.74 7.56 4.29
C ILE C 150 -32.53 6.11 4.64
N SER C 151 -32.61 5.27 3.63
CA SER C 151 -32.44 3.82 3.77
C SER C 151 -31.53 3.38 2.64
N PHE C 152 -30.75 2.32 2.87
CA PHE C 152 -29.86 1.84 1.83
C PHE C 152 -30.59 1.65 0.50
N ASP C 153 -31.80 1.08 0.55
CA ASP C 153 -32.56 0.86 -0.65
C ASP C 153 -32.78 2.14 -1.44
N ASN C 154 -33.20 3.19 -0.75
CA ASN C 154 -33.43 4.46 -1.42
C ASN C 154 -32.10 4.98 -1.93
N PHE C 155 -31.05 4.73 -1.15
CA PHE C 155 -29.72 5.17 -1.51
C PHE C 155 -29.41 4.62 -2.89
N ALA C 156 -29.64 3.33 -3.04
CA ALA C 156 -29.39 2.67 -4.32
C ALA C 156 -30.31 3.19 -5.41
N LEU C 157 -31.60 3.30 -5.10
CA LEU C 157 -32.57 3.80 -6.05
C LEU C 157 -32.17 5.17 -6.61
N ALA C 158 -31.68 6.03 -5.73
CA ALA C 158 -31.27 7.38 -6.13
C ALA C 158 -30.10 7.31 -7.10
N VAL C 159 -29.11 6.49 -6.74
CA VAL C 159 -27.94 6.32 -7.58
C VAL C 159 -28.40 5.74 -8.91
N GLU C 160 -29.37 4.83 -8.83
CA GLU C 160 -29.92 4.18 -10.01
C GLU C 160 -30.52 5.24 -10.92
N ALA C 161 -31.34 6.10 -10.34
CA ALA C 161 -31.99 7.16 -11.11
C ALA C 161 -30.96 7.92 -11.91
N PHE C 162 -29.92 8.39 -11.22
CA PHE C 162 -28.87 9.14 -11.87
C PHE C 162 -28.21 8.32 -12.97
N GLU C 163 -27.87 7.07 -12.68
CA GLU C 163 -27.22 6.22 -13.68
C GLU C 163 -28.07 6.14 -14.95
N ALA C 164 -29.40 6.20 -14.80
CA ALA C 164 -30.30 6.14 -15.95
C ALA C 164 -30.12 7.39 -16.81
N THR C 165 -29.42 8.37 -16.25
CA THR C 165 -29.14 9.63 -16.90
C THR C 165 -27.89 9.48 -17.78
N LEU C 166 -27.01 8.55 -17.40
CA LEU C 166 -25.76 8.33 -18.13
C LEU C 166 -25.91 7.39 -19.30
N ILE C 167 -26.64 7.85 -20.31
CA ILE C 167 -26.88 7.09 -21.51
C ILE C 167 -26.34 7.93 -22.67
N THR C 168 -25.89 7.26 -23.72
CA THR C 168 -25.32 7.97 -24.85
C THR C 168 -26.05 7.73 -26.17
N PRO C 169 -27.22 8.34 -26.35
CA PRO C 169 -27.93 8.13 -27.62
C PRO C 169 -27.29 8.83 -28.82
N ASN C 170 -27.85 8.58 -29.99
CA ASN C 170 -27.42 9.16 -31.26
C ASN C 170 -26.03 8.81 -31.80
N SER C 171 -25.57 7.60 -31.52
CA SER C 171 -24.28 7.16 -32.04
C SER C 171 -24.44 7.08 -33.55
N LYS C 172 -23.33 7.11 -34.29
CA LYS C 172 -23.41 7.04 -35.74
C LYS C 172 -24.19 5.78 -36.11
N PHE C 173 -23.98 4.71 -35.36
CA PHE C 173 -24.67 3.45 -35.64
C PHE C 173 -26.17 3.60 -35.46
N ASP C 174 -26.59 4.12 -34.31
CA ASP C 174 -28.02 4.29 -34.05
C ASP C 174 -28.67 5.16 -35.14
N GLN C 175 -27.99 6.22 -35.55
CA GLN C 175 -28.50 7.09 -36.60
C GLN C 175 -28.76 6.30 -37.86
N TRP C 176 -27.77 5.50 -38.25
CA TRP C 176 -27.89 4.66 -39.43
C TRP C 176 -29.02 3.67 -39.24
N LEU C 177 -29.09 3.06 -38.06
CA LEU C 177 -30.15 2.10 -37.77
C LEU C 177 -31.52 2.78 -37.91
N MET C 178 -31.56 4.08 -37.61
CA MET C 178 -32.80 4.86 -37.71
C MET C 178 -33.07 5.36 -39.12
N GLY C 179 -32.25 4.93 -40.07
CA GLY C 179 -32.49 5.33 -41.44
C GLY C 179 -31.48 6.20 -42.15
N ALA C 180 -30.48 6.70 -41.44
CA ALA C 180 -29.47 7.54 -42.09
C ALA C 180 -28.51 6.70 -42.94
N ASP C 181 -28.93 6.34 -44.15
CA ASP C 181 -28.10 5.52 -45.05
C ASP C 181 -26.65 6.08 -45.01
N GLY C 182 -26.52 7.40 -44.82
CA GLY C 182 -25.19 8.00 -44.83
C GLY C 182 -24.52 8.25 -43.49
N ALA C 183 -25.11 7.77 -42.40
CA ALA C 183 -24.52 7.98 -41.07
C ALA C 183 -23.24 7.16 -40.88
N MET C 184 -23.13 6.04 -41.60
CA MET C 184 -21.95 5.19 -41.51
C MET C 184 -21.25 5.14 -42.86
N SER C 185 -19.98 4.77 -42.84
CA SER C 185 -19.21 4.69 -44.06
C SER C 185 -19.32 3.28 -44.61
N ALA C 186 -18.83 3.09 -45.82
CA ALA C 186 -18.87 1.78 -46.45
C ALA C 186 -18.14 0.78 -45.57
N ASP C 187 -16.90 1.12 -45.19
CA ASP C 187 -16.10 0.26 -44.35
C ASP C 187 -16.85 -0.08 -43.07
N GLU C 188 -17.38 0.94 -42.42
CA GLU C 188 -18.12 0.75 -41.19
C GLU C 188 -19.29 -0.19 -41.32
N LYS C 189 -19.93 -0.18 -42.48
CA LYS C 189 -21.06 -1.07 -42.70
C LYS C 189 -20.55 -2.48 -42.98
N ALA C 190 -19.39 -2.54 -43.65
CA ALA C 190 -18.77 -3.81 -43.96
C ALA C 190 -18.43 -4.47 -42.63
N GLY C 191 -17.99 -3.64 -41.69
CA GLY C 191 -17.63 -4.13 -40.38
C GLY C 191 -18.86 -4.62 -39.68
N LEU C 192 -19.99 -3.97 -39.95
CA LEU C 192 -21.25 -4.37 -39.33
C LEU C 192 -21.64 -5.73 -39.85
N LYS C 193 -21.55 -5.91 -41.16
CA LYS C 193 -21.90 -7.20 -41.75
C LYS C 193 -20.96 -8.29 -41.24
N LEU C 194 -19.65 -8.04 -41.27
CA LEU C 194 -18.67 -9.04 -40.80
C LEU C 194 -18.91 -9.31 -39.32
N PHE C 195 -19.18 -8.26 -38.55
CA PHE C 195 -19.47 -8.42 -37.12
C PHE C 195 -20.60 -9.43 -36.99
N ILE C 196 -21.73 -9.15 -37.64
CA ILE C 196 -22.87 -10.06 -37.59
C ILE C 196 -22.52 -11.43 -38.16
N ASP C 197 -22.12 -11.45 -39.42
CA ASP C 197 -21.76 -12.71 -40.08
C ASP C 197 -20.70 -13.55 -39.36
N THR C 198 -19.65 -12.92 -38.82
CA THR C 198 -18.61 -13.68 -38.15
C THR C 198 -19.04 -14.34 -36.85
N GLY C 199 -20.19 -13.93 -36.31
CA GLY C 199 -20.69 -14.53 -35.08
C GLY C 199 -20.62 -13.66 -33.85
N CYS C 200 -20.03 -12.48 -33.97
CA CYS C 200 -19.90 -11.56 -32.85
C CYS C 200 -21.24 -11.24 -32.22
N ALA C 201 -22.19 -10.86 -33.08
CA ALA C 201 -23.53 -10.48 -32.65
C ALA C 201 -24.23 -11.54 -31.83
N ALA C 202 -23.77 -12.77 -31.94
CA ALA C 202 -24.36 -13.85 -31.17
C ALA C 202 -24.21 -13.62 -29.66
N CYS C 203 -23.14 -12.93 -29.26
CA CYS C 203 -22.89 -12.68 -27.85
C CYS C 203 -22.92 -11.21 -27.53
N HIS C 204 -22.57 -10.41 -28.53
CA HIS C 204 -22.54 -8.98 -28.38
C HIS C 204 -23.72 -8.40 -29.13
N ASN C 205 -24.91 -8.57 -28.55
CA ASN C 205 -26.13 -8.04 -29.15
C ASN C 205 -26.94 -7.26 -28.14
N GLY C 206 -28.15 -6.91 -28.54
CA GLY C 206 -29.01 -6.15 -27.66
C GLY C 206 -28.86 -4.66 -27.91
N ILE C 207 -29.47 -3.88 -27.04
CA ILE C 207 -29.42 -2.44 -27.17
C ILE C 207 -27.99 -1.96 -26.94
N ASN C 208 -27.24 -2.70 -26.13
CA ASN C 208 -25.85 -2.31 -25.85
C ASN C 208 -24.78 -3.07 -26.62
N ILE C 209 -25.18 -3.89 -27.58
CA ILE C 209 -24.19 -4.65 -28.35
C ILE C 209 -23.33 -5.39 -27.33
N GLY C 210 -24.00 -6.13 -26.45
CA GLY C 210 -23.32 -6.89 -25.43
C GLY C 210 -23.95 -6.62 -24.09
N GLY C 211 -23.39 -7.22 -23.04
CA GLY C 211 -23.90 -7.02 -21.69
C GLY C 211 -25.15 -7.80 -21.38
N ASN C 212 -25.32 -8.93 -22.04
CA ASN C 212 -26.49 -9.77 -21.83
C ASN C 212 -26.19 -11.15 -21.28
N GLY C 213 -25.08 -11.74 -21.70
CA GLY C 213 -24.73 -13.07 -21.22
C GLY C 213 -23.27 -13.33 -20.94
N TYR C 214 -23.00 -14.45 -20.26
CA TYR C 214 -21.66 -14.85 -19.92
C TYR C 214 -21.27 -16.09 -20.71
N TYR C 215 -19.97 -16.28 -20.91
CA TYR C 215 -19.48 -17.43 -21.67
C TYR C 215 -18.20 -17.98 -21.04
N PRO C 216 -17.97 -19.31 -21.18
CA PRO C 216 -16.78 -19.96 -20.60
C PRO C 216 -15.46 -19.65 -21.32
N PHE C 217 -15.22 -18.36 -21.58
CA PHE C 217 -13.99 -17.93 -22.24
C PHE C 217 -13.44 -16.66 -21.61
N GLY C 218 -12.13 -16.49 -21.71
CA GLY C 218 -11.48 -15.31 -21.17
C GLY C 218 -10.21 -15.05 -21.95
N VAL C 219 -9.83 -13.79 -22.10
CA VAL C 219 -8.62 -13.47 -22.82
C VAL C 219 -7.48 -13.50 -21.83
N VAL C 220 -6.38 -14.14 -22.22
CA VAL C 220 -5.20 -14.26 -21.36
C VAL C 220 -3.92 -13.80 -22.06
N GLU C 221 -3.02 -13.19 -21.28
CA GLU C 221 -1.76 -12.71 -21.82
C GLU C 221 -0.77 -13.86 -21.78
N LYS C 222 -0.12 -14.12 -22.89
CA LYS C 222 0.87 -15.18 -22.94
C LYS C 222 2.11 -14.70 -22.17
N PRO C 223 2.67 -15.52 -21.28
CA PRO C 223 3.86 -15.12 -20.53
C PRO C 223 4.88 -14.43 -21.45
N GLY C 224 5.24 -13.20 -21.14
CA GLY C 224 6.21 -12.48 -21.96
C GLY C 224 5.63 -11.84 -23.20
N ALA C 225 4.31 -11.67 -23.22
CA ALA C 225 3.63 -11.05 -24.36
C ALA C 225 3.94 -9.56 -24.45
N GLU C 226 4.52 -9.00 -23.39
CA GLU C 226 4.86 -7.58 -23.36
C GLU C 226 6.18 -7.26 -24.08
N VAL C 227 6.51 -8.13 -25.02
CA VAL C 227 7.73 -8.01 -25.83
C VAL C 227 7.33 -7.60 -27.24
N LEU C 228 6.37 -8.34 -27.78
CA LEU C 228 5.89 -8.12 -29.14
C LEU C 228 4.79 -7.09 -29.27
N PRO C 229 4.69 -6.42 -30.41
CA PRO C 229 3.64 -5.40 -30.56
C PRO C 229 2.33 -5.92 -31.17
N ALA C 230 1.50 -5.00 -31.68
CA ALA C 230 0.22 -5.38 -32.29
C ALA C 230 0.19 -6.82 -32.79
N GLY C 234 0.00 -13.63 -31.31
CA GLY C 234 0.81 -14.42 -30.39
C GLY C 234 0.91 -13.82 -28.99
N ARG C 235 0.38 -12.61 -28.81
CA ARG C 235 0.41 -11.89 -27.52
C ARG C 235 -0.70 -12.31 -26.54
N PHE C 236 -1.94 -12.38 -27.00
CA PHE C 236 -3.03 -12.77 -26.15
C PHE C 236 -3.80 -13.93 -26.75
N ALA C 237 -4.47 -14.69 -25.90
CA ALA C 237 -5.23 -15.81 -26.37
C ALA C 237 -6.57 -15.84 -25.65
N VAL C 238 -7.55 -16.48 -26.27
CA VAL C 238 -8.85 -16.59 -25.67
C VAL C 238 -9.01 -18.05 -25.27
N THR C 239 -8.69 -18.37 -24.02
CA THR C 239 -8.81 -19.74 -23.58
C THR C 239 -10.13 -19.96 -22.89
N ALA C 240 -10.48 -21.23 -22.72
CA ALA C 240 -11.70 -21.58 -22.04
C ALA C 240 -11.45 -21.31 -20.58
N THR C 241 -12.53 -21.05 -19.86
CA THR C 241 -12.45 -20.81 -18.45
C THR C 241 -12.03 -22.14 -17.84
N ALA C 242 -11.41 -22.10 -16.66
CA ALA C 242 -10.96 -23.32 -16.00
C ALA C 242 -12.09 -24.34 -15.94
N ASP C 243 -13.28 -23.84 -15.69
CA ASP C 243 -14.48 -24.66 -15.60
C ASP C 243 -15.47 -23.94 -16.50
N ASP C 244 -16.02 -24.62 -17.50
CA ASP C 244 -16.99 -23.96 -18.37
C ASP C 244 -18.23 -23.57 -17.56
N GLU C 245 -18.23 -23.86 -16.26
CA GLU C 245 -19.33 -23.47 -15.38
C GLU C 245 -18.96 -22.06 -14.90
N TYR C 246 -17.68 -21.75 -14.98
CA TYR C 246 -17.21 -20.41 -14.62
C TYR C 246 -17.23 -19.66 -15.95
N VAL C 247 -17.86 -18.49 -15.95
CA VAL C 247 -17.99 -17.71 -17.16
C VAL C 247 -17.63 -16.24 -17.05
N PHE C 248 -17.36 -15.66 -18.21
CA PHE C 248 -17.03 -14.26 -18.33
C PHE C 248 -18.09 -13.61 -19.18
N ARG C 249 -18.37 -12.37 -18.86
CA ARG C 249 -19.38 -11.65 -19.58
C ARG C 249 -18.92 -11.11 -20.93
N ALA C 250 -19.78 -11.24 -21.93
CA ALA C 250 -19.49 -10.71 -23.26
C ALA C 250 -19.98 -9.27 -23.10
N GLY C 251 -19.06 -8.40 -22.72
CA GLY C 251 -19.38 -7.01 -22.46
C GLY C 251 -19.98 -6.16 -23.56
N PRO C 252 -20.73 -5.09 -23.18
CA PRO C 252 -21.37 -4.18 -24.14
C PRO C 252 -20.26 -3.43 -24.86
N LEU C 253 -20.38 -3.34 -26.18
CA LEU C 253 -19.35 -2.67 -26.96
C LEU C 253 -19.62 -1.21 -27.24
N ARG C 254 -20.75 -0.69 -26.76
CA ARG C 254 -21.06 0.71 -26.98
C ARG C 254 -20.02 1.62 -26.34
N ASN C 255 -19.61 2.67 -27.06
CA ASN C 255 -18.62 3.63 -26.56
C ASN C 255 -17.26 2.99 -26.30
N ILE C 256 -17.07 1.75 -26.74
CA ILE C 256 -15.81 1.05 -26.52
C ILE C 256 -14.61 1.87 -26.99
N ALA C 257 -14.81 2.72 -27.99
CA ALA C 257 -13.72 3.53 -28.49
C ALA C 257 -13.17 4.40 -27.38
N LEU C 258 -13.98 4.61 -26.36
CA LEU C 258 -13.60 5.46 -25.22
C LEU C 258 -13.23 4.70 -23.95
N THR C 259 -13.44 3.39 -23.94
CA THR C 259 -13.19 2.64 -22.72
C THR C 259 -11.98 1.72 -22.64
N ALA C 260 -10.89 2.13 -23.27
CA ALA C 260 -9.65 1.36 -23.21
C ALA C 260 -9.13 1.43 -21.77
N PRO C 261 -8.35 0.41 -21.33
CA PRO C 261 -7.91 -0.79 -22.05
C PRO C 261 -9.06 -1.79 -22.10
N TYR C 262 -8.86 -2.91 -22.80
CA TYR C 262 -9.92 -3.89 -22.97
C TYR C 262 -9.79 -5.26 -22.32
N PHE C 263 -10.92 -5.97 -22.24
CA PHE C 263 -11.02 -7.30 -21.63
C PHE C 263 -10.99 -7.18 -20.09
N HIS C 264 -11.39 -8.23 -19.38
CA HIS C 264 -11.43 -8.18 -17.91
C HIS C 264 -10.12 -7.79 -17.24
N SER C 265 -9.00 -8.13 -17.87
CA SER C 265 -7.70 -7.81 -17.31
C SER C 265 -7.25 -6.40 -17.71
N GLY C 266 -7.87 -5.84 -18.74
CA GLY C 266 -7.50 -4.51 -19.18
C GLY C 266 -6.06 -4.47 -19.65
N LYS C 267 -5.59 -5.57 -20.24
CA LYS C 267 -4.21 -5.63 -20.71
C LYS C 267 -4.02 -5.26 -22.19
N VAL C 268 -5.09 -5.30 -22.98
CA VAL C 268 -4.99 -4.90 -24.38
C VAL C 268 -5.48 -3.45 -24.45
N TRP C 269 -4.60 -2.57 -24.91
CA TRP C 269 -4.95 -1.18 -25.00
C TRP C 269 -5.48 -0.74 -26.35
N ASP C 270 -5.07 -1.42 -27.41
CA ASP C 270 -5.51 -1.08 -28.76
C ASP C 270 -6.83 -1.78 -29.09
N LEU C 271 -7.81 -1.01 -29.54
CA LEU C 271 -9.12 -1.57 -29.88
C LEU C 271 -8.96 -2.55 -31.04
N ARG C 272 -8.20 -2.16 -32.04
CA ARG C 272 -7.98 -3.00 -33.20
C ARG C 272 -7.43 -4.37 -32.79
N GLU C 273 -6.55 -4.39 -31.78
CA GLU C 273 -6.00 -5.65 -31.32
C GLU C 273 -7.06 -6.48 -30.60
N ALA C 274 -7.90 -5.81 -29.80
CA ALA C 274 -8.94 -6.51 -29.06
C ALA C 274 -9.88 -7.23 -30.03
N VAL C 275 -10.23 -6.54 -31.11
CA VAL C 275 -11.10 -7.09 -32.14
C VAL C 275 -10.36 -8.28 -32.75
N SER C 276 -9.07 -8.09 -32.98
CA SER C 276 -8.22 -9.12 -33.53
C SER C 276 -8.07 -10.35 -32.65
N VAL C 277 -7.74 -10.20 -31.38
CA VAL C 277 -7.56 -11.39 -30.52
C VAL C 277 -8.85 -12.15 -30.42
N MET C 278 -9.97 -11.45 -30.60
CA MET C 278 -11.26 -12.12 -30.52
C MET C 278 -11.65 -12.74 -31.86
N ALA C 279 -11.38 -12.02 -32.96
CA ALA C 279 -11.70 -12.52 -34.29
C ALA C 279 -10.95 -13.82 -34.53
N ASN C 280 -9.65 -13.77 -34.30
CA ASN C 280 -8.78 -14.92 -34.50
C ASN C 280 -8.73 -15.83 -33.30
N SER C 281 -9.82 -16.52 -33.05
CA SER C 281 -9.89 -17.46 -31.94
C SER C 281 -11.06 -18.36 -32.23
N GLN C 282 -11.28 -19.32 -31.34
CA GLN C 282 -12.36 -20.27 -31.48
C GLN C 282 -13.75 -19.62 -31.58
N LEU C 283 -13.86 -18.39 -31.08
CA LEU C 283 -15.14 -17.66 -31.10
C LEU C 283 -15.43 -16.90 -32.39
N GLY C 284 -14.40 -16.58 -33.14
CA GLY C 284 -14.61 -15.85 -34.38
C GLY C 284 -14.34 -16.68 -35.62
N ALA C 285 -13.56 -16.11 -36.54
CA ALA C 285 -13.20 -16.78 -37.78
C ALA C 285 -11.93 -16.22 -38.40
N THR C 286 -11.54 -16.81 -39.53
CA THR C 286 -10.34 -16.40 -40.25
C THR C 286 -10.55 -15.02 -40.88
N LEU C 287 -10.21 -13.96 -40.15
CA LEU C 287 -10.37 -12.64 -40.71
C LEU C 287 -9.06 -12.07 -41.14
N ASP C 288 -9.05 -11.43 -42.30
CA ASP C 288 -7.82 -10.83 -42.71
C ASP C 288 -7.84 -9.47 -42.10
N ASP C 289 -6.71 -8.80 -42.31
CA ASP C 289 -6.44 -7.48 -41.80
C ASP C 289 -7.50 -6.44 -42.15
N THR C 290 -7.95 -6.42 -43.40
CA THR C 290 -8.97 -5.45 -43.83
C THR C 290 -10.26 -5.70 -43.08
N GLN C 291 -10.64 -6.97 -42.99
CA GLN C 291 -11.85 -7.37 -42.31
C GLN C 291 -11.81 -6.96 -40.86
N VAL C 292 -10.68 -7.21 -40.21
CA VAL C 292 -10.51 -6.83 -38.82
C VAL C 292 -10.64 -5.32 -38.73
N ASP C 293 -9.94 -4.61 -39.61
CA ASP C 293 -9.99 -3.15 -39.64
C ASP C 293 -11.40 -2.61 -39.72
N GLN C 294 -12.24 -3.28 -40.49
CA GLN C 294 -13.63 -2.87 -40.69
C GLN C 294 -14.51 -3.14 -39.49
N ILE C 295 -14.30 -4.27 -38.83
CA ILE C 295 -15.10 -4.54 -37.63
C ILE C 295 -14.74 -3.49 -36.59
N THR C 296 -13.45 -3.19 -36.43
CA THR C 296 -13.06 -2.20 -35.45
C THR C 296 -13.58 -0.83 -35.90
N ALA C 297 -13.64 -0.64 -37.21
CA ALA C 297 -14.14 0.62 -37.75
C ALA C 297 -15.61 0.74 -37.37
N PHE C 298 -16.30 -0.40 -37.40
CA PHE C 298 -17.71 -0.45 -37.04
C PHE C 298 -17.85 -0.17 -35.55
N LEU C 299 -16.96 -0.73 -34.75
CA LEU C 299 -17.06 -0.52 -33.31
C LEU C 299 -16.94 0.94 -32.93
N GLY C 300 -16.12 1.70 -33.65
CA GLY C 300 -16.00 3.11 -33.34
C GLY C 300 -17.31 3.84 -33.61
N THR C 301 -18.16 3.16 -34.36
CA THR C 301 -19.47 3.67 -34.76
C THR C 301 -20.47 3.59 -33.61
N LEU C 302 -20.05 2.99 -32.49
CA LEU C 302 -20.92 2.85 -31.33
C LEU C 302 -20.73 3.92 -30.26
N THR C 303 -19.94 4.95 -30.56
CA THR C 303 -19.72 6.02 -29.60
C THR C 303 -20.89 7.01 -29.72
N GLY C 304 -21.62 7.20 -28.63
CA GLY C 304 -22.75 8.11 -28.68
C GLY C 304 -22.50 9.43 -27.97
N GLU C 305 -23.47 10.34 -28.06
CA GLU C 305 -23.34 11.65 -27.44
C GLU C 305 -23.22 11.48 -25.93
N GLN C 306 -22.07 11.88 -25.39
CA GLN C 306 -21.78 11.78 -23.97
C GLN C 306 -22.67 12.71 -23.14
N PRO C 307 -23.12 12.25 -21.97
CA PRO C 307 -23.98 13.09 -21.13
C PRO C 307 -23.19 14.28 -20.60
N GLU C 308 -23.80 15.46 -20.63
CA GLU C 308 -23.19 16.68 -20.11
C GLU C 308 -23.58 16.67 -18.65
N VAL C 309 -22.62 16.45 -17.77
CA VAL C 309 -22.93 16.39 -16.34
C VAL C 309 -22.23 17.47 -15.49
N VAL C 310 -23.05 18.24 -14.77
CA VAL C 310 -22.52 19.27 -13.90
C VAL C 310 -22.04 18.55 -12.64
N HIS C 311 -20.84 18.87 -12.16
CA HIS C 311 -20.36 18.22 -10.97
C HIS C 311 -21.20 18.75 -9.82
N PRO C 312 -21.93 17.85 -9.13
CA PRO C 312 -22.76 18.32 -8.02
C PRO C 312 -21.97 18.88 -6.82
N ILE C 313 -22.62 19.79 -6.09
CA ILE C 313 -22.02 20.39 -4.91
C ILE C 313 -22.43 19.43 -3.80
N LEU C 314 -21.46 18.69 -3.27
CA LEU C 314 -21.70 17.71 -2.22
C LEU C 314 -22.03 18.36 -0.87
N PRO C 315 -22.97 17.77 -0.12
CA PRO C 315 -23.34 18.33 1.17
C PRO C 315 -22.19 18.29 2.17
N VAL C 316 -22.15 19.27 3.06
CA VAL C 316 -21.09 19.37 4.06
C VAL C 316 -21.22 18.26 5.09
N ARG C 317 -20.11 17.73 5.57
CA ARG C 317 -20.14 16.67 6.58
C ARG C 317 -20.53 17.28 7.93
N SER C 318 -20.56 16.43 8.95
CA SER C 318 -20.88 16.85 10.31
C SER C 318 -20.02 16.02 11.27
N ALA C 319 -20.05 16.39 12.55
CA ALA C 319 -19.27 15.68 13.55
C ALA C 319 -19.65 14.21 13.60
N GLN C 320 -20.86 13.88 13.14
CA GLN C 320 -21.32 12.50 13.15
C GLN C 320 -20.92 11.74 11.90
N THR C 321 -20.41 12.45 10.90
CA THR C 321 -19.99 11.80 9.66
C THR C 321 -18.75 10.96 9.92
N PRO C 322 -18.82 9.65 9.60
CA PRO C 322 -17.68 8.73 9.80
C PRO C 322 -16.43 9.29 9.12
N ARG C 323 -15.29 9.23 9.81
CA ARG C 323 -14.06 9.75 9.22
C ARG C 323 -13.47 8.75 8.23
N PRO C 324 -12.69 9.26 7.26
CA PRO C 324 -12.05 8.42 6.23
C PRO C 324 -11.10 7.41 6.88
N GLU C 325 -10.88 6.30 6.18
CA GLU C 325 -10.02 5.22 6.65
C GLU C 325 -8.64 5.57 7.19
N HIS C 326 -7.87 6.05 6.19
CA HIS C 326 -6.52 6.47 6.65
C HIS C 326 -5.51 5.30 6.66
N ALA D 4 20.37 -50.74 -11.66
CA ALA D 4 20.00 -50.52 -13.10
C ALA D 4 19.31 -49.16 -13.28
N LEU D 5 18.25 -48.95 -12.51
CA LEU D 5 17.52 -47.70 -12.53
C LEU D 5 18.49 -46.67 -11.96
N ARG D 6 19.28 -47.10 -10.99
CA ARG D 6 20.27 -46.23 -10.38
C ARG D 6 21.30 -45.81 -11.43
N GLU D 7 21.72 -46.77 -12.26
CA GLU D 7 22.68 -46.48 -13.30
C GLU D 7 22.10 -45.36 -14.18
N GLU D 8 20.83 -45.51 -14.53
CA GLU D 8 20.14 -44.53 -15.37
C GLU D 8 20.02 -43.19 -14.66
N ALA D 9 19.62 -43.24 -13.39
CA ALA D 9 19.45 -42.02 -12.60
C ALA D 9 20.78 -41.32 -12.44
N LYS D 10 21.84 -42.11 -12.25
CA LYS D 10 23.18 -41.58 -12.07
C LYS D 10 23.65 -40.80 -13.30
N GLY D 11 23.02 -41.06 -14.42
CA GLY D 11 23.37 -40.39 -15.66
C GLY D 11 22.64 -39.06 -15.83
N LEU D 12 21.64 -38.83 -14.98
CA LEU D 12 20.85 -37.60 -15.06
C LEU D 12 20.99 -36.66 -13.88
N PHE D 13 21.39 -37.20 -12.74
CA PHE D 13 21.52 -36.36 -11.58
C PHE D 13 22.77 -36.60 -10.77
N GLU D 14 22.97 -35.71 -9.80
CA GLU D 14 24.09 -35.79 -8.89
C GLU D 14 23.53 -35.57 -7.51
N VAL D 15 24.25 -36.07 -6.51
CA VAL D 15 23.83 -35.92 -5.12
C VAL D 15 24.41 -34.60 -4.58
N ILE D 16 23.83 -34.08 -3.50
CA ILE D 16 24.36 -32.84 -2.93
C ILE D 16 25.54 -33.25 -2.04
N PRO D 17 26.70 -32.61 -2.24
CA PRO D 17 27.89 -32.93 -1.43
C PRO D 17 27.77 -32.54 0.03
N MET D 18 28.63 -33.11 0.86
CA MET D 18 28.60 -32.83 2.29
C MET D 18 28.84 -31.36 2.47
N GLN D 19 29.67 -30.81 1.60
CA GLN D 19 29.98 -29.40 1.63
C GLN D 19 30.27 -28.92 0.23
N ALA D 20 29.75 -27.75 -0.11
CA ALA D 20 29.94 -27.17 -1.43
C ALA D 20 31.41 -26.84 -1.60
N PRO D 21 31.90 -26.88 -2.86
CA PRO D 21 33.29 -26.58 -3.23
C PRO D 21 33.58 -25.07 -3.16
N GLN D 22 33.88 -24.59 -1.94
CA GLN D 22 34.17 -23.18 -1.69
C GLN D 22 35.60 -22.81 -2.08
N VAL D 29 40.11 -17.44 7.19
CA VAL D 29 39.42 -16.49 6.32
C VAL D 29 38.14 -17.14 5.80
N THR D 30 38.27 -18.34 5.23
CA THR D 30 37.11 -19.08 4.73
C THR D 30 36.46 -19.57 6.02
N ARG D 31 35.85 -18.65 6.74
CA ARG D 31 35.21 -18.94 8.02
C ARG D 31 34.81 -17.57 8.49
N ASP D 32 35.74 -16.64 8.32
CA ASP D 32 35.50 -15.28 8.70
C ASP D 32 34.71 -14.69 7.55
N LYS D 33 34.79 -15.34 6.39
CA LYS D 33 34.03 -14.88 5.23
C LYS D 33 32.62 -15.44 5.41
N ILE D 34 32.52 -16.72 5.81
CA ILE D 34 31.21 -17.33 6.02
C ILE D 34 30.48 -16.54 7.10
N ASP D 35 31.15 -16.27 8.22
CA ASP D 35 30.54 -15.51 9.29
C ASP D 35 30.08 -14.14 8.83
N LEU D 36 30.90 -13.48 8.00
CA LEU D 36 30.55 -12.17 7.48
C LEU D 36 29.33 -12.32 6.59
N GLY D 37 29.34 -13.37 5.78
CA GLY D 37 28.22 -13.61 4.87
C GLY D 37 26.94 -13.81 5.63
N ALA D 38 27.04 -14.58 6.71
CA ALA D 38 25.87 -14.87 7.55
C ALA D 38 25.22 -13.57 8.02
N MET D 39 26.04 -12.66 8.53
CA MET D 39 25.54 -11.38 9.01
C MET D 39 24.83 -10.61 7.92
N LEU D 40 25.50 -10.44 6.78
CA LEU D 40 24.93 -9.71 5.66
C LEU D 40 23.63 -10.40 5.22
N PHE D 41 23.66 -11.72 5.19
CA PHE D 41 22.49 -12.48 4.77
C PHE D 41 21.31 -12.25 5.70
N PHE D 42 21.59 -12.12 7.00
CA PHE D 42 20.55 -11.89 7.98
C PHE D 42 20.31 -10.44 8.36
N ASP D 43 21.03 -9.51 7.73
CA ASP D 43 20.88 -8.09 8.06
C ASP D 43 19.84 -7.39 7.19
N PRO D 44 18.72 -6.98 7.82
CA PRO D 44 17.62 -6.30 7.16
C PRO D 44 17.98 -4.88 6.80
N ARG D 45 19.08 -4.38 7.36
CA ARG D 45 19.51 -3.03 7.08
C ARG D 45 20.18 -2.95 5.73
N MET D 46 20.35 -4.11 5.09
CA MET D 46 20.95 -4.15 3.77
C MET D 46 19.88 -3.80 2.74
N SER D 47 18.61 -3.76 3.18
CA SER D 47 17.53 -3.41 2.28
C SER D 47 17.26 -1.91 2.49
N LYS D 48 16.82 -1.25 1.43
CA LYS D 48 16.54 0.19 1.48
C LYS D 48 15.62 0.56 2.63
N SER D 49 14.55 -0.21 2.79
CA SER D 49 13.55 0.00 3.83
C SER D 49 13.99 -0.47 5.20
N GLY D 50 15.02 -1.30 5.24
CA GLY D 50 15.52 -1.80 6.50
C GLY D 50 14.66 -2.87 7.14
N VAL D 51 13.74 -3.44 6.36
CA VAL D 51 12.87 -4.49 6.89
C VAL D 51 13.20 -5.87 6.33
N PHE D 52 13.78 -5.91 5.14
CA PHE D 52 14.12 -7.19 4.52
C PHE D 52 15.62 -7.53 4.52
N SER D 53 15.93 -8.76 4.91
CA SER D 53 17.29 -9.28 4.88
C SER D 53 17.08 -10.45 3.93
N CYS D 54 18.15 -11.04 3.41
CA CYS D 54 17.98 -12.17 2.49
C CYS D 54 17.11 -13.21 3.19
N GLN D 55 17.49 -13.48 4.43
CA GLN D 55 16.81 -14.44 5.28
C GLN D 55 15.30 -14.26 5.24
N SER D 56 14.85 -13.02 5.24
CA SER D 56 13.42 -12.73 5.21
C SER D 56 12.67 -13.50 4.10
N CYS D 57 13.22 -13.44 2.89
CA CYS D 57 12.59 -14.10 1.74
C CYS D 57 13.18 -15.46 1.43
N HIS D 58 14.37 -15.71 1.94
CA HIS D 58 15.02 -16.99 1.73
C HIS D 58 15.23 -17.57 3.13
N ASN D 59 14.11 -17.68 3.83
CA ASN D 59 14.09 -18.15 5.19
C ASN D 59 14.74 -19.52 5.37
N VAL D 60 15.82 -19.55 6.14
CA VAL D 60 16.54 -20.81 6.38
C VAL D 60 15.69 -21.76 7.23
N GLY D 61 14.55 -21.29 7.73
CA GLY D 61 13.70 -22.15 8.51
C GLY D 61 12.53 -22.64 7.66
N LEU D 62 12.37 -22.01 6.48
CA LEU D 62 11.30 -22.36 5.54
C LEU D 62 11.89 -22.85 4.22
N GLY D 63 12.75 -23.85 4.27
CA GLY D 63 13.30 -24.35 3.03
C GLY D 63 13.90 -23.24 2.19
N GLY D 64 14.44 -22.21 2.85
CA GLY D 64 15.06 -21.11 2.15
C GLY D 64 14.17 -20.27 1.24
N VAL D 65 12.88 -20.28 1.51
CA VAL D 65 11.91 -19.51 0.73
C VAL D 65 11.17 -18.57 1.70
N ASP D 66 10.14 -17.88 1.21
CA ASP D 66 9.38 -16.98 2.08
C ASP D 66 7.94 -17.46 2.29
N GLY D 67 7.56 -18.53 1.59
CA GLY D 67 6.23 -19.08 1.72
C GLY D 67 5.11 -18.22 1.19
N LEU D 68 5.42 -17.26 0.32
CA LEU D 68 4.42 -16.37 -0.24
C LEU D 68 4.25 -16.66 -1.73
N GLU D 69 3.13 -16.26 -2.31
CA GLU D 69 2.90 -16.49 -3.73
C GLU D 69 4.01 -15.81 -4.52
N THR D 70 4.27 -14.54 -4.21
CA THR D 70 5.33 -13.80 -4.87
C THR D 70 5.89 -12.73 -3.95
N SER D 71 6.98 -12.13 -4.37
CA SER D 71 7.63 -11.05 -3.63
C SER D 71 8.58 -10.37 -4.61
N ILE D 72 9.23 -9.29 -4.20
CA ILE D 72 10.12 -8.57 -5.08
C ILE D 72 11.39 -8.09 -4.37
N GLY D 73 12.54 -8.64 -4.75
CA GLY D 73 13.76 -8.24 -4.07
C GLY D 73 15.03 -8.07 -4.88
N HIS D 74 14.93 -8.10 -6.21
CA HIS D 74 16.10 -7.96 -7.06
C HIS D 74 15.80 -7.13 -8.29
N GLY D 75 16.72 -6.25 -8.64
CA GLY D 75 16.52 -5.37 -9.78
C GLY D 75 16.24 -6.08 -11.09
N TRP D 76 16.92 -7.20 -11.29
CA TRP D 76 16.77 -7.98 -12.51
C TRP D 76 15.37 -8.53 -12.70
N GLN D 77 14.64 -8.67 -11.59
CA GLN D 77 13.30 -9.22 -11.63
C GLN D 77 12.40 -8.59 -12.68
N LYS D 78 11.64 -9.44 -13.38
CA LYS D 78 10.74 -9.00 -14.44
C LYS D 78 9.33 -8.78 -13.90
N GLY D 79 9.18 -8.80 -12.58
CA GLY D 79 7.88 -8.60 -11.99
C GLY D 79 7.76 -9.45 -10.75
N PRO D 80 6.66 -9.36 -10.00
CA PRO D 80 6.52 -10.17 -8.79
C PRO D 80 6.70 -11.65 -9.14
N ARG D 81 7.64 -12.30 -8.47
CA ARG D 81 7.92 -13.71 -8.73
C ARG D 81 8.00 -14.51 -7.45
N ASN D 82 7.74 -15.81 -7.54
CA ASN D 82 7.82 -16.69 -6.36
C ASN D 82 9.28 -16.92 -6.00
N ALA D 83 9.67 -16.52 -4.78
CA ALA D 83 11.04 -16.66 -4.32
C ALA D 83 11.51 -18.09 -4.21
N PRO D 84 12.57 -18.43 -4.95
CA PRO D 84 13.18 -19.77 -4.97
C PRO D 84 14.06 -19.96 -3.73
N THR D 85 14.21 -21.21 -3.32
CA THR D 85 15.01 -21.53 -2.15
C THR D 85 16.47 -21.16 -2.39
N ALA D 86 17.12 -20.72 -1.32
CA ALA D 86 18.52 -20.34 -1.37
C ALA D 86 19.27 -21.63 -1.19
N LEU D 87 18.60 -22.63 -0.63
CA LEU D 87 19.20 -23.93 -0.40
C LEU D 87 19.71 -24.56 -1.70
N ASN D 88 21.02 -24.82 -1.74
CA ASN D 88 21.67 -25.42 -2.91
C ASN D 88 21.70 -24.49 -4.12
N ALA D 89 21.19 -23.28 -3.96
CA ALA D 89 21.16 -22.32 -5.05
C ALA D 89 22.53 -22.11 -5.66
N VAL D 90 23.59 -22.32 -4.88
CA VAL D 90 24.94 -22.14 -5.38
C VAL D 90 25.28 -23.06 -6.55
N PHE D 91 24.62 -24.20 -6.65
CA PHE D 91 24.90 -25.14 -7.74
C PHE D 91 24.12 -24.85 -9.00
N ASN D 92 23.21 -23.88 -8.95
CA ASN D 92 22.42 -23.56 -10.13
C ASN D 92 23.24 -22.79 -11.14
N VAL D 93 23.09 -23.17 -12.40
CA VAL D 93 23.79 -22.49 -13.48
C VAL D 93 22.85 -21.42 -14.04
N ALA D 94 21.54 -21.71 -14.03
CA ALA D 94 20.51 -20.77 -14.47
C ALA D 94 19.91 -20.21 -13.18
N GLN D 95 20.17 -18.94 -12.89
CA GLN D 95 19.68 -18.35 -11.65
C GLN D 95 18.53 -17.36 -11.71
N PHE D 96 17.86 -17.26 -12.86
CA PHE D 96 16.76 -16.33 -12.97
C PHE D 96 15.47 -17.05 -13.34
N TRP D 97 14.36 -16.41 -13.03
CA TRP D 97 13.05 -16.98 -13.29
C TRP D 97 12.63 -16.93 -14.74
N ASP D 98 12.84 -15.80 -15.39
CA ASP D 98 12.43 -15.62 -16.77
C ASP D 98 13.08 -14.42 -17.45
N GLY D 99 12.90 -14.32 -18.76
CA GLY D 99 13.47 -13.22 -19.51
C GLY D 99 13.72 -13.63 -20.94
N ARG D 100 14.30 -12.73 -21.72
CA ARG D 100 14.60 -13.01 -23.11
C ARG D 100 15.90 -13.81 -23.12
N ALA D 101 15.88 -14.95 -23.80
CA ALA D 101 17.04 -15.82 -23.87
C ALA D 101 18.37 -15.07 -23.93
N PRO D 102 18.52 -14.15 -24.92
CA PRO D 102 19.77 -13.38 -25.05
C PRO D 102 20.18 -12.68 -23.76
N ASP D 103 19.23 -11.90 -23.23
CA ASP D 103 19.44 -11.14 -21.99
C ASP D 103 19.91 -12.04 -20.87
N LEU D 104 19.21 -13.15 -20.67
CA LEU D 104 19.55 -14.10 -19.62
C LEU D 104 20.94 -14.69 -19.83
N ALA D 105 21.29 -14.97 -21.08
CA ALA D 105 22.60 -15.52 -21.36
C ALA D 105 23.72 -14.59 -20.90
N ALA D 106 23.61 -13.31 -21.25
CA ALA D 106 24.62 -12.32 -20.88
C ALA D 106 24.46 -11.88 -19.41
N GLN D 107 23.23 -11.80 -18.95
CA GLN D 107 22.90 -11.39 -17.57
C GLN D 107 23.66 -12.22 -16.52
N ALA D 108 23.86 -13.50 -16.80
CA ALA D 108 24.57 -14.39 -15.89
C ALA D 108 25.99 -14.63 -16.40
N MET D 118 17.32 -4.23 -5.21
CA MET D 118 16.09 -3.59 -5.64
C MET D 118 16.25 -2.06 -5.75
N ASN D 119 16.72 -1.45 -4.67
CA ASN D 119 16.93 0.01 -4.62
C ASN D 119 18.33 0.35 -4.08
N ASN D 120 18.64 -0.15 -2.87
CA ASN D 120 19.95 0.09 -2.24
C ASN D 120 21.11 -0.18 -3.21
N THR D 121 21.60 0.89 -3.82
CA THR D 121 22.71 0.82 -4.76
C THR D 121 23.96 0.27 -4.08
N PRO D 122 24.91 -0.25 -4.88
CA PRO D 122 26.15 -0.79 -4.30
C PRO D 122 26.83 0.27 -3.42
N GLU D 123 26.57 1.54 -3.75
CA GLU D 123 27.11 2.69 -3.02
C GLU D 123 26.57 2.64 -1.60
N ASN D 124 25.26 2.54 -1.50
CA ASN D 124 24.54 2.48 -0.23
C ASN D 124 25.01 1.30 0.61
N LEU D 125 25.01 0.11 0.02
CA LEU D 125 25.44 -1.09 0.73
C LEU D 125 26.81 -0.89 1.34
N VAL D 126 27.77 -0.51 0.50
CA VAL D 126 29.13 -0.30 0.95
C VAL D 126 29.13 0.70 2.09
N ALA D 127 28.32 1.75 1.93
CA ALA D 127 28.21 2.80 2.93
C ALA D 127 27.69 2.21 4.23
N THR D 128 26.59 1.46 4.11
CA THR D 128 25.97 0.81 5.26
C THR D 128 26.98 -0.06 5.99
N VAL D 129 27.59 -0.99 5.26
CA VAL D 129 28.57 -1.86 5.87
C VAL D 129 29.69 -1.01 6.44
N GLN D 130 30.14 -0.06 5.62
CA GLN D 130 31.22 0.83 6.00
C GLN D 130 30.93 1.50 7.35
N SER D 131 29.70 1.95 7.51
CA SER D 131 29.29 2.66 8.72
C SER D 131 29.28 1.88 10.03
N MET D 132 29.57 0.59 10.00
CA MET D 132 29.54 -0.19 11.22
C MET D 132 30.87 -0.84 11.60
N PRO D 133 31.44 -0.45 12.74
CA PRO D 133 32.70 -0.96 13.23
C PRO D 133 32.75 -2.49 13.19
N GLY D 134 31.63 -3.11 13.55
CA GLY D 134 31.55 -4.56 13.53
C GLY D 134 31.79 -5.11 12.13
N TYR D 135 31.16 -4.48 11.15
CA TYR D 135 31.31 -4.89 9.76
C TYR D 135 32.71 -4.61 9.24
N VAL D 136 33.30 -3.56 9.78
CA VAL D 136 34.66 -3.17 9.39
C VAL D 136 35.66 -4.23 9.84
N GLU D 137 35.55 -4.67 11.09
CA GLU D 137 36.48 -5.69 11.57
C GLU D 137 36.12 -7.05 10.96
N ALA D 138 34.83 -7.25 10.68
CA ALA D 138 34.36 -8.51 10.10
C ALA D 138 34.91 -8.68 8.69
N PHE D 139 34.98 -7.59 7.94
CA PHE D 139 35.51 -7.61 6.57
C PHE D 139 37.01 -7.79 6.63
N ALA D 140 37.61 -7.25 7.69
CA ALA D 140 39.03 -7.37 7.90
C ALA D 140 39.42 -8.84 8.04
N LYS D 141 38.73 -9.55 8.92
CA LYS D 141 39.00 -10.95 9.14
C LYS D 141 38.74 -11.77 7.87
N ALA D 142 37.65 -11.44 7.19
CA ALA D 142 37.27 -12.15 5.98
C ALA D 142 38.22 -11.91 4.81
N PHE D 143 38.85 -10.74 4.76
CA PHE D 143 39.78 -10.44 3.67
C PHE D 143 41.08 -9.82 4.19
N PRO D 144 41.98 -10.63 4.77
CA PRO D 144 43.27 -10.20 5.33
C PRO D 144 44.05 -9.11 4.60
N GLY D 145 43.94 -9.06 3.27
CA GLY D 145 44.68 -8.04 2.54
C GLY D 145 43.88 -7.18 1.58
N GLN D 146 43.94 -5.86 1.75
CA GLN D 146 43.23 -4.93 0.89
C GLN D 146 43.16 -3.55 1.50
N LYS D 147 43.43 -2.54 0.69
CA LYS D 147 43.40 -1.14 1.13
C LYS D 147 42.00 -0.83 1.65
N ASP D 148 41.01 -1.54 1.10
CA ASP D 148 39.63 -1.33 1.52
C ASP D 148 38.83 -2.62 1.36
N PRO D 149 39.08 -3.62 2.23
CA PRO D 149 38.34 -4.88 2.14
C PRO D 149 36.83 -4.70 1.99
N ILE D 150 36.34 -3.52 2.37
CA ILE D 150 34.91 -3.25 2.25
C ILE D 150 34.59 -2.70 0.87
N SER D 151 34.29 -3.62 -0.04
CA SER D 151 33.94 -3.27 -1.41
C SER D 151 32.74 -4.12 -1.78
N PHE D 152 31.89 -3.60 -2.66
CA PHE D 152 30.72 -4.36 -3.04
C PHE D 152 31.07 -5.78 -3.43
N ASP D 153 32.16 -5.95 -4.19
CA ASP D 153 32.57 -7.28 -4.61
C ASP D 153 32.80 -8.21 -3.43
N ASN D 154 33.52 -7.74 -2.44
CA ASN D 154 33.76 -8.58 -1.29
C ASN D 154 32.44 -8.84 -0.60
N PHE D 155 31.59 -7.83 -0.57
CA PHE D 155 30.28 -7.93 0.05
C PHE D 155 29.57 -9.14 -0.52
N ALA D 156 29.56 -9.22 -1.84
CA ALA D 156 28.92 -10.32 -2.55
C ALA D 156 29.65 -11.63 -2.25
N LEU D 157 30.96 -11.63 -2.36
CA LEU D 157 31.76 -12.82 -2.11
C LEU D 157 31.46 -13.42 -0.74
N ALA D 158 31.32 -12.56 0.26
CA ALA D 158 31.03 -13.01 1.63
C ALA D 158 29.66 -13.65 1.70
N VAL D 159 28.67 -13.00 1.10
CA VAL D 159 27.32 -13.53 1.08
C VAL D 159 27.36 -14.84 0.33
N GLU D 160 28.16 -14.89 -0.73
CA GLU D 160 28.31 -16.08 -1.55
C GLU D 160 28.83 -17.21 -0.69
N ALA D 161 29.88 -16.93 0.09
CA ALA D 161 30.50 -17.92 0.97
C ALA D 161 29.45 -18.57 1.87
N PHE D 162 28.66 -17.72 2.51
CA PHE D 162 27.62 -18.21 3.39
C PHE D 162 26.61 -19.07 2.63
N GLU D 163 26.16 -18.57 1.48
CA GLU D 163 25.20 -19.30 0.69
C GLU D 163 25.69 -20.70 0.38
N ALA D 164 27.00 -20.84 0.22
CA ALA D 164 27.57 -22.15 -0.08
C ALA D 164 27.36 -23.08 1.12
N THR D 165 27.01 -22.48 2.24
CA THR D 165 26.78 -23.19 3.48
C THR D 165 25.35 -23.74 3.50
N LEU D 166 24.46 -23.09 2.75
CA LEU D 166 23.07 -23.48 2.70
C LEU D 166 22.81 -24.56 1.66
N ILE D 167 23.34 -25.75 1.92
CA ILE D 167 23.14 -26.91 1.06
C ILE D 167 22.48 -28.00 1.91
N THR D 168 21.68 -28.84 1.28
CA THR D 168 20.95 -29.88 1.99
C THR D 168 21.27 -31.30 1.53
N PRO D 169 22.45 -31.80 1.91
CA PRO D 169 22.79 -33.15 1.49
C PRO D 169 22.00 -34.23 2.22
N ASN D 170 22.20 -35.47 1.79
CA ASN D 170 21.60 -36.66 2.37
C ASN D 170 20.08 -36.83 2.23
N SER D 171 19.52 -36.31 1.14
CA SER D 171 18.09 -36.48 0.92
C SER D 171 17.88 -37.98 0.70
N LYS D 172 16.64 -38.44 0.85
CA LYS D 172 16.37 -39.87 0.68
C LYS D 172 16.84 -40.30 -0.72
N PHE D 173 16.63 -39.43 -1.70
CA PHE D 173 17.03 -39.72 -3.06
C PHE D 173 18.54 -39.89 -3.17
N ASP D 174 19.30 -38.92 -2.66
CA ASP D 174 20.75 -38.99 -2.70
C ASP D 174 21.23 -40.28 -2.05
N GLN D 175 20.63 -40.64 -0.92
CA GLN D 175 20.99 -41.86 -0.21
C GLN D 175 20.84 -43.06 -1.12
N TRP D 176 19.69 -43.14 -1.77
CA TRP D 176 19.39 -44.22 -2.69
C TRP D 176 20.37 -44.19 -3.86
N LEU D 177 20.64 -43.00 -4.37
CA LEU D 177 21.59 -42.85 -5.47
C LEU D 177 22.96 -43.38 -5.05
N MET D 178 23.30 -43.23 -3.77
CA MET D 178 24.58 -43.70 -3.23
C MET D 178 24.55 -45.17 -2.83
N GLY D 179 23.52 -45.91 -3.24
CA GLY D 179 23.48 -47.32 -2.94
C GLY D 179 22.46 -47.87 -1.97
N ALA D 180 21.76 -47.01 -1.24
CA ALA D 180 20.76 -47.50 -0.28
C ALA D 180 19.50 -47.99 -1.00
N ASP D 181 19.55 -49.22 -1.53
CA ASP D 181 18.40 -49.81 -2.25
C ASP D 181 17.10 -49.51 -1.43
N GLY D 182 17.22 -49.43 -0.10
CA GLY D 182 16.05 -49.18 0.71
C GLY D 182 15.75 -47.76 1.16
N ALA D 183 16.53 -46.80 0.68
CA ALA D 183 16.32 -45.40 1.06
C ALA D 183 15.02 -44.85 0.49
N MET D 184 14.57 -45.40 -0.63
CA MET D 184 13.31 -44.96 -1.24
C MET D 184 12.30 -46.11 -1.26
N SER D 185 11.03 -45.76 -1.38
CA SER D 185 9.98 -46.76 -1.41
C SER D 185 9.74 -47.14 -2.85
N ALA D 186 8.97 -48.21 -3.04
CA ALA D 186 8.65 -48.68 -4.37
C ALA D 186 8.02 -47.53 -5.14
N ASP D 187 6.95 -46.97 -4.57
CA ASP D 187 6.25 -45.87 -5.22
C ASP D 187 7.24 -44.77 -5.60
N GLU D 188 8.07 -44.36 -4.66
CA GLU D 188 9.03 -43.28 -4.92
C GLU D 188 9.98 -43.59 -6.06
N LYS D 189 10.31 -44.87 -6.23
CA LYS D 189 11.20 -45.27 -7.31
C LYS D 189 10.42 -45.27 -8.62
N ALA D 190 9.14 -45.63 -8.52
CA ALA D 190 8.28 -45.65 -9.69
C ALA D 190 8.17 -44.21 -10.18
N GLY D 191 8.09 -43.28 -9.23
CA GLY D 191 7.99 -41.87 -9.55
C GLY D 191 9.28 -41.41 -10.18
N LEU D 192 10.40 -42.01 -9.79
CA LEU D 192 11.68 -41.65 -10.37
C LEU D 192 11.71 -42.12 -11.83
N LYS D 193 11.31 -43.36 -12.07
CA LYS D 193 11.30 -43.89 -13.43
C LYS D 193 10.35 -43.07 -14.30
N LEU D 194 9.15 -42.79 -13.79
CA LEU D 194 8.16 -42.00 -14.51
C LEU D 194 8.71 -40.62 -14.81
N PHE D 195 9.31 -40.03 -13.78
CA PHE D 195 9.91 -38.71 -13.90
C PHE D 195 10.88 -38.74 -15.08
N ILE D 196 11.81 -39.68 -15.04
CA ILE D 196 12.79 -39.79 -16.11
C ILE D 196 12.11 -40.09 -17.43
N ASP D 197 11.40 -41.21 -17.47
CA ASP D 197 10.71 -41.66 -18.67
C ASP D 197 9.75 -40.64 -19.30
N THR D 198 8.96 -39.95 -18.47
CA THR D 198 8.01 -38.98 -19.00
C THR D 198 8.65 -37.75 -19.64
N GLY D 199 9.93 -37.53 -19.37
CA GLY D 199 10.60 -36.39 -19.97
C GLY D 199 10.98 -35.26 -19.03
N CYS D 200 10.54 -35.36 -17.78
CA CYS D 200 10.84 -34.34 -16.77
C CYS D 200 12.31 -34.06 -16.63
N ALA D 201 13.08 -35.14 -16.49
CA ALA D 201 14.53 -35.07 -16.31
C ALA D 201 15.24 -34.34 -17.43
N ALA D 202 14.56 -34.18 -18.57
CA ALA D 202 15.15 -33.47 -19.71
C ALA D 202 15.40 -31.99 -19.38
N CYS D 203 14.60 -31.45 -18.47
CA CYS D 203 14.73 -30.04 -18.06
C CYS D 203 15.06 -29.90 -16.60
N HIS D 204 14.58 -30.86 -15.82
CA HIS D 204 14.84 -30.86 -14.39
C HIS D 204 15.88 -31.89 -14.07
N ASN D 205 17.13 -31.60 -14.41
CA ASN D 205 18.23 -32.52 -14.16
C ASN D 205 19.39 -31.83 -13.45
N GLY D 206 20.51 -32.53 -13.36
CA GLY D 206 21.67 -31.95 -12.71
C GLY D 206 21.67 -32.28 -11.24
N ILE D 207 22.62 -31.68 -10.52
CA ILE D 207 22.74 -31.93 -9.11
C ILE D 207 21.50 -31.44 -8.37
N ASN D 208 20.84 -30.42 -8.91
CA ASN D 208 19.63 -29.88 -8.26
C ASN D 208 18.29 -30.32 -8.86
N ILE D 209 18.33 -31.24 -9.82
CA ILE D 209 17.10 -31.69 -10.44
C ILE D 209 16.38 -30.43 -10.95
N GLY D 210 17.12 -29.64 -11.72
CA GLY D 210 16.59 -28.41 -12.27
C GLY D 210 17.57 -27.27 -12.02
N GLY D 211 17.20 -26.06 -12.45
CA GLY D 211 18.05 -24.90 -12.24
C GLY D 211 19.20 -24.82 -13.22
N ASN D 212 19.00 -25.35 -14.42
CA ASN D 212 20.05 -25.32 -15.41
C ASN D 212 19.67 -24.57 -16.67
N GLY D 213 18.42 -24.70 -17.10
CA GLY D 213 17.98 -24.02 -18.30
C GLY D 213 16.61 -23.36 -18.30
N TYR D 214 16.37 -22.55 -19.34
CA TYR D 214 15.10 -21.87 -19.48
C TYR D 214 14.36 -22.42 -20.68
N TYR D 215 13.04 -22.32 -20.65
CA TYR D 215 12.20 -22.82 -21.73
C TYR D 215 11.05 -21.86 -22.00
N PRO D 216 10.58 -21.82 -23.26
CA PRO D 216 9.47 -20.94 -23.67
C PRO D 216 8.10 -21.39 -23.18
N PHE D 217 8.00 -21.72 -21.90
CA PHE D 217 6.73 -22.14 -21.31
C PHE D 217 6.56 -21.55 -19.93
N GLY D 218 5.30 -21.38 -19.53
CA GLY D 218 4.99 -20.83 -18.22
C GLY D 218 3.63 -21.31 -17.80
N VAL D 219 3.43 -21.50 -16.49
CA VAL D 219 2.13 -21.95 -16.02
C VAL D 219 1.32 -20.70 -15.84
N VAL D 220 0.13 -20.72 -16.41
CA VAL D 220 -0.75 -19.58 -16.31
C VAL D 220 -2.05 -20.05 -15.67
N GLU D 221 -2.69 -19.14 -14.94
CA GLU D 221 -3.95 -19.44 -14.27
C GLU D 221 -5.08 -19.34 -15.31
N LYS D 222 -5.90 -20.37 -15.43
CA LYS D 222 -7.00 -20.36 -16.37
C LYS D 222 -8.09 -19.44 -15.85
N PRO D 223 -8.74 -18.67 -16.74
CA PRO D 223 -9.80 -17.75 -16.32
C PRO D 223 -10.99 -18.51 -15.70
N GLY D 234 -7.54 -29.03 -15.19
CA GLY D 234 -6.94 -28.20 -14.15
C GLY D 234 -7.27 -26.72 -14.24
N ARG D 235 -6.82 -25.95 -13.24
CA ARG D 235 -7.05 -24.51 -13.21
C ARG D 235 -5.84 -23.73 -13.73
N PHE D 236 -4.77 -24.45 -14.02
CA PHE D 236 -3.54 -23.86 -14.56
C PHE D 236 -3.12 -24.73 -15.73
N ALA D 237 -2.24 -24.18 -16.58
CA ALA D 237 -1.76 -24.92 -17.73
C ALA D 237 -0.41 -24.42 -18.24
N VAL D 238 0.35 -25.31 -18.86
CA VAL D 238 1.63 -24.97 -19.41
C VAL D 238 1.39 -24.39 -20.79
N THR D 239 1.64 -23.11 -20.92
CA THR D 239 1.46 -22.47 -22.22
C THR D 239 2.80 -22.06 -22.75
N ALA D 240 2.91 -22.02 -24.07
CA ALA D 240 4.15 -21.58 -24.65
C ALA D 240 4.16 -20.09 -24.35
N THR D 241 5.35 -19.52 -24.20
CA THR D 241 5.47 -18.09 -23.93
C THR D 241 5.05 -17.35 -25.21
N ALA D 242 4.78 -16.05 -25.10
CA ALA D 242 4.36 -15.27 -26.27
C ALA D 242 5.35 -15.49 -27.40
N ASP D 243 6.62 -15.55 -27.04
CA ASP D 243 7.70 -15.75 -28.01
C ASP D 243 8.71 -16.72 -27.38
N ASP D 244 9.16 -17.68 -28.18
CA ASP D 244 10.13 -18.66 -27.71
C ASP D 244 11.45 -17.98 -27.33
N GLU D 245 11.55 -16.68 -27.57
CA GLU D 245 12.74 -15.92 -27.21
C GLU D 245 12.60 -15.74 -25.71
N TYR D 246 11.38 -15.48 -25.27
CA TYR D 246 11.10 -15.30 -23.85
C TYR D 246 11.03 -16.67 -23.20
N VAL D 247 11.78 -16.83 -22.12
CA VAL D 247 11.81 -18.13 -21.46
C VAL D 247 11.71 -18.09 -19.96
N PHE D 248 11.23 -19.20 -19.42
CA PHE D 248 11.10 -19.40 -18.00
C PHE D 248 12.04 -20.51 -17.60
N ARG D 249 12.58 -20.39 -16.40
CA ARG D 249 13.51 -21.36 -15.90
C ARG D 249 12.84 -22.62 -15.35
N ALA D 250 13.37 -23.77 -15.75
CA ALA D 250 12.87 -25.04 -15.24
C ALA D 250 13.61 -25.11 -13.90
N GLY D 251 12.94 -24.65 -12.85
CA GLY D 251 13.54 -24.62 -11.51
C GLY D 251 13.97 -25.91 -10.85
N PRO D 252 14.94 -25.83 -9.92
CA PRO D 252 15.44 -27.00 -9.20
C PRO D 252 14.34 -27.55 -8.31
N LEU D 253 14.16 -28.85 -8.33
CA LEU D 253 13.10 -29.45 -7.56
C LEU D 253 13.52 -29.94 -6.17
N ARG D 254 14.78 -29.77 -5.81
CA ARG D 254 15.22 -30.22 -4.51
C ARG D 254 14.53 -29.44 -3.42
N ASN D 255 14.14 -30.14 -2.35
CA ASN D 255 13.44 -29.54 -1.20
C ASN D 255 12.09 -28.93 -1.58
N ILE D 256 11.63 -29.19 -2.79
CA ILE D 256 10.37 -28.62 -3.25
C ILE D 256 9.22 -28.88 -2.27
N ALA D 257 9.29 -29.98 -1.54
CA ALA D 257 8.27 -30.32 -0.58
C ALA D 257 8.14 -29.21 0.47
N LEU D 258 9.19 -28.41 0.58
CA LEU D 258 9.22 -27.33 1.56
C LEU D 258 9.06 -25.96 0.95
N THR D 259 9.09 -25.88 -0.38
CA THR D 259 9.02 -24.56 -1.01
C THR D 259 7.72 -24.10 -1.68
N ALA D 260 6.58 -24.49 -1.11
CA ALA D 260 5.29 -24.06 -1.66
C ALA D 260 5.15 -22.56 -1.42
N PRO D 261 4.37 -21.86 -2.26
CA PRO D 261 3.58 -22.33 -3.40
C PRO D 261 4.53 -22.57 -4.59
N TYR D 262 3.99 -23.06 -5.70
CA TYR D 262 4.84 -23.36 -6.86
C TYR D 262 4.64 -22.54 -8.15
N PHE D 263 5.63 -22.65 -9.04
CA PHE D 263 5.65 -21.92 -10.32
C PHE D 263 5.98 -20.45 -10.07
N HIS D 264 6.44 -19.75 -11.11
CA HIS D 264 6.81 -18.33 -10.98
C HIS D 264 5.76 -17.43 -10.33
N SER D 265 4.48 -17.75 -10.52
CA SER D 265 3.41 -16.95 -9.94
C SER D 265 3.13 -17.35 -8.51
N GLY D 266 3.51 -18.57 -8.16
CA GLY D 266 3.27 -19.07 -6.82
C GLY D 266 1.79 -19.23 -6.55
N LYS D 267 1.03 -19.55 -7.59
CA LYS D 267 -0.41 -19.71 -7.45
C LYS D 267 -0.88 -21.12 -7.15
N VAL D 268 -0.04 -22.11 -7.40
CA VAL D 268 -0.41 -23.50 -7.08
C VAL D 268 0.25 -23.82 -5.74
N TRP D 269 -0.56 -24.17 -4.76
CA TRP D 269 -0.03 -24.49 -3.43
C TRP D 269 0.25 -25.96 -3.19
N ASP D 270 -0.52 -26.82 -3.84
CA ASP D 270 -0.37 -28.27 -3.71
C ASP D 270 0.70 -28.79 -4.66
N LEU D 271 1.67 -29.51 -4.11
CA LEU D 271 2.74 -30.08 -4.93
C LEU D 271 2.16 -31.05 -5.96
N ARG D 272 1.29 -31.93 -5.49
CA ARG D 272 0.65 -32.92 -6.34
C ARG D 272 0.04 -32.26 -7.57
N GLU D 273 -0.58 -31.09 -7.37
CA GLU D 273 -1.21 -30.38 -8.48
C GLU D 273 -0.15 -29.84 -9.43
N ALA D 274 0.94 -29.30 -8.88
CA ALA D 274 2.04 -28.76 -9.69
C ALA D 274 2.58 -29.85 -10.60
N VAL D 275 2.75 -31.05 -10.04
CA VAL D 275 3.24 -32.18 -10.81
C VAL D 275 2.21 -32.45 -11.89
N SER D 276 0.95 -32.41 -11.49
CA SER D 276 -0.15 -32.66 -12.40
C SER D 276 -0.28 -31.65 -13.55
N VAL D 277 -0.29 -30.36 -13.25
CA VAL D 277 -0.43 -29.36 -14.33
C VAL D 277 0.72 -29.47 -15.30
N MET D 278 1.85 -29.99 -14.81
CA MET D 278 3.02 -30.13 -15.66
C MET D 278 3.01 -31.45 -16.43
N ALA D 279 2.57 -32.50 -15.77
CA ALA D 279 2.51 -33.82 -16.40
C ALA D 279 1.54 -33.76 -17.56
N ASN D 280 0.35 -33.26 -17.26
CA ASN D 280 -0.69 -33.16 -18.26
C ASN D 280 -0.52 -31.89 -19.07
N SER D 281 0.57 -31.88 -19.85
CA SER D 281 0.92 -30.77 -20.71
C SER D 281 1.84 -31.33 -21.79
N GLN D 282 2.16 -30.50 -22.77
CA GLN D 282 3.03 -30.92 -23.86
C GLN D 282 4.42 -31.26 -23.36
N LEU D 283 4.75 -30.76 -22.17
CA LEU D 283 6.05 -31.02 -21.60
C LEU D 283 6.10 -32.40 -21.00
N GLY D 284 4.94 -32.89 -20.60
CA GLY D 284 4.91 -34.20 -19.97
C GLY D 284 4.38 -35.27 -20.88
N ALA D 285 3.44 -36.03 -20.32
CA ALA D 285 2.81 -37.11 -21.03
C ALA D 285 1.58 -37.48 -20.24
N THR D 286 0.82 -38.39 -20.80
CA THR D 286 -0.39 -38.82 -20.13
C THR D 286 -0.05 -39.68 -18.94
N LEU D 287 -0.39 -39.16 -17.78
CA LEU D 287 -0.16 -39.85 -16.55
C LEU D 287 -1.48 -39.91 -15.84
N ASP D 288 -1.75 -41.08 -15.26
CA ASP D 288 -2.97 -41.22 -14.52
C ASP D 288 -2.67 -40.82 -13.10
N ASP D 289 -3.71 -40.99 -12.31
CA ASP D 289 -3.66 -40.64 -10.93
C ASP D 289 -2.49 -41.23 -10.12
N THR D 290 -2.31 -42.54 -10.17
CA THR D 290 -1.22 -43.23 -9.49
C THR D 290 0.13 -42.71 -10.00
N GLN D 291 0.28 -42.64 -11.31
CA GLN D 291 1.53 -42.15 -11.89
C GLN D 291 1.88 -40.77 -11.38
N VAL D 292 0.91 -39.86 -11.39
CA VAL D 292 1.15 -38.52 -10.90
C VAL D 292 1.53 -38.62 -9.43
N ASP D 293 0.75 -39.37 -8.66
CA ASP D 293 1.02 -39.54 -7.23
C ASP D 293 2.44 -39.99 -6.95
N GLN D 294 2.93 -40.88 -7.81
CA GLN D 294 4.26 -41.46 -7.67
C GLN D 294 5.35 -40.45 -8.00
N ILE D 295 5.13 -39.64 -9.02
CA ILE D 295 6.14 -38.65 -9.35
C ILE D 295 6.23 -37.67 -8.18
N THR D 296 5.09 -37.23 -7.67
CA THR D 296 5.08 -36.30 -6.56
C THR D 296 5.66 -36.98 -5.32
N ALA D 297 5.49 -38.29 -5.23
CA ALA D 297 6.03 -39.05 -4.12
C ALA D 297 7.56 -39.03 -4.25
N PHE D 298 8.04 -39.13 -5.48
CA PHE D 298 9.47 -39.11 -5.74
C PHE D 298 10.00 -37.74 -5.37
N LEU D 299 9.28 -36.69 -5.76
CA LEU D 299 9.72 -35.35 -5.46
C LEU D 299 9.93 -35.10 -3.96
N GLY D 300 9.09 -35.70 -3.12
CA GLY D 300 9.25 -35.51 -1.69
C GLY D 300 10.56 -36.15 -1.24
N THR D 301 11.09 -37.00 -2.10
CA THR D 301 12.32 -37.72 -1.85
C THR D 301 13.56 -36.80 -2.00
N LEU D 302 13.34 -35.58 -2.45
CA LEU D 302 14.42 -34.62 -2.68
C LEU D 302 14.66 -33.64 -1.53
N THR D 303 13.99 -33.86 -0.41
CA THR D 303 14.17 -33.00 0.76
C THR D 303 15.40 -33.51 1.50
N GLY D 304 16.41 -32.65 1.64
CA GLY D 304 17.64 -33.05 2.31
C GLY D 304 17.76 -32.44 3.69
N GLU D 305 18.81 -32.83 4.42
CA GLU D 305 19.02 -32.33 5.77
C GLU D 305 19.23 -30.80 5.74
N GLN D 306 18.31 -30.08 6.37
CA GLN D 306 18.36 -28.62 6.43
C GLN D 306 19.56 -28.13 7.23
N PRO D 307 20.18 -27.03 6.79
CA PRO D 307 21.34 -26.48 7.51
C PRO D 307 20.90 -25.90 8.87
N GLU D 308 21.65 -26.22 9.91
CA GLU D 308 21.36 -25.71 11.24
C GLU D 308 22.08 -24.38 11.23
N VAL D 309 21.33 -23.29 11.27
CA VAL D 309 21.97 -21.98 11.24
C VAL D 309 21.69 -21.14 12.48
N VAL D 310 22.75 -20.66 13.12
CA VAL D 310 22.62 -19.82 14.30
C VAL D 310 22.36 -18.40 13.79
N HIS D 311 21.34 -17.74 14.32
CA HIS D 311 21.07 -16.39 13.87
C HIS D 311 22.23 -15.52 14.31
N PRO D 312 22.97 -14.94 13.35
CA PRO D 312 24.11 -14.09 13.73
C PRO D 312 23.70 -12.81 14.50
N ILE D 313 24.63 -12.33 15.32
CA ILE D 313 24.43 -11.10 16.08
C ILE D 313 24.94 -9.99 15.16
N LEU D 314 24.02 -9.22 14.60
CA LEU D 314 24.36 -8.14 13.68
C LEU D 314 25.10 -6.98 14.35
N PRO D 315 26.07 -6.40 13.66
CA PRO D 315 26.83 -5.29 14.24
C PRO D 315 25.95 -4.06 14.46
N VAL D 316 26.27 -3.30 15.51
CA VAL D 316 25.51 -2.11 15.85
C VAL D 316 25.71 -0.99 14.82
N ARG D 317 24.65 -0.20 14.60
CA ARG D 317 24.68 0.91 13.66
C ARG D 317 25.35 2.12 14.28
N SER D 318 25.75 3.06 13.43
CA SER D 318 26.41 4.28 13.87
C SER D 318 25.67 5.45 13.27
N ALA D 319 26.05 6.65 13.67
CA ALA D 319 25.44 7.86 13.17
C ALA D 319 25.57 7.98 11.65
N GLN D 320 26.59 7.34 11.09
CA GLN D 320 26.82 7.39 9.64
C GLN D 320 26.01 6.35 8.88
N THR D 321 25.38 5.43 9.62
CA THR D 321 24.59 4.37 9.00
C THR D 321 23.34 4.98 8.39
N PRO D 322 23.14 4.78 7.08
CA PRO D 322 21.96 5.32 6.39
C PRO D 322 20.70 4.88 7.11
N ARG D 323 19.76 5.80 7.29
CA ARG D 323 18.53 5.45 7.99
C ARG D 323 17.58 4.74 7.05
N PRO D 324 16.67 3.93 7.61
CA PRO D 324 15.68 3.18 6.83
C PRO D 324 14.75 4.05 6.03
N GLU D 325 14.17 3.46 4.99
CA GLU D 325 13.26 4.10 4.03
C GLU D 325 12.06 4.91 4.55
N HIS D 326 10.86 4.08 4.58
CA HIS D 326 9.71 4.79 5.20
C HIS D 326 8.58 5.16 4.20
CA CA E . 13.55 1.63 20.26
ZN ZN F . 3.07 9.77 18.86
ZN ZN G . 29.10 16.22 24.78
FE HEC H . 5.61 -7.87 19.17
CHA HEC H . 5.64 -5.55 21.64
CHB HEC H . 5.80 -10.35 21.43
CHC HEC H . 5.21 -10.14 16.70
CHD HEC H . 5.40 -5.39 16.84
NA HEC H . 5.77 -7.94 21.11
C1A HEC H . 5.79 -6.89 22.01
C2A HEC H . 5.98 -7.40 23.40
C3A HEC H . 6.03 -8.74 23.30
C4A HEC H . 5.87 -9.08 21.90
CMA HEC H . 6.19 -9.72 24.48
CAA HEC H . 6.09 -6.64 24.71
CBA HEC H . 7.49 -6.04 24.86
CGA HEC H . 7.79 -5.51 26.27
O1A HEC H . 6.97 -5.66 27.21
O2A HEC H . 8.90 -4.96 26.44
NB HEC H . 5.54 -9.81 19.09
C1B HEC H . 5.62 -10.72 20.14
C2B HEC H . 5.42 -12.09 19.73
C3B HEC H . 5.16 -12.00 18.37
C4B HEC H . 5.31 -10.61 17.98
CMB HEC H . 5.45 -13.33 20.64
CAB HEC H . 4.79 -13.14 17.43
CBB HEC H . 3.46 -13.83 17.75
NC HEC H . 5.43 -7.77 17.20
C1C HEC H . 5.30 -8.82 16.31
C2C HEC H . 5.22 -8.38 14.93
C3C HEC H . 5.28 -7.01 14.98
C4C HEC H . 5.39 -6.67 16.39
CMC HEC H . 5.09 -9.34 13.72
CAC HEC H . 5.23 -5.96 13.84
CBC HEC H . 4.64 -6.28 12.47
ND HEC H . 5.52 -5.89 19.21
C1D HEC H . 5.42 -5.01 18.16
C2D HEC H . 5.27 -3.62 18.56
C3D HEC H . 5.29 -3.66 19.95
C4D HEC H . 5.50 -5.07 20.32
CMD HEC H . 5.11 -2.41 17.62
CAD HEC H . 5.09 -2.48 20.92
CBD HEC H . 3.84 -1.60 20.64
CGD HEC H . 2.86 -1.39 21.78
O1D HEC H . 2.00 -0.51 21.65
O2D HEC H . 2.93 -2.09 22.82
FE HEC I . 12.46 8.38 30.52
CHA HEC I . 11.41 6.97 27.64
CHB HEC I . 15.63 8.26 29.44
CHC HEC I . 13.38 10.10 33.27
CHD HEC I . 9.20 8.58 31.53
NA HEC I . 13.34 7.70 28.92
C1A HEC I . 12.77 7.12 27.81
C2A HEC I . 13.77 6.71 26.84
C3A HEC I . 14.96 7.08 27.35
C4A HEC I . 14.68 7.71 28.64
CMA HEC I . 16.34 6.90 26.70
CAA HEC I . 13.49 6.01 25.49
CBA HEC I . 13.64 4.49 25.64
CGA HEC I . 13.41 3.67 24.36
O1A HEC I . 13.11 4.22 23.28
O2A HEC I . 13.54 2.44 24.44
NB HEC I . 14.14 9.03 31.20
C1B HEC I . 15.41 8.89 30.63
C2B HEC I . 16.45 9.56 31.37
C3B HEC I . 15.78 10.16 32.44
C4B HEC I . 14.38 9.76 32.35
CMB HEC I . 17.95 9.62 30.98
CAB HEC I . 16.40 11.07 33.50
CBB HEC I . 16.96 12.40 33.00
NC HEC I . 11.50 9.11 32.09
C1C HEC I . 12.03 9.78 33.17
C2C HEC I . 11.01 10.13 34.16
C3C HEC I . 9.85 9.69 33.64
C4C HEC I . 10.15 9.08 32.36
CMC HEC I . 11.28 10.85 35.49
CAC HEC I . 8.42 9.81 34.25
CBC HEC I . 7.87 11.18 34.62
ND HEC I . 10.67 7.90 29.76
C1D HEC I . 9.43 8.04 30.31
C2D HEC I . 8.36 7.63 29.42
C3D HEC I . 9.00 7.20 28.29
C4D HEC I . 10.42 7.34 28.55
CMD HEC I . 6.85 7.68 29.72
CAD HEC I . 8.36 6.68 26.99
CBD HEC I . 7.49 7.72 26.25
CGD HEC I . 7.84 7.98 24.79
O1D HEC I . 8.49 7.14 24.14
O2D HEC I . 7.43 9.04 24.25
CA CA J . -8.52 21.56 5.09
ZN ZN K . 2.64 17.84 11.20
ZN ZN L . -2.23 26.61 -10.06
ZN ZN M . 18.19 28.98 14.16
ZN ZN N . -21.17 27.32 22.81
FE HEC O . -2.82 20.19 -5.52
CHA HEC O . -1.99 22.38 -3.11
CHB HEC O . -3.09 22.69 -7.76
CHC HEC O . -3.31 17.94 -8.00
CHD HEC O . -2.58 17.64 -3.31
NA HEC O . -2.65 22.13 -5.44
C1A HEC O . -2.32 22.91 -4.36
C2A HEC O . -2.36 24.35 -4.71
C3A HEC O . -2.69 24.40 -6.00
C4A HEC O . -2.83 23.03 -6.47
CMA HEC O . -2.86 25.69 -6.83
CAA HEC O . -2.10 25.57 -3.83
CBA HEC O . -3.31 25.85 -2.96
CGA HEC O . -3.30 27.19 -2.25
O1A HEC O . -2.36 28.01 -2.47
O2A HEC O . -4.25 27.45 -1.48
NB HEC O . -3.14 20.30 -7.45
C1B HEC O . -3.21 21.43 -8.25
C2B HEC O . -3.35 21.15 -9.64
C3B HEC O . -3.32 19.77 -9.70
C4B HEC O . -3.27 19.27 -8.34
CMB HEC O . -3.44 22.18 -10.79
CAB HEC O . -3.34 18.92 -10.97
CBB HEC O . -2.11 19.09 -11.86
NC HEC O . -2.98 18.22 -5.62
C1C HEC O . -3.21 17.44 -6.73
C2C HEC O . -3.30 16.03 -6.41
C3C HEC O . -3.09 15.95 -5.05
C4C HEC O . -2.88 17.31 -4.60
CMC HEC O . -3.55 14.91 -7.45
CAC HEC O . -3.08 14.72 -4.09
CBC HEC O . -2.80 13.31 -4.60
ND HEC O . -2.36 20.02 -3.63
C1D HEC O . -2.29 18.88 -2.86
C2D HEC O . -1.82 19.13 -1.50
C3D HEC O . -1.60 20.49 -1.46
C4D HEC O . -2.00 21.02 -2.76
CMD HEC O . -1.61 18.06 -0.42
CAD HEC O . -1.01 21.32 -0.27
CBD HEC O . 0.30 20.77 0.33
CGD HEC O . 1.49 21.71 0.44
O1D HEC O . 2.49 21.33 1.10
O2D HEC O . 1.46 22.84 -0.12
FE HEC P . -4.45 30.75 12.57
CHA HEC P . -4.22 27.91 10.76
CHB HEC P . -7.75 30.21 12.99
CHC HEC P . -4.58 33.46 14.57
CHD HEC P . -1.11 31.25 12.12
NA HEC P . -5.72 29.39 11.96
C1A HEC P . -5.47 28.27 11.19
C2A HEC P . -6.70 27.51 10.91
C3A HEC P . -7.69 28.17 11.55
C4A HEC P . -7.07 29.32 12.20
CMA HEC P . -9.17 27.77 11.59
CAA HEC P . -6.80 26.22 10.07
CBA HEC P . -7.18 26.55 8.62
CGA HEC P . -7.31 25.34 7.69
O1A HEC P . -7.12 24.18 8.13
O2A HEC P . -7.63 25.57 6.50
NB HEC P . -5.86 31.64 13.56
C1B HEC P . -7.20 31.29 13.65
C2B HEC P . -7.96 32.12 14.54
C3B HEC P . -7.01 33.01 15.06
C4B HEC P . -5.75 32.74 14.38
CMB HEC P . -9.46 31.97 14.87
CAB HEC P . -7.27 34.06 16.13
CBB HEC P . -7.62 33.51 17.50
NC HEC P . -3.14 32.10 13.16
C1C HEC P . -3.36 33.18 13.98
C2C HEC P . -2.16 33.98 14.17
C3C HEC P . -1.19 33.34 13.47
C4C HEC P . -1.80 32.17 12.88
CMC HEC P . -2.07 35.26 15.00
CAC HEC P . 0.30 33.72 13.37
CBC HEC P . 1.15 33.80 14.63
ND HEC P . -2.97 29.79 11.67
C1D HEC P . -1.63 30.12 11.58
C2D HEC P . -0.84 29.12 10.87
C3D HEC P . -1.74 28.15 10.53
C4D HEC P . -3.04 28.60 10.98
CMD HEC P . 0.68 29.17 10.63
CAD HEC P . -1.47 26.83 9.82
CBD HEC P . -0.58 25.89 10.64
CGD HEC P . -1.11 24.49 10.85
O1D HEC P . -1.99 24.02 10.10
O2D HEC P . -0.57 23.81 11.77
CA CA Q . -12.57 -0.96 -20.66
ZN ZN R . -7.50 -12.85 -15.79
FE HEC S . -18.29 0.29 -10.07
CHA HEC S . -18.79 -2.21 -12.30
CHB HEC S . -21.56 1.10 -10.24
CHC HEC S . -17.83 2.56 -7.63
CHD HEC S . -15.00 -0.50 -9.92
NA HEC S . -19.82 -0.36 -11.10
C1A HEC S . -19.88 -1.39 -12.01
C2A HEC S . -21.24 -1.51 -12.59
C3A HEC S . -21.98 -0.58 -12.00
C4A HEC S . -21.13 0.12 -11.06
CMA HEC S . -23.47 -0.31 -12.25
CAA HEC S . -21.78 -2.48 -13.64
CBA HEC S . -21.37 -2.05 -15.04
CGA HEC S . -22.07 -2.82 -16.16
O1A HEC S . -22.96 -3.66 -15.88
O2A HEC S . -21.73 -2.56 -17.35
NB HEC S . -19.44 1.55 -9.14
C1B HEC S . -20.81 1.77 -9.31
C2B HEC S . -21.37 2.72 -8.39
C3B HEC S . -20.30 3.08 -7.58
C4B HEC S . -19.12 2.40 -8.11
CMB HEC S . -22.85 3.18 -8.31
CAB HEC S . -20.35 4.00 -6.39
CBB HEC S . -21.15 3.48 -5.20
NC HEC S . -16.73 0.95 -9.05
C1C HEC S . -16.71 1.91 -8.09
C2C HEC S . -15.36 2.15 -7.58
C3C HEC S . -14.57 1.27 -8.25
C4C HEC S . -15.44 0.53 -9.14
CMC HEC S . -15.02 3.18 -6.50
CAC HEC S . -13.03 1.04 -8.16
CBC HEC S . -12.22 1.46 -6.92
ND HEC S . -17.12 -1.07 -10.90
C1D HEC S . -15.78 -1.27 -10.71
C2D HEC S . -15.27 -2.44 -11.41
C3D HEC S . -16.36 -2.97 -12.06
C4D HEC S . -17.49 -2.07 -11.78
CMD HEC S . -13.81 -2.94 -11.38
CAD HEC S . -16.42 -4.27 -12.89
CBD HEC S . -15.84 -5.50 -12.16
CGD HEC S . -16.72 -6.72 -12.01
O1D HEC S . -16.17 -7.81 -11.67
O2D HEC S . -17.95 -6.65 -12.24
FE HEC T . -16.24 -10.83 -27.74
CHA HEC T . -14.99 -9.35 -24.99
CHB HEC T . -15.08 -8.30 -29.63
CHC HEC T . -17.23 -12.51 -30.52
CHD HEC T . -17.38 -13.38 -25.82
NA HEC T . -15.30 -9.16 -27.39
C1A HEC T . -14.86 -8.67 -26.18
C2A HEC T . -14.24 -7.35 -26.32
C3A HEC T . -14.28 -7.06 -27.64
C4A HEC T . -14.91 -8.20 -28.29
CMA HEC T . -13.73 -5.79 -28.31
CAA HEC T . -13.67 -6.50 -25.17
CBA HEC T . -14.71 -5.49 -24.68
CGA HEC T . -14.24 -4.57 -23.54
O1A HEC T . -13.10 -4.68 -23.08
O2A HEC T . -15.04 -3.71 -23.12
NB HEC T . -16.18 -10.47 -29.65
C1B HEC T . -15.65 -9.36 -30.30
C2B HEC T . -15.69 -9.45 -31.74
C3B HEC T . -16.23 -10.71 -31.98
C4B HEC T . -16.59 -11.29 -30.69
CMB HEC T . -15.17 -8.38 -32.74
CAB HEC T . -16.42 -11.35 -33.35
CBB HEC T . -15.11 -11.68 -34.10
NC HEC T . -17.17 -12.55 -28.08
C1C HEC T . -17.53 -13.09 -29.29
C2C HEC T . -18.24 -14.37 -29.14
C3C HEC T . -18.26 -14.60 -27.80
C4C HEC T . -17.59 -13.47 -27.17
CMC HEC T . -18.80 -15.24 -30.28
CAC HEC T . -18.83 -15.83 -27.05
CBC HEC T . -18.34 -17.22 -27.41
ND HEC T . -16.19 -11.30 -25.82
C1D HEC T . -16.70 -12.39 -25.18
C2D HEC T . -16.40 -12.40 -23.76
C3D HEC T . -15.69 -11.27 -23.55
C4D HEC T . -15.60 -10.58 -24.81
CMD HEC T . -16.80 -13.50 -22.76
CAD HEC T . -15.06 -10.76 -22.25
CBD HEC T . -13.96 -11.69 -21.69
CGD HEC T . -12.62 -11.04 -21.37
O1D HEC T . -12.54 -9.81 -21.20
O2D HEC T . -11.61 -11.79 -21.24
CA CA U . 8.09 -21.77 -4.17
ZN ZN V . 2.62 -15.17 -14.85
FE HEC W . 16.53 -13.21 -3.32
CHA HEC W . 16.11 -15.17 -6.03
CHB HEC W . 19.75 -14.16 -3.10
CHC HEC W . 17.02 -10.96 -0.86
CHD HEC W . 13.31 -12.23 -3.51
NA HEC W . 17.67 -14.45 -4.31
C1A HEC W . 17.35 -15.22 -5.41
C2A HEC W . 18.51 -16.06 -5.82
C3A HEC W . 19.50 -15.76 -4.97
C4A HEC W . 19.00 -14.75 -4.06
CMA HEC W . 20.91 -16.38 -4.98
CAA HEC W . 18.63 -17.09 -6.95
CBA HEC W . 17.92 -18.39 -6.55
CGA HEC W . 18.18 -19.57 -7.49
O1A HEC W . 18.97 -19.45 -8.45
O2A HEC W . 17.59 -20.65 -7.23
NB HEC W . 18.05 -12.70 -2.22
C1B HEC W . 19.35 -13.18 -2.25
C2B HEC W . 20.25 -12.51 -1.37
C3B HEC W . 19.47 -11.53 -0.78
C4B HEC W . 18.12 -11.71 -1.27
CMB HEC W . 21.75 -12.81 -1.18
CAB HEC W . 19.96 -10.46 0.17
CBB HEC W . 20.94 -9.46 -0.44
NC HEC W . 15.39 -11.93 -2.34
C1C HEC W . 15.74 -11.09 -1.34
C2C HEC W . 14.62 -10.31 -0.83
C3C HEC W . 13.56 -10.69 -1.61
C4C HEC W . 14.07 -11.67 -2.54
CMC HEC W . 14.72 -9.29 0.32
CAC HEC W . 12.07 -10.22 -1.57
CBC HEC W . 11.65 -8.93 -0.90
ND HEC W . 15.02 -13.59 -4.52
C1D HEC W . 13.74 -13.08 -4.47
C2D HEC W . 12.92 -13.51 -5.57
C3D HEC W . 13.73 -14.31 -6.33
C4D HEC W . 15.01 -14.40 -5.63
CMD HEC W . 11.44 -13.08 -5.81
CAD HEC W . 13.39 -14.97 -7.70
CBD HEC W . 12.79 -14.02 -8.77
CGD HEC W . 13.46 -13.96 -10.14
O1D HEC W . 12.85 -13.39 -11.09
O2D HEC W . 14.60 -14.46 -10.31
FE HEC X . 8.72 -28.66 -15.06
CHA HEC X . 8.40 -25.88 -13.21
CHB HEC X . 7.53 -30.50 -12.50
CHC HEC X . 8.75 -31.38 -17.06
CHD HEC X . 9.85 -26.77 -17.65
NA HEC X . 8.15 -28.29 -13.23
C1A HEC X . 8.10 -27.07 -12.60
C2A HEC X . 7.66 -27.21 -11.22
C3A HEC X . 7.42 -28.52 -11.04
C4A HEC X . 7.72 -29.18 -12.29
CMA HEC X . 6.92 -29.17 -9.76
CAA HEC X . 7.50 -26.06 -10.21
CBA HEC X . 8.76 -25.92 -9.35
CGA HEC X . 8.70 -24.81 -8.30
O1A HEC X . 7.69 -24.08 -8.18
O2A HEC X . 9.69 -24.68 -7.54
NB HEC X . 8.26 -30.53 -14.82
C1B HEC X . 7.76 -31.17 -13.69
C2B HEC X . 7.44 -32.55 -13.89
C3B HEC X . 7.72 -32.77 -15.23
C4B HEC X . 8.28 -31.54 -15.76
CMB HEC X . 6.85 -33.51 -12.83
CAB HEC X . 7.47 -34.07 -16.02
CBB HEC X . 6.00 -34.50 -16.15
NC HEC X . 9.25 -29.01 -16.93
C1C HEC X . 9.23 -30.21 -17.60
C2C HEC X . 9.75 -30.08 -18.96
C3C HEC X . 10.05 -28.76 -19.11
C4C HEC X . 9.73 -28.12 -17.86
CMC HEC X . 9.89 -31.23 -19.97
CAC HEC X . 10.55 -28.04 -20.38
CBC HEC X . 9.78 -28.12 -21.68
ND HEC X . 9.04 -26.74 -15.38
C1D HEC X . 9.51 -26.13 -16.52
C2D HEC X . 9.54 -24.67 -16.39
C3D HEC X . 9.09 -24.42 -15.13
C4D HEC X . 8.83 -25.71 -14.52
CMD HEC X . 9.97 -23.67 -17.48
CAD HEC X . 8.87 -23.07 -14.46
CBD HEC X . 7.79 -22.21 -15.14
CGD HEC X . 6.67 -21.69 -14.24
O1D HEC X . 6.84 -21.65 -13.01
O2D HEC X . 5.61 -21.28 -14.77
#